data_6PTE
#
_entry.id   6PTE
#
_cell.length_a   58.429
_cell.length_b   84.106
_cell.length_c   85.363
_cell.angle_alpha   90.010
_cell.angle_beta   90.060
_cell.angle_gamma   90.020
#
_symmetry.space_group_name_H-M   'P 1'
#
loop_
_entity.id
_entity.type
_entity.pdbx_description
1 polymer 'HLA class I histocompatibility antigen, A-2 alpha chain'
2 polymer Beta-2-microglobulin
3 polymer 'HAUS augmin-like complex subunit 3'
4 non-polymer GLYCEROL
5 non-polymer 'SODIUM ION'
6 water water
#
loop_
_entity_poly.entity_id
_entity_poly.type
_entity_poly.pdbx_seq_one_letter_code
_entity_poly.pdbx_strand_id
1 'polypeptide(L)'
;GSHSMRYFFTSVSRPGRGEPRFIAVGYVDDTQFVRFDSDAASQRMEPRAPWIEQEGPEYWDGETRKVKAHSQTHRVDLGT
LRGYYNQSEAGSHTVQRMYGCDVGSDWRFLRGYHQYAYDGKDYIALKEDLRSWTAADMAAQTTKHKWEAAHVAEQLRAYL
EGTCVEWLRRYLENGKETLQRTDAPKTHMTHHAVSDHEATLRCWALSFYPAEITLTWQRDGEDQTQDTELVETRPAGDGT
FQKWAAVVVPSGQEQRYTCHVQHEGLPKPLTLRWE
;
A,E,H,K
2 'polypeptide(L)'
;MIQRTPKIQVYSRHPAENGKSNFLNCYVSGFHPSDIEVDLLKNGERIEKVEHSDLSFSKDWSFYLLYYTEFTPTEKDEYA
CRVNHVTLSQPKIVKWDRDM
;
B,F,I,L
3 'polypeptide(L)' ILNAMITKI C,D,G,J
#
# COMPACT_ATOMS: atom_id res chain seq x y z
N GLY A 1 29.36 -32.89 16.04
CA GLY A 1 28.39 -33.25 17.05
C GLY A 1 26.96 -33.27 16.53
N SER A 2 26.02 -32.87 17.37
CA SER A 2 24.62 -32.83 16.97
C SER A 2 24.34 -31.57 16.17
N HIS A 3 23.21 -31.59 15.45
CA HIS A 3 22.82 -30.48 14.60
C HIS A 3 21.33 -30.22 14.71
N SER A 4 20.91 -29.02 14.30
CA SER A 4 19.53 -28.61 14.39
C SER A 4 19.18 -27.75 13.19
N MET A 5 17.91 -27.81 12.79
CA MET A 5 17.31 -26.84 11.89
C MET A 5 16.13 -26.21 12.61
N ARG A 6 16.07 -24.89 12.64
CA ARG A 6 15.01 -24.21 13.37
C ARG A 6 14.54 -23.01 12.55
N TYR A 7 13.22 -22.82 12.54
CA TYR A 7 12.61 -21.64 11.95
C TYR A 7 12.01 -20.81 13.06
N PHE A 8 12.22 -19.50 12.99
CA PHE A 8 11.74 -18.56 13.99
C PHE A 8 10.82 -17.56 13.31
N PHE A 9 9.64 -17.36 13.88
CA PHE A 9 8.63 -16.48 13.29
C PHE A 9 8.20 -15.45 14.33
N THR A 10 8.23 -14.18 13.96
CA THR A 10 7.80 -13.10 14.83
C THR A 10 6.68 -12.32 14.15
N SER A 11 5.57 -12.16 14.86
CA SER A 11 4.37 -11.50 14.34
C SER A 11 3.96 -10.43 15.34
N VAL A 12 3.81 -9.19 14.86
CA VAL A 12 3.57 -8.05 15.74
C VAL A 12 2.42 -7.22 15.16
N SER A 13 1.36 -7.06 15.95
CA SER A 13 0.29 -6.18 15.52
C SER A 13 0.71 -4.72 15.66
N ARG A 14 0.18 -3.89 14.77
CA ARG A 14 0.54 -2.47 14.69
C ARG A 14 -0.75 -1.66 14.62
N PRO A 15 -1.35 -1.36 15.77
CA PRO A 15 -2.67 -0.72 15.78
C PRO A 15 -2.65 0.62 15.05
N GLY A 16 -3.59 0.78 14.12
CA GLY A 16 -3.72 2.00 13.35
C GLY A 16 -2.67 2.21 12.28
N ARG A 17 -1.74 1.28 12.10
CA ARG A 17 -0.72 1.42 11.07
C ARG A 17 -0.79 0.26 10.07
N GLY A 18 -1.98 -0.28 9.84
CA GLY A 18 -2.17 -1.29 8.82
C GLY A 18 -1.74 -2.70 9.16
N GLU A 19 -1.10 -3.37 8.20
CA GLU A 19 -0.80 -4.79 8.34
C GLU A 19 0.23 -5.05 9.45
N PRO A 20 0.15 -6.21 10.10
CA PRO A 20 1.14 -6.53 11.13
C PRO A 20 2.49 -6.85 10.53
N ARG A 21 3.52 -6.70 11.37
CA ARG A 21 4.87 -7.08 10.99
C ARG A 21 5.01 -8.59 11.05
N PHE A 22 5.72 -9.15 10.07
CA PHE A 22 5.99 -10.59 10.04
C PHE A 22 7.42 -10.82 9.59
N ILE A 23 8.22 -11.46 10.44
CA ILE A 23 9.61 -11.80 10.13
C ILE A 23 9.81 -13.28 10.35
N ALA A 24 10.37 -13.96 9.36
CA ALA A 24 10.74 -15.36 9.48
C ALA A 24 12.23 -15.51 9.20
N VAL A 25 12.89 -16.32 10.02
CA VAL A 25 14.30 -16.63 9.80
C VAL A 25 14.47 -18.13 10.01
N GLY A 26 15.36 -18.73 9.22
CA GLY A 26 15.70 -20.14 9.36
C GLY A 26 17.17 -20.29 9.71
N TYR A 27 17.47 -21.25 10.58
CA TYR A 27 18.82 -21.51 11.03
C TYR A 27 19.14 -22.99 10.86
N VAL A 28 20.39 -23.27 10.52
CA VAL A 28 21.00 -24.57 10.76
C VAL A 28 22.05 -24.35 11.83
N ASP A 29 21.86 -24.99 12.99
CA ASP A 29 22.67 -24.71 14.16
C ASP A 29 22.69 -23.20 14.44
N ASP A 30 23.87 -22.61 14.50
CA ASP A 30 23.99 -21.17 14.76
C ASP A 30 24.22 -20.35 13.50
N THR A 31 23.87 -20.89 12.33
CA THR A 31 24.07 -20.20 11.05
C THR A 31 22.72 -19.94 10.40
N GLN A 32 22.37 -18.66 10.26
CA GLN A 32 21.14 -18.30 9.57
C GLN A 32 21.30 -18.54 8.08
N PHE A 33 20.22 -18.97 7.42
CA PHE A 33 20.32 -19.21 5.98
C PHE A 33 19.17 -18.67 5.15
N VAL A 34 18.01 -18.34 5.74
CA VAL A 34 16.92 -17.72 4.99
C VAL A 34 16.26 -16.64 5.84
N ARG A 35 15.58 -15.72 5.17
CA ARG A 35 14.78 -14.72 5.86
C ARG A 35 13.59 -14.33 4.99
N PHE A 36 12.53 -13.90 5.65
CA PHE A 36 11.43 -13.21 5.00
C PHE A 36 11.03 -12.05 5.88
N ASP A 37 10.87 -10.87 5.28
CA ASP A 37 10.53 -9.65 6.01
C ASP A 37 9.34 -9.00 5.32
N SER A 38 8.21 -8.94 6.03
CA SER A 38 6.99 -8.37 5.46
C SER A 38 7.18 -6.93 5.02
N ASP A 39 8.08 -6.18 5.67
CA ASP A 39 8.27 -4.79 5.33
C ASP A 39 9.28 -4.56 4.22
N ALA A 40 10.00 -5.59 3.79
CA ALA A 40 10.97 -5.43 2.71
C ALA A 40 10.26 -5.36 1.36
N ALA A 41 10.99 -4.87 0.36
CA ALA A 41 10.40 -4.65 -0.96
C ALA A 41 10.22 -5.93 -1.74
N SER A 42 11.13 -6.90 -1.56
CA SER A 42 11.14 -8.07 -2.44
C SER A 42 9.91 -8.95 -2.28
N GLN A 43 9.38 -9.05 -1.05
CA GLN A 43 8.30 -9.98 -0.73
C GLN A 43 8.67 -11.41 -1.12
N ARG A 44 9.93 -11.77 -0.91
CA ARG A 44 10.44 -13.09 -1.25
C ARG A 44 11.18 -13.68 -0.06
N MET A 45 11.15 -14.99 0.06
CA MET A 45 12.13 -15.66 0.89
C MET A 45 13.51 -15.45 0.26
N GLU A 46 14.49 -15.02 1.08
CA GLU A 46 15.78 -14.65 0.54
C GLU A 46 16.92 -15.47 1.17
N PRO A 47 17.99 -15.73 0.42
CA PRO A 47 19.12 -16.44 1.00
C PRO A 47 19.93 -15.56 1.94
N ARG A 48 20.47 -16.17 2.98
CA ARG A 48 21.32 -15.49 3.94
C ARG A 48 22.58 -16.28 4.28
N ALA A 49 22.86 -17.34 3.52
CA ALA A 49 24.07 -18.13 3.64
C ALA A 49 24.51 -18.51 2.23
N PRO A 50 25.82 -18.53 1.96
CA PRO A 50 26.26 -18.87 0.60
C PRO A 50 25.84 -20.25 0.13
N TRP A 51 25.77 -21.23 1.03
CA TRP A 51 25.49 -22.60 0.62
C TRP A 51 24.03 -22.87 0.30
N ILE A 52 23.13 -21.93 0.56
CA ILE A 52 21.74 -22.09 0.14
C ILE A 52 21.46 -21.43 -1.20
N GLU A 53 22.36 -20.56 -1.67
CA GLU A 53 22.13 -19.85 -2.93
C GLU A 53 22.07 -20.81 -4.11
N GLN A 54 22.65 -22.00 -4.00
CA GLN A 54 22.63 -22.97 -5.08
C GLN A 54 21.26 -23.62 -5.28
N GLU A 55 20.33 -23.45 -4.36
CA GLU A 55 18.99 -23.96 -4.57
C GLU A 55 18.34 -23.27 -5.76
N GLY A 56 17.59 -24.04 -6.54
CA GLY A 56 17.05 -23.54 -7.79
C GLY A 56 15.80 -22.71 -7.58
N PRO A 57 15.22 -22.28 -8.71
CA PRO A 57 14.05 -21.40 -8.63
C PRO A 57 12.84 -22.04 -7.98
N GLU A 58 12.67 -23.36 -8.13
CA GLU A 58 11.53 -24.02 -7.49
C GLU A 58 11.64 -23.92 -5.97
N TYR A 59 12.86 -23.98 -5.44
CA TYR A 59 13.06 -23.81 -4.01
C TYR A 59 12.57 -22.44 -3.57
N TRP A 60 13.04 -21.38 -4.22
CA TRP A 60 12.73 -20.03 -3.76
C TRP A 60 11.26 -19.67 -4.00
N ASP A 61 10.69 -20.10 -5.13
CA ASP A 61 9.25 -19.88 -5.34
C ASP A 61 8.43 -20.63 -4.29
N GLY A 62 8.80 -21.88 -4.01
CA GLY A 62 8.02 -22.67 -3.06
C GLY A 62 8.14 -22.15 -1.65
N GLU A 63 9.35 -21.79 -1.23
CA GLU A 63 9.54 -21.27 0.12
C GLU A 63 8.88 -19.90 0.29
N THR A 64 8.87 -19.09 -0.77
CA THR A 64 8.15 -17.82 -0.72
C THR A 64 6.66 -18.05 -0.56
N ARG A 65 6.12 -19.02 -1.31
CA ARG A 65 4.69 -19.34 -1.20
C ARG A 65 4.36 -19.78 0.22
N LYS A 66 5.20 -20.67 0.78
CA LYS A 66 4.90 -21.25 2.09
C LYS A 66 5.10 -20.23 3.21
N VAL A 67 6.09 -19.35 3.10
CA VAL A 67 6.29 -18.38 4.17
C VAL A 67 5.16 -17.35 4.16
N LYS A 68 4.60 -17.04 2.98
CA LYS A 68 3.44 -16.17 2.92
C LYS A 68 2.21 -16.85 3.51
N ALA A 69 2.11 -18.17 3.38
CA ALA A 69 1.03 -18.89 4.06
C ALA A 69 1.21 -18.84 5.57
N HIS A 70 2.45 -18.96 6.06
CA HIS A 70 2.74 -18.71 7.47
C HIS A 70 2.29 -17.32 7.87
N SER A 71 2.63 -16.32 7.06
CA SER A 71 2.27 -14.94 7.35
C SER A 71 0.76 -14.76 7.42
N GLN A 72 0.04 -15.38 6.48
CA GLN A 72 -1.42 -15.24 6.47
C GLN A 72 -2.04 -15.86 7.72
N THR A 73 -1.56 -17.03 8.13
CA THR A 73 -2.09 -17.65 9.34
C THR A 73 -1.82 -16.78 10.56
N HIS A 74 -0.59 -16.25 10.68
CA HIS A 74 -0.26 -15.41 11.81
C HIS A 74 -1.07 -14.12 11.82
N ARG A 75 -1.36 -13.57 10.64
CA ARG A 75 -2.23 -12.40 10.55
C ARG A 75 -3.59 -12.69 11.16
N VAL A 76 -4.17 -13.85 10.85
CA VAL A 76 -5.46 -14.21 11.43
C VAL A 76 -5.32 -14.50 12.92
N ASP A 77 -4.21 -15.16 13.31
CA ASP A 77 -4.01 -15.53 14.71
C ASP A 77 -4.07 -14.32 15.63
N LEU A 78 -3.49 -13.19 15.21
CA LEU A 78 -3.51 -12.00 16.06
C LEU A 78 -4.93 -11.59 16.41
N GLY A 79 -5.85 -11.66 15.43
CA GLY A 79 -7.24 -11.37 15.72
C GLY A 79 -7.89 -12.41 16.61
N THR A 80 -7.57 -13.68 16.37
CA THR A 80 -8.12 -14.75 17.20
C THR A 80 -7.71 -14.58 18.66
N LEU A 81 -6.44 -14.27 18.89
CA LEU A 81 -5.94 -14.11 20.24
C LEU A 81 -6.57 -12.89 20.94
N ARG A 82 -6.81 -11.81 20.20
CA ARG A 82 -7.59 -10.71 20.77
C ARG A 82 -8.92 -11.21 21.30
N GLY A 83 -9.58 -12.09 20.54
CA GLY A 83 -10.86 -12.61 20.99
C GLY A 83 -10.73 -13.55 22.19
N TYR A 84 -9.71 -14.42 22.15
CA TYR A 84 -9.50 -15.36 23.27
C TYR A 84 -9.28 -14.62 24.58
N TYR A 85 -8.56 -13.51 24.54
CA TYR A 85 -8.16 -12.80 25.75
C TYR A 85 -8.97 -11.52 26.00
N ASN A 86 -9.99 -11.26 25.18
CA ASN A 86 -10.83 -10.07 25.32
C ASN A 86 -9.98 -8.81 25.37
N GLN A 87 -9.08 -8.67 24.39
CA GLN A 87 -8.20 -7.53 24.31
C GLN A 87 -8.66 -6.57 23.24
N SER A 88 -8.43 -5.29 23.48
CA SER A 88 -8.85 -4.23 22.58
C SER A 88 -7.92 -4.13 21.38
N GLU A 89 -8.37 -3.37 20.39
CA GLU A 89 -7.56 -3.05 19.22
C GLU A 89 -6.44 -2.04 19.52
N ALA A 90 -6.42 -1.46 20.73
CA ALA A 90 -5.53 -0.34 21.01
C ALA A 90 -4.07 -0.75 21.19
N GLY A 91 -3.81 -1.97 21.67
CA GLY A 91 -2.48 -2.39 22.02
C GLY A 91 -1.81 -3.24 20.96
N SER A 92 -0.48 -3.11 20.88
CA SER A 92 0.31 -4.01 20.04
C SER A 92 0.58 -5.30 20.79
N HIS A 93 0.49 -6.43 20.09
CA HIS A 93 0.72 -7.73 20.68
C HIS A 93 1.67 -8.54 19.81
N THR A 94 2.34 -9.51 20.43
CA THR A 94 3.41 -10.26 19.80
C THR A 94 3.09 -11.75 19.82
N VAL A 95 3.18 -12.37 18.64
CA VAL A 95 3.11 -13.83 18.51
C VAL A 95 4.48 -14.31 18.04
N GLN A 96 4.97 -15.38 18.65
CA GLN A 96 6.22 -15.99 18.23
C GLN A 96 6.01 -17.49 18.06
N ARG A 97 6.65 -18.04 17.04
CA ARG A 97 6.58 -19.46 16.75
C ARG A 97 7.98 -19.96 16.41
N MET A 98 8.33 -21.13 16.92
CA MET A 98 9.60 -21.76 16.60
C MET A 98 9.36 -23.24 16.43
N TYR A 99 9.85 -23.80 15.33
CA TYR A 99 9.78 -25.24 15.15
C TYR A 99 11.02 -25.72 14.42
N GLY A 100 11.31 -27.00 14.57
CA GLY A 100 12.49 -27.57 13.95
C GLY A 100 12.78 -28.95 14.52
N CYS A 101 13.95 -29.46 14.15
CA CYS A 101 14.34 -30.82 14.50
C CYS A 101 15.83 -30.87 14.81
N ASP A 102 16.20 -31.80 15.68
CA ASP A 102 17.59 -32.06 16.03
C ASP A 102 17.98 -33.46 15.57
N VAL A 103 19.25 -33.60 15.16
CA VAL A 103 19.83 -34.90 14.85
C VAL A 103 21.12 -35.04 15.66
N GLY A 104 21.49 -36.28 15.93
CA GLY A 104 22.71 -36.56 16.66
C GLY A 104 23.93 -36.48 15.75
N SER A 105 25.07 -36.90 16.31
CA SER A 105 26.30 -36.91 15.52
C SER A 105 26.24 -37.91 14.38
N ASP A 106 25.41 -38.94 14.49
CA ASP A 106 25.17 -39.88 13.41
C ASP A 106 24.12 -39.38 12.43
N TRP A 107 23.67 -38.15 12.62
CA TRP A 107 22.64 -37.49 11.80
C TRP A 107 21.28 -38.18 11.85
N ARG A 108 21.01 -38.98 12.88
CA ARG A 108 19.68 -39.57 12.98
C ARG A 108 18.83 -38.71 13.91
N PHE A 109 17.52 -38.77 13.68
CA PHE A 109 16.56 -37.96 14.40
C PHE A 109 16.70 -38.12 15.91
N LEU A 110 16.81 -36.99 16.61
CA LEU A 110 16.84 -36.97 18.08
C LEU A 110 15.51 -36.51 18.65
N ARG A 111 15.04 -35.33 18.26
CA ARG A 111 13.79 -34.79 18.77
C ARG A 111 13.28 -33.73 17.81
N GLY A 112 11.97 -33.50 17.88
CA GLY A 112 11.31 -32.44 17.14
C GLY A 112 10.59 -31.52 18.10
N TYR A 113 10.29 -30.30 17.67
CA TYR A 113 9.62 -29.35 18.55
C TYR A 113 8.83 -28.34 17.73
N HIS A 114 7.80 -27.78 18.35
CA HIS A 114 7.01 -26.71 17.77
C HIS A 114 6.40 -25.93 18.92
N GLN A 115 6.89 -24.71 19.13
CA GLN A 115 6.51 -23.90 20.28
C GLN A 115 5.89 -22.60 19.81
N TYR A 116 4.89 -22.13 20.56
CA TYR A 116 4.09 -20.97 20.19
C TYR A 116 3.92 -20.13 21.45
N ALA A 117 4.13 -18.82 21.31
CA ALA A 117 4.07 -17.91 22.43
C ALA A 117 3.24 -16.68 22.05
N TYR A 118 2.61 -16.10 23.06
CA TYR A 118 1.84 -14.87 22.90
C TYR A 118 2.29 -13.89 23.97
N ASP A 119 2.68 -12.68 23.52
CA ASP A 119 3.15 -11.62 24.41
C ASP A 119 4.23 -12.10 25.38
N GLY A 120 5.17 -12.88 24.86
CA GLY A 120 6.39 -13.21 25.56
C GLY A 120 6.32 -14.40 26.49
N LYS A 121 5.23 -15.15 26.50
CA LYS A 121 5.14 -16.33 27.36
C LYS A 121 4.52 -17.50 26.61
N ASP A 122 4.83 -18.70 27.11
CA ASP A 122 4.35 -19.93 26.49
C ASP A 122 2.85 -19.88 26.26
N TYR A 123 2.44 -20.29 25.06
CA TYR A 123 1.02 -20.43 24.73
C TYR A 123 0.68 -21.90 24.51
N ILE A 124 1.20 -22.53 23.47
CA ILE A 124 0.99 -23.96 23.25
C ILE A 124 2.25 -24.54 22.65
N ALA A 125 2.52 -25.80 22.98
CA ALA A 125 3.73 -26.45 22.53
C ALA A 125 3.46 -27.92 22.29
N LEU A 126 4.05 -28.45 21.23
CA LEU A 126 4.00 -29.88 20.96
C LEU A 126 4.87 -30.61 21.97
N LYS A 127 4.32 -31.66 22.57
CA LYS A 127 5.13 -32.42 23.52
C LYS A 127 6.13 -33.28 22.76
N GLU A 128 7.08 -33.83 23.53
CA GLU A 128 8.20 -34.56 22.92
C GLU A 128 7.78 -35.83 22.21
N ASP A 129 6.65 -36.42 22.59
CA ASP A 129 6.17 -37.58 21.82
C ASP A 129 5.60 -37.20 20.47
N LEU A 130 5.49 -35.90 20.18
CA LEU A 130 4.98 -35.38 18.90
C LEU A 130 3.55 -35.84 18.64
N ARG A 131 2.81 -36.17 19.70
CA ARG A 131 1.44 -36.63 19.59
C ARG A 131 0.44 -35.86 20.43
N SER A 132 0.90 -35.01 21.35
CA SER A 132 0.03 -34.30 22.27
C SER A 132 0.56 -32.90 22.48
N TRP A 133 -0.22 -32.09 23.17
CA TRP A 133 0.04 -30.66 23.34
C TRP A 133 0.10 -30.27 24.80
N THR A 134 0.94 -29.29 25.11
CA THR A 134 0.97 -28.61 26.40
C THR A 134 0.38 -27.21 26.20
N ALA A 135 -0.77 -26.96 26.80
CA ALA A 135 -1.46 -25.68 26.69
C ALA A 135 -1.25 -24.92 27.99
N ALA A 136 -0.72 -23.70 27.89
CA ALA A 136 -0.22 -22.99 29.06
C ALA A 136 -1.32 -22.33 29.88
N ASP A 137 -2.49 -22.08 29.31
CA ASP A 137 -3.58 -21.43 30.03
C ASP A 137 -4.90 -21.88 29.40
N MET A 138 -6.00 -21.25 29.83
CA MET A 138 -7.31 -21.68 29.36
C MET A 138 -7.51 -21.35 27.89
N ALA A 139 -7.03 -20.18 27.45
CA ALA A 139 -7.14 -19.83 26.04
C ALA A 139 -6.43 -20.84 25.15
N ALA A 140 -5.23 -21.26 25.55
CA ALA A 140 -4.50 -22.25 24.77
C ALA A 140 -5.21 -23.59 24.76
N GLN A 141 -6.02 -23.89 25.79
CA GLN A 141 -6.82 -25.10 25.77
C GLN A 141 -7.82 -25.09 24.62
N THR A 142 -8.37 -23.91 24.32
CA THR A 142 -9.25 -23.78 23.15
C THR A 142 -8.52 -24.18 21.87
N THR A 143 -7.31 -23.65 21.70
CA THR A 143 -6.48 -24.05 20.56
C THR A 143 -6.21 -25.55 20.57
N LYS A 144 -5.90 -26.10 21.75
CA LYS A 144 -5.63 -27.53 21.86
C LYS A 144 -6.82 -28.35 21.37
N HIS A 145 -8.03 -27.99 21.79
CA HIS A 145 -9.22 -28.71 21.33
C HIS A 145 -9.31 -28.68 19.80
N LYS A 146 -9.12 -27.48 19.22
CA LYS A 146 -9.25 -27.33 17.78
C LYS A 146 -8.15 -28.10 17.05
N TRP A 147 -6.93 -28.09 17.59
CA TRP A 147 -5.82 -28.76 16.95
C TRP A 147 -5.92 -30.28 17.09
N GLU A 148 -6.49 -30.76 18.19
CA GLU A 148 -6.71 -32.21 18.31
C GLU A 148 -7.76 -32.67 17.31
N ALA A 149 -8.87 -31.94 17.19
CA ALA A 149 -9.93 -32.35 16.27
C ALA A 149 -9.46 -32.32 14.82
N ALA A 150 -8.57 -31.40 14.48
CA ALA A 150 -8.04 -31.26 13.12
C ALA A 150 -6.75 -32.05 12.90
N HIS A 151 -6.32 -32.84 13.88
CA HIS A 151 -5.16 -33.73 13.74
C HIS A 151 -3.91 -32.97 13.31
N VAL A 152 -3.70 -31.80 13.92
CA VAL A 152 -2.56 -30.96 13.60
C VAL A 152 -1.25 -31.68 13.96
N ALA A 153 -1.22 -32.36 15.11
CA ALA A 153 0.01 -32.99 15.55
C ALA A 153 0.48 -34.07 14.59
N GLU A 154 -0.46 -34.81 13.98
CA GLU A 154 -0.06 -35.88 13.08
C GLU A 154 0.69 -35.34 11.87
N GLN A 155 0.21 -34.22 11.30
CA GLN A 155 0.92 -33.62 10.18
C GLN A 155 2.27 -33.06 10.61
N LEU A 156 2.31 -32.41 11.78
CA LEU A 156 3.57 -31.86 12.29
C LEU A 156 4.59 -32.95 12.53
N ARG A 157 4.18 -34.06 13.14
CA ARG A 157 5.10 -35.18 13.38
C ARG A 157 5.70 -35.68 12.08
N ALA A 158 4.87 -35.80 11.04
CA ALA A 158 5.38 -36.25 9.74
C ALA A 158 6.44 -35.31 9.21
N TYR A 159 6.20 -34.00 9.31
CA TYR A 159 7.20 -33.02 8.89
C TYR A 159 8.48 -33.13 9.72
N LEU A 160 8.32 -33.14 11.05
CA LEU A 160 9.49 -33.08 11.94
C LEU A 160 10.34 -34.34 11.84
N GLU A 161 9.70 -35.51 11.73
CA GLU A 161 10.45 -36.76 11.65
C GLU A 161 10.94 -37.07 10.25
N GLY A 162 10.33 -36.46 9.23
CA GLY A 162 10.73 -36.76 7.86
C GLY A 162 11.35 -35.58 7.15
N THR A 163 10.50 -34.70 6.62
CA THR A 163 10.95 -33.58 5.81
C THR A 163 12.03 -32.75 6.51
N CYS A 164 11.82 -32.44 7.79
CA CYS A 164 12.74 -31.57 8.51
C CYS A 164 14.14 -32.17 8.57
N VAL A 165 14.24 -33.45 8.93
CA VAL A 165 15.56 -34.06 9.05
C VAL A 165 16.18 -34.34 7.69
N GLU A 166 15.36 -34.68 6.68
CA GLU A 166 15.90 -34.91 5.35
C GLU A 166 16.56 -33.66 4.80
N TRP A 167 15.91 -32.50 4.96
CA TRP A 167 16.48 -31.27 4.43
C TRP A 167 17.62 -30.75 5.31
N LEU A 168 17.54 -30.99 6.62
CA LEU A 168 18.68 -30.65 7.49
C LEU A 168 19.94 -31.39 7.05
N ARG A 169 19.81 -32.69 6.74
CA ARG A 169 20.96 -33.44 6.23
C ARG A 169 21.43 -32.89 4.89
N ARG A 170 20.50 -32.51 4.02
CA ARG A 170 20.89 -31.92 2.74
C ARG A 170 21.69 -30.63 2.98
N TYR A 171 21.19 -29.76 3.85
CA TYR A 171 21.89 -28.51 4.13
C TYR A 171 23.26 -28.76 4.76
N LEU A 172 23.35 -29.74 5.66
CA LEU A 172 24.62 -30.04 6.30
C LEU A 172 25.66 -30.48 5.27
N GLU A 173 25.23 -31.22 4.25
CA GLU A 173 26.16 -31.67 3.22
C GLU A 173 26.53 -30.52 2.28
N ASN A 174 25.54 -29.79 1.79
CA ASN A 174 25.82 -28.70 0.85
C ASN A 174 26.64 -27.59 1.50
N GLY A 175 26.50 -27.40 2.80
CA GLY A 175 27.25 -26.36 3.48
C GLY A 175 28.24 -26.91 4.48
N LYS A 176 28.80 -28.10 4.19
CA LYS A 176 29.66 -28.77 5.15
C LYS A 176 30.88 -27.94 5.52
N GLU A 177 31.40 -27.16 4.57
CA GLU A 177 32.55 -26.31 4.85
C GLU A 177 32.25 -25.32 5.97
N THR A 178 31.03 -24.80 6.01
CA THR A 178 30.56 -23.87 7.04
C THR A 178 29.97 -24.57 8.24
N LEU A 179 29.11 -25.56 8.00
CA LEU A 179 28.27 -26.12 9.05
C LEU A 179 28.95 -27.24 9.82
N GLN A 180 29.76 -28.06 9.15
CA GLN A 180 30.41 -29.19 9.78
C GLN A 180 31.81 -28.86 10.27
N ARG A 181 32.02 -27.63 10.73
CA ARG A 181 33.31 -27.19 11.23
C ARG A 181 33.19 -26.90 12.72
N THR A 182 34.33 -26.89 13.38
N THR A 182 34.33 -26.96 13.39
CA THR A 182 34.41 -26.49 14.78
CA THR A 182 34.43 -26.50 14.77
C THR A 182 35.64 -25.62 14.96
C THR A 182 35.63 -25.58 14.86
N ASP A 183 35.41 -24.37 15.37
CA ASP A 183 36.48 -23.42 15.64
C ASP A 183 36.65 -23.37 17.15
N ALA A 184 37.78 -23.87 17.65
CA ALA A 184 38.04 -23.84 19.07
C ALA A 184 38.27 -22.40 19.53
N PRO A 185 37.86 -22.06 20.75
CA PRO A 185 38.05 -20.69 21.23
C PRO A 185 39.52 -20.37 21.44
N LYS A 186 39.91 -19.15 21.06
CA LYS A 186 41.19 -18.58 21.46
C LYS A 186 40.98 -17.88 22.80
N THR A 187 41.68 -18.33 23.84
CA THR A 187 41.40 -17.92 25.20
C THR A 187 42.55 -17.14 25.81
N HIS A 188 42.19 -16.22 26.70
CA HIS A 188 43.14 -15.48 27.52
C HIS A 188 42.37 -14.85 28.67
N MET A 189 43.09 -14.30 29.63
CA MET A 189 42.49 -13.54 30.72
C MET A 189 43.13 -12.17 30.78
N THR A 190 42.33 -11.15 31.08
CA THR A 190 42.83 -9.80 31.29
C THR A 190 42.72 -9.44 32.77
N HIS A 191 43.57 -8.51 33.19
CA HIS A 191 43.69 -8.08 34.58
C HIS A 191 43.70 -6.56 34.61
N HIS A 192 42.79 -5.96 35.38
CA HIS A 192 42.79 -4.50 35.48
C HIS A 192 42.36 -4.08 36.88
N ALA A 193 43.19 -3.25 37.51
CA ALA A 193 42.85 -2.72 38.82
C ALA A 193 41.62 -1.82 38.73
N VAL A 194 40.69 -1.99 39.67
CA VAL A 194 39.60 -1.04 39.85
C VAL A 194 39.84 -0.11 41.02
N SER A 195 40.89 -0.34 41.80
CA SER A 195 41.28 0.47 42.94
C SER A 195 42.63 -0.06 43.40
N ASP A 196 43.13 0.47 44.51
CA ASP A 196 44.40 0.00 45.02
C ASP A 196 44.29 -1.34 45.74
N HIS A 197 43.09 -1.90 45.90
CA HIS A 197 42.94 -3.17 46.60
C HIS A 197 42.10 -4.20 45.87
N GLU A 198 41.54 -3.88 44.70
CA GLU A 198 40.75 -4.84 43.94
C GLU A 198 41.11 -4.79 42.45
N ALA A 199 40.88 -5.91 41.77
CA ALA A 199 41.16 -6.02 40.35
C ALA A 199 40.09 -6.85 39.65
N THR A 200 39.77 -6.46 38.42
CA THR A 200 38.85 -7.24 37.58
C THR A 200 39.65 -8.30 36.83
N LEU A 201 39.25 -9.56 36.99
CA LEU A 201 39.77 -10.66 36.20
C LEU A 201 38.71 -11.03 35.17
N ARG A 202 39.04 -10.94 33.90
CA ARG A 202 38.08 -11.24 32.84
C ARG A 202 38.62 -12.36 31.96
N CYS A 203 37.86 -13.45 31.88
CA CYS A 203 38.23 -14.61 31.10
C CYS A 203 37.57 -14.52 29.73
N TRP A 204 38.36 -14.60 28.66
CA TRP A 204 37.90 -14.36 27.30
C TRP A 204 37.94 -15.63 26.45
N ALA A 205 36.92 -15.81 25.62
CA ALA A 205 36.91 -16.82 24.57
C ALA A 205 36.49 -16.14 23.28
N LEU A 206 37.30 -16.32 22.23
CA LEU A 206 37.12 -15.58 20.99
C LEU A 206 37.16 -16.51 19.79
N SER A 207 36.46 -16.10 18.74
CA SER A 207 36.52 -16.74 17.42
CA SER A 207 36.51 -16.74 17.42
C SER A 207 36.15 -18.23 17.48
N PHE A 208 35.10 -18.55 18.23
CA PHE A 208 34.70 -19.95 18.33
C PHE A 208 33.38 -20.21 17.60
N TYR A 209 33.19 -21.48 17.21
CA TYR A 209 31.97 -21.97 16.56
C TYR A 209 31.88 -23.46 16.87
N PRO A 210 30.70 -23.98 17.24
CA PRO A 210 29.43 -23.24 17.38
C PRO A 210 29.38 -22.39 18.65
N ALA A 211 28.23 -21.77 18.91
CA ALA A 211 28.13 -20.79 19.99
C ALA A 211 28.16 -21.43 21.36
N GLU A 212 27.76 -22.70 21.49
CA GLU A 212 27.70 -23.36 22.78
C GLU A 212 29.07 -23.36 23.46
N ILE A 213 29.14 -22.84 24.68
CA ILE A 213 30.40 -22.74 25.41
C ILE A 213 30.07 -22.55 26.89
N THR A 214 31.01 -22.95 27.75
CA THR A 214 30.90 -22.73 29.19
C THR A 214 32.18 -22.10 29.70
N LEU A 215 32.04 -20.96 30.37
CA LEU A 215 33.13 -20.27 31.07
C LEU A 215 32.78 -20.21 32.54
N THR A 216 33.74 -20.59 33.39
N THR A 216 33.72 -20.63 33.39
CA THR A 216 33.52 -20.64 34.83
CA THR A 216 33.50 -20.60 34.83
C THR A 216 34.78 -20.18 35.55
C THR A 216 34.77 -20.16 35.53
N TRP A 217 34.60 -19.49 36.67
CA TRP A 217 35.68 -19.11 37.55
C TRP A 217 35.67 -20.00 38.79
N GLN A 218 36.86 -20.39 39.24
CA GLN A 218 37.03 -21.09 40.50
C GLN A 218 37.98 -20.31 41.39
N ARG A 219 37.72 -20.34 42.70
CA ARG A 219 38.63 -19.81 43.71
C ARG A 219 39.05 -20.99 44.59
N ASP A 220 40.34 -21.34 44.56
CA ASP A 220 40.84 -22.53 45.23
C ASP A 220 40.02 -23.76 44.85
N GLY A 221 39.62 -23.83 43.59
CA GLY A 221 38.87 -24.97 43.10
C GLY A 221 37.37 -24.93 43.35
N GLU A 222 36.86 -23.88 43.99
CA GLU A 222 35.44 -23.77 44.29
C GLU A 222 34.78 -22.81 43.29
N ASP A 223 33.68 -23.26 42.69
CA ASP A 223 32.98 -22.42 41.72
C ASP A 223 32.52 -21.11 42.34
N GLN A 224 32.69 -20.03 41.59
CA GLN A 224 32.32 -18.68 42.03
C GLN A 224 31.10 -18.18 41.27
N THR A 225 30.03 -18.97 41.24
CA THR A 225 28.89 -18.70 40.37
C THR A 225 28.25 -17.36 40.70
N GLN A 226 27.93 -17.13 41.97
CA GLN A 226 27.19 -15.93 42.35
C GLN A 226 28.02 -14.66 42.21
N ASP A 227 29.34 -14.76 42.15
CA ASP A 227 30.20 -13.60 42.03
C ASP A 227 30.73 -13.37 40.62
N THR A 228 30.27 -14.16 39.64
CA THR A 228 30.75 -14.07 38.27
C THR A 228 29.76 -13.26 37.43
N GLU A 229 30.28 -12.28 36.69
CA GLU A 229 29.50 -11.61 35.66
C GLU A 229 29.72 -12.33 34.34
N LEU A 230 28.66 -12.91 33.79
CA LEU A 230 28.74 -13.71 32.57
C LEU A 230 27.90 -13.03 31.49
N VAL A 231 28.54 -12.57 30.42
CA VAL A 231 27.79 -11.87 29.37
C VAL A 231 27.21 -12.89 28.40
N GLU A 232 26.15 -12.49 27.71
CA GLU A 232 25.56 -13.33 26.69
C GLU A 232 26.54 -13.58 25.55
N THR A 233 26.62 -14.82 25.11
CA THR A 233 27.43 -15.16 23.94
C THR A 233 27.00 -14.30 22.76
N ARG A 234 27.98 -13.67 22.11
CA ARG A 234 27.68 -12.65 21.12
C ARG A 234 28.36 -12.96 19.80
N PRO A 235 27.74 -12.58 18.68
CA PRO A 235 28.37 -12.84 17.37
C PRO A 235 29.45 -11.82 17.05
N ALA A 236 30.55 -12.32 16.49
CA ALA A 236 31.61 -11.43 16.02
C ALA A 236 31.25 -10.77 14.69
N GLY A 237 30.29 -11.33 13.97
CA GLY A 237 29.89 -10.84 12.66
C GLY A 237 30.46 -11.65 11.51
N ASP A 238 31.46 -12.48 11.76
CA ASP A 238 32.12 -13.26 10.73
C ASP A 238 31.74 -14.74 10.77
N GLY A 239 30.69 -15.08 11.52
CA GLY A 239 30.33 -16.47 11.69
C GLY A 239 30.90 -17.12 12.94
N THR A 240 31.70 -16.41 13.72
CA THR A 240 32.20 -16.92 14.99
C THR A 240 31.59 -16.12 16.14
N PHE A 241 31.86 -16.58 17.35
CA PHE A 241 31.24 -16.02 18.54
C PHE A 241 32.30 -15.67 19.57
N GLN A 242 31.87 -14.86 20.55
CA GLN A 242 32.70 -14.37 21.64
C GLN A 242 31.91 -14.47 22.94
N LYS A 243 32.63 -14.58 24.06
CA LYS A 243 32.01 -14.58 25.37
C LYS A 243 33.08 -14.25 26.40
N TRP A 244 32.68 -13.60 27.49
CA TRP A 244 33.60 -13.44 28.60
C TRP A 244 32.88 -13.56 29.93
N ALA A 245 33.67 -13.82 30.97
CA ALA A 245 33.21 -13.95 32.34
C ALA A 245 34.19 -13.23 33.25
N ALA A 246 33.68 -12.48 34.22
CA ALA A 246 34.51 -11.64 35.05
C ALA A 246 34.19 -11.82 36.52
N VAL A 247 35.22 -11.67 37.34
CA VAL A 247 35.10 -11.55 38.79
C VAL A 247 35.96 -10.38 39.24
N VAL A 248 35.55 -9.76 40.34
CA VAL A 248 36.32 -8.70 40.99
C VAL A 248 36.92 -9.29 42.25
N VAL A 249 38.24 -9.25 42.37
CA VAL A 249 38.92 -9.98 43.45
C VAL A 249 39.83 -9.03 44.20
N PRO A 250 40.14 -9.35 45.45
CA PRO A 250 41.14 -8.54 46.17
C PRO A 250 42.51 -8.69 45.54
N SER A 251 43.19 -7.56 45.38
CA SER A 251 44.56 -7.57 44.84
C SER A 251 45.46 -8.46 45.68
N GLY A 252 46.23 -9.30 45.03
CA GLY A 252 47.09 -10.25 45.69
C GLY A 252 46.56 -11.67 45.72
N GLN A 253 45.26 -11.86 45.49
CA GLN A 253 44.67 -13.18 45.50
C GLN A 253 44.51 -13.78 44.11
N GLU A 254 45.11 -13.14 43.08
CA GLU A 254 44.89 -13.58 41.71
C GLU A 254 45.22 -15.05 41.52
N GLN A 255 46.29 -15.52 42.17
CA GLN A 255 46.73 -16.91 41.99
C GLN A 255 45.72 -17.92 42.50
N ARG A 256 44.76 -17.51 43.34
CA ARG A 256 43.70 -18.42 43.77
C ARG A 256 42.66 -18.67 42.69
N TYR A 257 42.57 -17.79 41.69
CA TYR A 257 41.48 -17.82 40.73
C TYR A 257 41.92 -18.48 39.43
N THR A 258 41.08 -19.36 38.92
CA THR A 258 41.32 -20.03 37.64
C THR A 258 40.05 -19.94 36.79
N CYS A 259 40.24 -19.82 35.48
CA CYS A 259 39.14 -19.82 34.54
C CYS A 259 39.12 -21.15 33.78
N HIS A 260 37.92 -21.67 33.57
CA HIS A 260 37.74 -22.98 32.96
C HIS A 260 36.83 -22.84 31.76
N VAL A 261 37.29 -23.34 30.62
CA VAL A 261 36.63 -23.18 29.33
C VAL A 261 36.28 -24.55 28.79
N GLN A 262 35.01 -24.73 28.42
CA GLN A 262 34.52 -25.96 27.80
C GLN A 262 33.93 -25.62 26.45
N HIS A 263 34.37 -26.33 25.41
CA HIS A 263 33.87 -26.14 24.06
C HIS A 263 34.15 -27.40 23.26
N GLU A 264 33.24 -27.77 22.37
CA GLU A 264 33.42 -29.04 21.66
C GLU A 264 34.62 -29.02 20.74
N GLY A 265 35.17 -27.84 20.42
CA GLY A 265 36.37 -27.76 19.60
C GLY A 265 37.67 -27.90 20.36
N LEU A 266 37.62 -27.92 21.69
CA LEU A 266 38.82 -28.13 22.49
C LEU A 266 39.08 -29.62 22.67
N PRO A 267 40.31 -30.09 22.45
CA PRO A 267 40.62 -31.49 22.76
C PRO A 267 40.26 -31.88 24.18
N LYS A 268 40.53 -31.00 25.13
CA LYS A 268 40.12 -31.19 26.52
C LYS A 268 39.84 -29.81 27.11
N PRO A 269 39.05 -29.75 28.19
CA PRO A 269 38.76 -28.45 28.80
C PRO A 269 40.03 -27.73 29.21
N LEU A 270 40.02 -26.41 29.07
CA LEU A 270 41.17 -25.59 29.37
C LEU A 270 41.04 -24.98 30.75
N THR A 271 42.17 -24.90 31.46
CA THR A 271 42.27 -24.15 32.71
C THR A 271 43.29 -23.04 32.51
N LEU A 272 42.87 -21.80 32.70
CA LEU A 272 43.76 -20.64 32.60
C LEU A 272 44.08 -20.14 34.00
N ARG A 273 45.35 -19.78 34.21
CA ARG A 273 45.86 -19.45 35.54
C ARG A 273 46.62 -18.14 35.51
N TRP A 274 46.79 -17.56 36.70
CA TRP A 274 47.56 -16.33 36.89
C TRP A 274 48.97 -16.62 37.40
N GLU A 275 49.45 -17.84 37.21
CA GLU A 275 50.77 -18.24 37.66
C GLU A 275 51.26 -19.37 36.77
N MET B 1 1.70 -6.55 30.81
CA MET B 1 2.38 -7.27 29.74
C MET B 1 3.84 -7.53 30.09
N ILE B 2 4.35 -8.67 29.64
CA ILE B 2 5.76 -8.98 29.85
C ILE B 2 6.63 -7.95 29.15
N GLN B 3 7.66 -7.49 29.86
CA GLN B 3 8.67 -6.60 29.30
C GLN B 3 10.02 -7.06 29.81
N ARG B 4 11.00 -7.13 28.92
CA ARG B 4 12.36 -7.52 29.31
C ARG B 4 13.35 -6.51 28.76
N THR B 5 14.30 -6.10 29.62
CA THR B 5 15.25 -5.04 29.30
C THR B 5 16.34 -5.56 28.36
N PRO B 6 16.73 -4.77 27.36
CA PRO B 6 17.86 -5.17 26.52
C PRO B 6 19.17 -5.17 27.28
N LYS B 7 19.95 -6.22 27.04
CA LYS B 7 21.35 -6.31 27.47
C LYS B 7 22.22 -5.87 26.30
N ILE B 8 23.02 -4.82 26.50
CA ILE B 8 23.72 -4.12 25.43
C ILE B 8 25.20 -4.39 25.53
N GLN B 9 25.81 -4.83 24.43
CA GLN B 9 27.26 -5.02 24.34
C GLN B 9 27.80 -4.32 23.11
N VAL B 10 28.84 -3.51 23.30
N VAL B 10 28.81 -3.47 23.30
CA VAL B 10 29.52 -2.78 22.23
CA VAL B 10 29.49 -2.79 22.20
C VAL B 10 30.96 -3.26 22.16
C VAL B 10 30.94 -3.28 22.16
N TYR B 11 31.39 -3.68 20.98
CA TYR B 11 32.68 -4.35 20.87
C TYR B 11 33.10 -4.39 19.41
N SER B 12 34.39 -4.62 19.19
CA SER B 12 34.90 -4.79 17.83
C SER B 12 35.00 -6.27 17.51
N ARG B 13 34.94 -6.58 16.20
CA ARG B 13 35.04 -7.97 15.76
C ARG B 13 36.40 -8.55 16.10
N HIS B 14 37.46 -7.80 15.82
CA HIS B 14 38.84 -8.18 16.03
C HIS B 14 39.46 -7.24 17.05
N PRO B 15 40.55 -7.65 17.71
CA PRO B 15 41.26 -6.72 18.59
C PRO B 15 41.59 -5.42 17.88
N ALA B 16 41.32 -4.31 18.55
CA ALA B 16 41.41 -3.00 17.92
C ALA B 16 42.86 -2.56 17.80
N GLU B 17 43.23 -2.08 16.61
CA GLU B 17 44.53 -1.45 16.36
C GLU B 17 44.29 -0.14 15.65
N ASN B 18 44.86 0.95 16.19
CA ASN B 18 44.66 2.26 15.59
C ASN B 18 45.13 2.27 14.14
N GLY B 19 44.24 2.71 13.24
CA GLY B 19 44.57 2.78 11.83
C GLY B 19 44.30 1.52 11.04
N LYS B 20 43.77 0.47 11.66
CA LYS B 20 43.47 -0.79 10.98
C LYS B 20 41.97 -0.95 10.90
N SER B 21 41.46 -1.23 9.69
CA SER B 21 40.01 -1.37 9.52
CA SER B 21 40.01 -1.37 9.52
C SER B 21 39.49 -2.56 10.32
N ASN B 22 38.30 -2.38 10.90
CA ASN B 22 37.71 -3.34 11.82
C ASN B 22 36.19 -3.26 11.65
N PHE B 23 35.46 -3.94 12.53
CA PHE B 23 34.00 -3.85 12.54
C PHE B 23 33.53 -3.55 13.95
N LEU B 24 32.67 -2.54 14.07
CA LEU B 24 32.08 -2.16 15.35
C LEU B 24 30.71 -2.81 15.47
N ASN B 25 30.50 -3.52 16.57
CA ASN B 25 29.27 -4.27 16.80
C ASN B 25 28.53 -3.70 18.00
N CYS B 26 27.21 -3.65 17.91
CA CYS B 26 26.35 -3.44 19.06
C CYS B 26 25.35 -4.58 19.08
N TYR B 27 25.52 -5.49 20.03
CA TYR B 27 24.65 -6.64 20.18
C TYR B 27 23.67 -6.36 21.31
N VAL B 28 22.38 -6.38 20.99
N VAL B 28 22.38 -6.53 21.02
CA VAL B 28 21.32 -6.24 21.98
CA VAL B 28 21.32 -6.24 21.96
C VAL B 28 20.57 -7.57 22.04
C VAL B 28 20.43 -7.47 22.07
N SER B 29 20.40 -8.08 23.25
CA SER B 29 19.74 -9.37 23.45
C SER B 29 18.84 -9.31 24.67
N GLY B 30 17.98 -10.31 24.79
CA GLY B 30 17.16 -10.47 25.98
C GLY B 30 16.03 -9.50 26.14
N PHE B 31 15.59 -8.84 25.08
CA PHE B 31 14.56 -7.81 25.23
C PHE B 31 13.19 -8.28 24.72
N HIS B 32 12.15 -7.63 25.24
CA HIS B 32 10.77 -7.89 24.88
C HIS B 32 9.92 -6.70 25.33
N PRO B 33 9.01 -6.18 24.50
CA PRO B 33 8.72 -6.63 23.13
C PRO B 33 9.79 -6.21 22.09
N SER B 34 9.48 -6.38 20.81
CA SER B 34 10.52 -6.33 19.79
C SER B 34 10.86 -4.92 19.32
N ASP B 35 9.98 -3.94 19.54
CA ASP B 35 10.29 -2.58 19.10
C ASP B 35 11.48 -2.03 19.87
N ILE B 36 12.50 -1.59 19.14
CA ILE B 36 13.72 -1.11 19.77
C ILE B 36 14.42 -0.18 18.79
N GLU B 37 15.09 0.84 19.32
CA GLU B 37 15.89 1.76 18.52
C GLU B 37 17.35 1.58 18.93
N VAL B 38 18.21 1.30 17.95
CA VAL B 38 19.63 1.11 18.19
C VAL B 38 20.39 1.99 17.21
N ASP B 39 21.33 2.79 17.72
CA ASP B 39 22.19 3.63 16.91
C ASP B 39 23.63 3.47 17.34
N LEU B 40 24.53 3.40 16.38
CA LEU B 40 25.96 3.48 16.66
C LEU B 40 26.39 4.94 16.57
N LEU B 41 27.19 5.38 17.53
CA LEU B 41 27.61 6.76 17.63
C LEU B 41 29.12 6.88 17.45
N LYS B 42 29.53 7.91 16.72
CA LYS B 42 30.94 8.28 16.59
C LYS B 42 31.06 9.72 17.09
N ASN B 43 31.76 9.90 18.21
CA ASN B 43 31.89 11.21 18.85
C ASN B 43 30.52 11.85 19.07
N GLY B 44 29.57 11.04 19.55
CA GLY B 44 28.24 11.51 19.85
C GLY B 44 27.31 11.63 18.66
N GLU B 45 27.78 11.42 17.44
CA GLU B 45 26.98 11.58 16.23
C GLU B 45 26.58 10.22 15.68
N ARG B 46 25.34 10.13 15.20
CA ARG B 46 24.85 8.88 14.65
C ARG B 46 25.63 8.49 13.39
N ILE B 47 26.07 7.24 13.34
CA ILE B 47 26.72 6.69 12.16
C ILE B 47 25.67 6.29 11.13
N GLU B 48 25.86 6.72 9.87
CA GLU B 48 24.79 6.62 8.88
C GLU B 48 24.63 5.22 8.32
N LYS B 49 25.72 4.56 7.92
CA LYS B 49 25.58 3.27 7.23
C LYS B 49 25.82 2.16 8.24
N VAL B 50 24.75 1.80 8.94
CA VAL B 50 24.77 0.73 9.92
C VAL B 50 23.76 -0.32 9.49
N GLU B 51 24.21 -1.56 9.36
CA GLU B 51 23.35 -2.68 9.04
C GLU B 51 22.97 -3.43 10.31
N HIS B 52 21.94 -4.26 10.22
CA HIS B 52 21.55 -5.06 11.35
C HIS B 52 21.08 -6.43 10.88
N SER B 53 21.18 -7.41 11.79
CA SER B 53 20.73 -8.76 11.53
C SER B 53 19.21 -8.83 11.50
N ASP B 54 18.69 -9.93 10.97
CA ASP B 54 17.25 -10.16 10.95
C ASP B 54 16.78 -10.56 12.33
N LEU B 55 15.64 -10.00 12.74
CA LEU B 55 15.11 -10.22 14.09
C LEU B 55 14.89 -11.71 14.35
N SER B 56 15.43 -12.18 15.47
CA SER B 56 15.25 -13.56 15.91
C SER B 56 15.15 -13.57 17.43
N PHE B 57 15.03 -14.75 18.01
CA PHE B 57 14.80 -14.82 19.46
C PHE B 57 15.35 -16.12 20.02
N SER B 58 15.53 -16.13 21.33
CA SER B 58 16.16 -17.22 22.06
C SER B 58 15.10 -18.17 22.62
N LYS B 59 15.57 -19.19 23.34
CA LYS B 59 14.68 -20.20 23.91
C LYS B 59 13.63 -19.59 24.82
N ASP B 60 13.99 -18.57 25.59
CA ASP B 60 13.07 -17.93 26.52
C ASP B 60 12.16 -16.89 25.85
N TRP B 61 12.19 -16.81 24.52
CA TRP B 61 11.39 -15.93 23.65
C TRP B 61 11.92 -14.51 23.56
N SER B 62 12.99 -14.16 24.27
CA SER B 62 13.51 -12.79 24.20
C SER B 62 14.27 -12.59 22.89
N PHE B 63 14.19 -11.37 22.37
CA PHE B 63 14.73 -11.06 21.06
C PHE B 63 16.21 -10.69 21.15
N TYR B 64 16.91 -10.80 20.02
CA TYR B 64 18.27 -10.33 19.90
C TYR B 64 18.52 -9.78 18.50
N LEU B 65 19.40 -8.79 18.42
CA LEU B 65 19.75 -8.10 17.19
C LEU B 65 21.22 -7.70 17.26
N LEU B 66 21.92 -7.78 16.12
CA LEU B 66 23.28 -7.27 15.98
C LEU B 66 23.25 -6.09 15.04
N TYR B 67 23.73 -4.94 15.51
CA TYR B 67 23.96 -3.78 14.65
C TYR B 67 25.45 -3.65 14.42
N TYR B 68 25.86 -3.34 13.18
CA TYR B 68 27.28 -3.37 12.88
C TYR B 68 27.63 -2.44 11.74
N THR B 69 28.88 -1.95 11.77
CA THR B 69 29.41 -1.08 10.73
C THR B 69 30.91 -1.28 10.68
N GLU B 70 31.48 -1.02 9.50
CA GLU B 70 32.92 -1.03 9.34
C GLU B 70 33.49 0.26 9.93
N PHE B 71 34.63 0.16 10.63
CA PHE B 71 35.24 1.35 11.18
C PHE B 71 36.74 1.14 11.36
N THR B 72 37.45 2.25 11.45
CA THR B 72 38.90 2.23 11.66
C THR B 72 39.19 2.97 12.95
N PRO B 73 39.53 2.28 14.04
CA PRO B 73 39.75 2.96 15.32
C PRO B 73 40.91 3.92 15.24
N THR B 74 40.82 5.00 16.01
CA THR B 74 41.89 5.96 16.17
C THR B 74 42.09 6.23 17.66
N GLU B 75 43.08 7.06 17.96
CA GLU B 75 43.32 7.44 19.35
C GLU B 75 42.16 8.26 19.90
N LYS B 76 41.64 9.19 19.11
CA LYS B 76 40.75 10.23 19.59
C LYS B 76 39.27 9.90 19.44
N ASP B 77 38.89 9.13 18.42
CA ASP B 77 37.48 8.90 18.14
C ASP B 77 36.83 8.04 19.22
N GLU B 78 35.72 8.50 19.76
CA GLU B 78 34.95 7.77 20.75
C GLU B 78 33.73 7.15 20.09
N TYR B 79 33.51 5.86 20.32
CA TYR B 79 32.39 5.13 19.76
C TYR B 79 31.48 4.63 20.86
N ALA B 80 30.20 4.49 20.54
CA ALA B 80 29.22 4.09 21.53
C ALA B 80 28.00 3.52 20.82
N CYS B 81 27.08 2.97 21.61
CA CYS B 81 25.81 2.46 21.13
C CYS B 81 24.70 3.05 21.97
N ARG B 82 23.68 3.59 21.32
CA ARG B 82 22.54 4.22 21.98
C ARG B 82 21.30 3.38 21.74
N VAL B 83 20.64 2.96 22.82
CA VAL B 83 19.51 2.06 22.75
C VAL B 83 18.33 2.69 23.48
N ASN B 84 17.15 2.65 22.84
CA ASN B 84 15.92 3.01 23.53
C ASN B 84 14.94 1.86 23.37
N HIS B 85 14.14 1.65 24.42
CA HIS B 85 13.24 0.52 24.52
C HIS B 85 12.22 0.88 25.61
N VAL B 86 11.06 0.23 25.56
CA VAL B 86 10.00 0.58 26.51
C VAL B 86 10.45 0.36 27.94
N THR B 87 11.39 -0.56 28.17
CA THR B 87 11.88 -0.83 29.52
C THR B 87 12.86 0.21 30.01
N LEU B 88 13.29 1.14 29.16
CA LEU B 88 14.29 2.14 29.52
C LEU B 88 13.60 3.50 29.65
N SER B 89 13.73 4.12 30.82
CA SER B 89 13.11 5.42 31.04
C SER B 89 13.71 6.49 30.14
N GLN B 90 14.98 6.37 29.81
CA GLN B 90 15.67 7.26 28.89
C GLN B 90 16.59 6.44 28.01
N PRO B 91 17.02 6.97 26.87
CA PRO B 91 17.97 6.24 26.03
C PRO B 91 19.22 5.89 26.82
N LYS B 92 19.72 4.69 26.62
CA LYS B 92 20.93 4.22 27.28
C LYS B 92 22.10 4.24 26.30
N ILE B 93 23.21 4.84 26.71
CA ILE B 93 24.42 4.90 25.90
C ILE B 93 25.49 4.05 26.56
N VAL B 94 26.01 3.09 25.81
CA VAL B 94 27.10 2.21 26.25
C VAL B 94 28.31 2.55 25.41
N LYS B 95 29.39 2.97 26.06
CA LYS B 95 30.61 3.37 25.36
C LYS B 95 31.44 2.15 25.00
N TRP B 96 32.06 2.20 23.82
CA TRP B 96 33.02 1.17 23.46
C TRP B 96 34.28 1.30 24.32
N ASP B 97 34.67 0.20 24.96
CA ASP B 97 35.85 0.13 25.83
C ASP B 97 36.76 -0.95 25.27
N ARG B 98 37.82 -0.54 24.60
CA ARG B 98 38.70 -1.47 23.89
C ARG B 98 39.70 -2.18 24.79
N ASP B 99 39.75 -1.85 26.08
CA ASP B 99 40.74 -2.42 26.98
C ASP B 99 40.17 -3.51 27.89
N MET B 100 39.02 -4.07 27.56
CA MET B 100 38.41 -5.08 28.41
C MET B 100 39.09 -6.45 28.29
N ILE C 1 13.71 -26.81 4.65
CA ILE C 1 12.52 -26.14 4.12
C ILE C 1 11.44 -26.01 5.19
N LEU C 2 10.52 -25.10 4.94
CA LEU C 2 9.40 -24.86 5.84
C LEU C 2 8.40 -26.02 5.80
N ASN C 3 7.59 -26.09 6.85
CA ASN C 3 6.42 -26.95 6.82
C ASN C 3 5.36 -26.34 5.90
N ALA C 4 4.59 -27.19 5.23
CA ALA C 4 3.63 -26.74 4.23
C ALA C 4 2.25 -26.43 4.81
N MET C 5 1.94 -26.93 5.99
CA MET C 5 0.63 -26.75 6.62
C MET C 5 0.80 -25.94 7.91
N ILE C 6 0.02 -24.88 8.06
CA ILE C 6 0.09 -23.98 9.22
C ILE C 6 -1.34 -23.71 9.68
N THR C 7 -1.85 -24.52 10.59
CA THR C 7 -3.24 -24.39 11.04
C THR C 7 -3.39 -23.26 12.04
N LYS C 8 -4.48 -22.49 11.89
CA LYS C 8 -4.75 -21.35 12.75
C LYS C 8 -4.96 -21.78 14.19
N ILE C 9 -4.58 -20.91 15.13
CA ILE C 9 -4.80 -21.18 16.55
C ILE C 9 -6.27 -20.92 16.90
N GLY D 1 -1.67 -7.41 -20.51
CA GLY D 1 -2.49 -7.37 -21.72
C GLY D 1 -3.92 -7.80 -21.47
N SER D 2 -4.52 -8.47 -22.45
CA SER D 2 -5.89 -8.96 -22.30
C SER D 2 -5.90 -10.25 -21.50
N HIS D 3 -7.08 -10.61 -21.00
CA HIS D 3 -7.20 -11.81 -20.17
C HIS D 3 -8.44 -12.60 -20.53
N SER D 4 -8.42 -13.87 -20.14
CA SER D 4 -9.50 -14.78 -20.48
C SER D 4 -9.70 -15.77 -19.35
N MET D 5 -10.95 -16.24 -19.21
CA MET D 5 -11.27 -17.42 -18.42
C MET D 5 -11.92 -18.43 -19.36
N ARG D 6 -11.45 -19.66 -19.32
CA ARG D 6 -11.95 -20.68 -20.23
C ARG D 6 -12.09 -22.00 -19.51
N TYR D 7 -13.19 -22.69 -19.76
CA TYR D 7 -13.39 -24.05 -19.27
C TYR D 7 -13.41 -25.01 -20.45
N PHE D 8 -12.70 -26.12 -20.30
CA PHE D 8 -12.58 -27.14 -21.33
C PHE D 8 -13.15 -28.45 -20.80
N PHE D 9 -14.02 -29.08 -21.58
CA PHE D 9 -14.68 -30.32 -21.15
C PHE D 9 -14.46 -31.37 -22.21
N THR D 10 -14.01 -32.55 -21.79
CA THR D 10 -13.80 -33.69 -22.68
C THR D 10 -14.65 -34.86 -22.21
N SER D 11 -15.45 -35.42 -23.13
CA SER D 11 -16.38 -36.49 -22.83
C SER D 11 -16.11 -37.61 -23.83
N VAL D 12 -15.84 -38.82 -23.34
CA VAL D 12 -15.45 -39.95 -24.20
C VAL D 12 -16.28 -41.16 -23.82
N SER D 13 -17.02 -41.69 -24.79
CA SER D 13 -17.75 -42.94 -24.54
C SER D 13 -16.78 -44.11 -24.52
N ARG D 14 -17.10 -45.09 -23.67
CA ARG D 14 -16.23 -46.25 -23.44
C ARG D 14 -17.10 -47.50 -23.52
N PRO D 15 -17.37 -47.98 -24.74
CA PRO D 15 -18.30 -49.10 -24.92
C PRO D 15 -17.86 -50.34 -24.16
N GLY D 16 -18.77 -50.90 -23.36
CA GLY D 16 -18.45 -52.07 -22.56
C GLY D 16 -17.57 -51.80 -21.38
N ARG D 17 -17.20 -50.55 -21.13
CA ARG D 17 -16.37 -50.15 -20.00
C ARG D 17 -17.11 -49.19 -19.07
N GLY D 18 -18.43 -49.29 -19.03
CA GLY D 18 -19.23 -48.53 -18.09
C GLY D 18 -19.45 -47.08 -18.47
N GLU D 19 -19.37 -46.20 -17.48
CA GLU D 19 -19.71 -44.81 -17.67
C GLU D 19 -18.66 -44.10 -18.55
N PRO D 20 -19.05 -43.07 -19.27
CA PRO D 20 -18.08 -42.35 -20.12
C PRO D 20 -17.10 -41.55 -19.27
N ARG D 21 -15.93 -41.32 -19.85
CA ARG D 21 -14.94 -40.46 -19.22
C ARG D 21 -15.38 -39.00 -19.32
N PHE D 22 -15.17 -38.25 -18.24
CA PHE D 22 -15.48 -36.82 -18.25
C PHE D 22 -14.35 -36.08 -17.54
N ILE D 23 -13.70 -35.15 -18.25
CA ILE D 23 -12.64 -34.31 -17.69
C ILE D 23 -12.99 -32.86 -17.92
N ALA D 24 -12.95 -32.06 -16.87
CA ALA D 24 -13.15 -30.62 -16.97
C ALA D 24 -11.94 -29.91 -16.38
N VAL D 25 -11.47 -28.88 -17.06
CA VAL D 25 -10.39 -28.04 -16.56
C VAL D 25 -10.76 -26.59 -16.80
N GLY D 26 -10.36 -25.74 -15.87
CA GLY D 26 -10.58 -24.30 -16.00
C GLY D 26 -9.24 -23.59 -16.04
N TYR D 27 -9.15 -22.57 -16.88
CA TYR D 27 -7.93 -21.78 -17.05
C TYR D 27 -8.26 -20.31 -16.88
N VAL D 28 -7.31 -19.57 -16.32
CA VAL D 28 -7.24 -18.13 -16.48
C VAL D 28 -5.99 -17.86 -17.31
N ASP D 29 -6.18 -17.29 -18.50
CA ASP D 29 -5.11 -17.17 -19.48
C ASP D 29 -4.46 -18.53 -19.69
N ASP D 30 -3.15 -18.64 -19.48
CA ASP D 30 -2.43 -19.89 -19.68
C ASP D 30 -2.17 -20.62 -18.37
N THR D 31 -2.93 -20.32 -17.32
CA THR D 31 -2.75 -20.91 -15.99
C THR D 31 -3.99 -21.70 -15.62
N GLN D 32 -3.85 -23.01 -15.48
CA GLN D 32 -4.96 -23.84 -15.01
C GLN D 32 -5.21 -23.60 -13.53
N PHE D 33 -6.48 -23.65 -13.12
CA PHE D 33 -6.79 -23.45 -11.70
C PHE D 33 -7.78 -24.44 -11.10
N VAL D 34 -8.54 -25.19 -11.89
CA VAL D 34 -9.42 -26.23 -11.35
C VAL D 34 -9.43 -27.43 -12.28
N ARG D 35 -9.82 -28.58 -11.73
CA ARG D 35 -10.01 -29.78 -12.54
C ARG D 35 -11.10 -30.65 -11.91
N PHE D 36 -11.75 -31.44 -12.75
CA PHE D 36 -12.61 -32.55 -12.33
C PHE D 36 -12.29 -33.74 -13.21
N ASP D 37 -12.12 -34.91 -12.60
CA ASP D 37 -11.79 -36.14 -13.32
C ASP D 37 -12.77 -37.21 -12.88
N SER D 38 -13.61 -37.67 -13.81
CA SER D 38 -14.60 -38.70 -13.50
C SER D 38 -13.96 -39.97 -12.96
N ASP D 39 -12.72 -40.27 -13.37
CA ASP D 39 -12.05 -41.48 -12.93
C ASP D 39 -11.31 -41.31 -11.62
N ALA D 40 -11.18 -40.09 -11.10
CA ALA D 40 -10.46 -39.88 -9.85
C ALA D 40 -11.32 -40.26 -8.64
N ALA D 41 -10.65 -40.41 -7.49
CA ALA D 41 -11.33 -40.90 -6.30
C ALA D 41 -12.19 -39.85 -5.63
N SER D 42 -11.79 -38.57 -5.67
CA SER D 42 -12.46 -37.56 -4.86
C SER D 42 -13.88 -37.30 -5.35
N GLN D 43 -14.09 -37.36 -6.67
CA GLN D 43 -15.35 -36.94 -7.28
C GLN D 43 -15.70 -35.50 -6.90
N ARG D 44 -14.67 -34.65 -6.82
CA ARG D 44 -14.82 -33.25 -6.46
C ARG D 44 -14.10 -32.38 -7.48
N MET D 45 -14.60 -31.17 -7.66
CA MET D 45 -13.79 -30.15 -8.31
C MET D 45 -12.60 -29.86 -7.41
N GLU D 46 -11.40 -29.85 -7.99
CA GLU D 46 -10.20 -29.72 -7.17
C GLU D 46 -9.38 -28.51 -7.58
N PRO D 47 -8.67 -27.88 -6.64
CA PRO D 47 -7.79 -26.76 -7.00
C PRO D 47 -6.55 -27.24 -7.72
N ARG D 48 -6.08 -26.41 -8.66
CA ARG D 48 -4.85 -26.66 -9.39
C ARG D 48 -3.98 -25.42 -9.49
N ALA D 49 -4.30 -24.37 -8.73
CA ALA D 49 -3.50 -23.17 -8.64
C ALA D 49 -3.53 -22.73 -7.19
N PRO D 50 -2.41 -22.21 -6.66
CA PRO D 50 -2.41 -21.80 -5.24
C PRO D 50 -3.42 -20.70 -4.93
N TRP D 51 -3.70 -19.79 -5.87
CA TRP D 51 -4.56 -18.66 -5.55
C TRP D 51 -6.05 -19.01 -5.54
N ILE D 52 -6.44 -20.22 -5.96
CA ILE D 52 -7.84 -20.60 -5.85
C ILE D 52 -8.12 -21.37 -4.56
N GLU D 53 -7.07 -21.83 -3.87
CA GLU D 53 -7.27 -22.64 -2.66
C GLU D 53 -7.96 -21.85 -1.55
N GLN D 54 -7.87 -20.51 -1.57
CA GLN D 54 -8.50 -19.70 -0.54
C GLN D 54 -10.02 -19.64 -0.67
N GLU D 55 -10.59 -20.11 -1.78
CA GLU D 55 -12.04 -20.14 -1.90
C GLU D 55 -12.63 -21.07 -0.83
N GLY D 56 -13.77 -20.69 -0.28
CA GLY D 56 -14.33 -21.38 0.86
C GLY D 56 -15.09 -22.62 0.45
N PRO D 57 -15.67 -23.29 1.45
CA PRO D 57 -16.35 -24.56 1.18
C PRO D 57 -17.55 -24.42 0.26
N GLU D 58 -18.26 -23.29 0.30
CA GLU D 58 -19.39 -23.09 -0.60
C GLU D 58 -18.95 -23.07 -2.06
N TYR D 59 -17.76 -22.54 -2.33
CA TYR D 59 -17.21 -22.56 -3.68
C TYR D 59 -17.03 -23.99 -4.17
N TRP D 60 -16.33 -24.81 -3.37
CA TRP D 60 -15.99 -26.16 -3.83
C TRP D 60 -17.22 -27.05 -3.89
N ASP D 61 -18.13 -26.92 -2.92
CA ASP D 61 -19.37 -27.68 -2.99
C ASP D 61 -20.19 -27.27 -4.20
N GLY D 62 -20.30 -25.97 -4.46
CA GLY D 62 -21.10 -25.51 -5.59
C GLY D 62 -20.49 -25.88 -6.92
N GLU D 63 -19.17 -25.73 -7.06
CA GLU D 63 -18.52 -26.09 -8.32
C GLU D 63 -18.54 -27.59 -8.55
N THR D 64 -18.46 -28.39 -7.48
CA THR D 64 -18.62 -29.84 -7.63
C THR D 64 -20.03 -30.19 -8.12
N ARG D 65 -21.04 -29.53 -7.55
CA ARG D 65 -22.42 -29.75 -7.99
C ARG D 65 -22.58 -29.37 -9.47
N LYS D 66 -22.06 -28.22 -9.86
CA LYS D 66 -22.27 -27.76 -11.23
C LYS D 66 -21.44 -28.57 -12.23
N VAL D 67 -20.22 -29.00 -11.84
CA VAL D 67 -19.44 -29.79 -12.79
C VAL D 67 -20.05 -31.17 -12.98
N LYS D 68 -20.68 -31.71 -11.93
CA LYS D 68 -21.40 -32.97 -12.09
C LYS D 68 -22.63 -32.78 -12.96
N ALA D 69 -23.24 -31.59 -12.92
CA ALA D 69 -24.35 -31.29 -13.83
C ALA D 69 -23.85 -31.21 -15.28
N HIS D 70 -22.68 -30.62 -15.50
CA HIS D 70 -22.04 -30.70 -16.80
C HIS D 70 -21.84 -32.14 -17.23
N SER D 71 -21.33 -32.98 -16.30
CA SER D 71 -21.07 -34.37 -16.61
C SER D 71 -22.34 -35.12 -16.99
N GLN D 72 -23.43 -34.87 -16.27
CA GLN D 72 -24.69 -35.56 -16.56
C GLN D 72 -25.22 -35.20 -17.94
N THR D 73 -25.15 -33.91 -18.29
CA THR D 73 -25.59 -33.48 -19.61
C THR D 73 -24.75 -34.13 -20.71
N HIS D 74 -23.43 -34.16 -20.53
CA HIS D 74 -22.59 -34.79 -21.54
C HIS D 74 -22.84 -36.28 -21.65
N ARG D 75 -23.14 -36.94 -20.53
CA ARG D 75 -23.49 -38.35 -20.57
C ARG D 75 -24.70 -38.58 -21.46
N VAL D 76 -25.71 -37.72 -21.35
CA VAL D 76 -26.89 -37.85 -22.21
C VAL D 76 -26.54 -37.49 -23.65
N ASP D 77 -25.72 -36.46 -23.84
CA ASP D 77 -25.38 -35.99 -25.18
C ASP D 77 -24.78 -37.10 -26.04
N LEU D 78 -23.93 -37.94 -25.45
CA LEU D 78 -23.31 -39.01 -26.21
C LEU D 78 -24.37 -39.95 -26.81
N GLY D 79 -25.42 -40.25 -26.04
CA GLY D 79 -26.50 -41.06 -26.56
C GLY D 79 -27.31 -40.32 -27.61
N THR D 80 -27.58 -39.04 -27.38
CA THR D 80 -28.32 -38.25 -28.36
C THR D 80 -27.58 -38.18 -29.69
N LEU D 81 -26.27 -37.96 -29.64
CA LEU D 81 -25.47 -37.84 -30.86
C LEU D 81 -25.41 -39.17 -31.62
N ARG D 82 -25.34 -40.28 -30.89
CA ARG D 82 -25.46 -41.59 -31.53
C ARG D 82 -26.74 -41.68 -32.36
N GLY D 83 -27.85 -41.16 -31.81
CA GLY D 83 -29.09 -41.18 -32.55
C GLY D 83 -29.10 -40.22 -33.73
N TYR D 84 -28.56 -39.01 -33.53
CA TYR D 84 -28.51 -38.02 -34.62
C TYR D 84 -27.76 -38.56 -35.83
N TYR D 85 -26.67 -39.29 -35.59
CA TYR D 85 -25.81 -39.75 -36.67
C TYR D 85 -25.97 -41.24 -36.98
N ASN D 86 -26.96 -41.90 -36.37
CA ASN D 86 -27.23 -43.32 -36.59
C ASN D 86 -25.98 -44.16 -36.39
N GLN D 87 -25.33 -43.97 -35.25
CA GLN D 87 -24.09 -44.67 -34.93
C GLN D 87 -24.36 -45.78 -33.91
N SER D 88 -23.62 -46.88 -34.05
CA SER D 88 -23.83 -48.00 -33.16
C SER D 88 -23.23 -47.74 -31.79
N GLU D 89 -23.65 -48.55 -30.82
CA GLU D 89 -23.12 -48.47 -29.47
C GLU D 89 -21.71 -49.03 -29.35
N ALA D 90 -21.20 -49.68 -30.41
CA ALA D 90 -19.92 -50.38 -30.30
C ALA D 90 -18.73 -49.42 -30.29
N GLY D 91 -18.86 -48.25 -30.89
CA GLY D 91 -17.74 -47.36 -31.09
C GLY D 91 -17.61 -46.29 -30.02
N SER D 92 -16.36 -45.90 -29.74
CA SER D 92 -16.07 -44.80 -28.84
C SER D 92 -16.13 -43.49 -29.61
N HIS D 93 -16.74 -42.48 -28.99
CA HIS D 93 -16.88 -41.15 -29.58
C HIS D 93 -16.49 -40.09 -28.58
N THR D 94 -16.15 -38.91 -29.11
CA THR D 94 -15.57 -37.82 -28.33
C THR D 94 -16.44 -36.58 -28.47
N VAL D 95 -16.84 -36.00 -27.34
CA VAL D 95 -17.50 -34.71 -27.29
C VAL D 95 -16.57 -33.73 -26.58
N GLN D 96 -16.43 -32.53 -27.13
CA GLN D 96 -15.63 -31.49 -26.51
C GLN D 96 -16.43 -30.20 -26.44
N ARG D 97 -16.28 -29.48 -25.33
CA ARG D 97 -16.96 -28.22 -25.13
C ARG D 97 -15.96 -27.24 -24.53
N MET D 98 -16.00 -25.99 -25.01
CA MET D 98 -15.18 -24.93 -24.47
C MET D 98 -16.02 -23.66 -24.42
N TYR D 99 -16.01 -22.99 -23.27
CA TYR D 99 -16.69 -21.71 -23.19
C TYR D 99 -15.92 -20.80 -22.24
N GLY D 100 -16.16 -19.49 -22.40
CA GLY D 100 -15.47 -18.54 -21.56
C GLY D 100 -15.63 -17.13 -22.09
N CYS D 101 -14.87 -16.22 -21.48
CA CYS D 101 -14.96 -14.80 -21.77
C CYS D 101 -13.57 -14.18 -21.77
N ASP D 102 -13.43 -13.12 -22.57
CA ASP D 102 -12.23 -12.30 -22.61
C ASP D 102 -12.56 -10.92 -22.06
N VAL D 103 -11.57 -10.28 -21.41
CA VAL D 103 -11.70 -8.90 -20.98
C VAL D 103 -10.54 -8.09 -21.55
N GLY D 104 -10.81 -6.81 -21.82
CA GLY D 104 -9.82 -5.91 -22.33
C GLY D 104 -8.94 -5.32 -21.24
N SER D 105 -8.14 -4.33 -21.64
CA SER D 105 -7.27 -3.61 -20.71
C SER D 105 -8.08 -2.82 -19.69
N ASP D 106 -9.31 -2.48 -20.02
CA ASP D 106 -10.24 -1.83 -19.11
C ASP D 106 -10.94 -2.82 -18.18
N TRP D 107 -10.54 -4.09 -18.21
CA TRP D 107 -11.13 -5.14 -17.38
C TRP D 107 -12.62 -5.32 -17.67
N ARG D 108 -13.09 -4.80 -18.79
CA ARG D 108 -14.47 -4.93 -19.20
C ARG D 108 -14.63 -5.97 -20.31
N PHE D 109 -15.84 -6.50 -20.43
CA PHE D 109 -16.12 -7.57 -21.37
C PHE D 109 -15.64 -7.24 -22.78
N LEU D 110 -14.85 -8.16 -23.35
CA LEU D 110 -14.37 -8.07 -24.72
C LEU D 110 -15.15 -8.98 -25.68
N ARG D 111 -15.23 -10.27 -25.34
CA ARG D 111 -15.93 -11.25 -26.16
C ARG D 111 -16.23 -12.48 -25.32
N GLY D 112 -17.28 -13.20 -25.71
CA GLY D 112 -17.66 -14.45 -25.10
C GLY D 112 -17.72 -15.53 -26.14
N TYR D 113 -17.65 -16.79 -25.72
CA TYR D 113 -17.68 -17.88 -26.68
C TYR D 113 -18.20 -19.13 -26.01
N HIS D 114 -18.76 -20.02 -26.83
CA HIS D 114 -19.19 -21.34 -26.38
C HIS D 114 -19.18 -22.25 -27.59
N GLN D 115 -18.22 -23.17 -27.64
CA GLN D 115 -17.98 -24.02 -28.80
C GLN D 115 -18.13 -25.48 -28.40
N TYR D 116 -18.66 -26.28 -29.32
CA TYR D 116 -18.98 -27.68 -29.08
C TYR D 116 -18.55 -28.47 -30.30
N ALA D 117 -17.90 -29.61 -30.06
CA ALA D 117 -17.38 -30.44 -31.14
C ALA D 117 -17.75 -31.89 -30.90
N TYR D 118 -17.90 -32.64 -31.99
CA TYR D 118 -18.18 -34.07 -31.94
C TYR D 118 -17.17 -34.79 -32.81
N ASP D 119 -16.47 -35.76 -32.23
CA ASP D 119 -15.43 -36.55 -32.91
C ASP D 119 -14.44 -35.65 -33.64
N GLY D 120 -14.02 -34.57 -32.98
CA GLY D 120 -12.91 -33.77 -33.44
C GLY D 120 -13.23 -32.68 -34.45
N LYS D 121 -14.49 -32.41 -34.75
CA LYS D 121 -14.80 -31.32 -35.67
C LYS D 121 -15.96 -30.50 -35.14
N ASP D 122 -16.03 -29.26 -35.62
CA ASP D 122 -17.05 -28.31 -35.18
C ASP D 122 -18.44 -28.94 -35.27
N TYR D 123 -19.22 -28.76 -34.21
CA TYR D 123 -20.62 -29.18 -34.19
C TYR D 123 -21.52 -27.96 -34.09
N ILE D 124 -21.50 -27.22 -32.98
CA ILE D 124 -22.27 -26.00 -32.87
C ILE D 124 -21.47 -24.99 -32.03
N ALA D 125 -21.63 -23.71 -32.37
CA ALA D 125 -20.85 -22.67 -31.69
C ALA D 125 -21.70 -21.40 -31.61
N LEU D 126 -21.61 -20.73 -30.48
CA LEU D 126 -22.25 -19.43 -30.31
C LEU D 126 -21.48 -18.38 -31.10
N LYS D 127 -22.19 -17.58 -31.90
CA LYS D 127 -21.56 -16.53 -32.68
C LYS D 127 -21.19 -15.36 -31.78
N GLU D 128 -20.38 -14.45 -32.34
CA GLU D 128 -19.81 -13.38 -31.52
C GLU D 128 -20.88 -12.42 -31.01
N ASP D 129 -22.01 -12.30 -31.72
CA ASP D 129 -23.08 -11.44 -31.23
C ASP D 129 -23.81 -12.04 -30.03
N LEU D 130 -23.48 -13.28 -29.66
CA LEU D 130 -24.05 -13.97 -28.52
C LEU D 130 -25.57 -14.12 -28.63
N ARG D 131 -26.09 -14.07 -29.86
CA ARG D 131 -27.53 -14.19 -30.13
C ARG D 131 -27.86 -15.28 -31.13
N SER D 132 -26.88 -15.85 -31.82
CA SER D 132 -27.15 -16.80 -32.88
C SER D 132 -26.11 -17.90 -32.85
N TRP D 133 -26.34 -18.95 -33.65
CA TRP D 133 -25.55 -20.16 -33.63
C TRP D 133 -25.02 -20.49 -35.01
N THR D 134 -23.82 -21.07 -35.05
CA THR D 134 -23.25 -21.66 -36.25
C THR D 134 -23.34 -23.17 -36.10
N ALA D 135 -24.16 -23.82 -36.93
CA ALA D 135 -24.35 -25.26 -36.88
C ALA D 135 -23.63 -25.88 -38.07
N ALA D 136 -22.73 -26.81 -37.79
CA ALA D 136 -21.79 -27.28 -38.81
C ALA D 136 -22.40 -28.29 -39.79
N ASP D 137 -23.47 -28.98 -39.40
CA ASP D 137 -24.09 -29.97 -40.29
C ASP D 137 -25.56 -30.10 -39.91
N MET D 138 -26.24 -31.07 -40.53
CA MET D 138 -27.70 -31.19 -40.34
C MET D 138 -28.05 -31.59 -38.92
N ALA D 139 -27.25 -32.49 -38.31
CA ALA D 139 -27.52 -32.87 -36.93
C ALA D 139 -27.45 -31.67 -36.00
N ALA D 140 -26.43 -30.82 -36.19
CA ALA D 140 -26.30 -29.64 -35.35
C ALA D 140 -27.43 -28.65 -35.58
N GLN D 141 -28.04 -28.65 -36.78
CA GLN D 141 -29.21 -27.83 -37.00
C GLN D 141 -30.38 -28.27 -36.12
N THR D 142 -30.52 -29.59 -35.91
CA THR D 142 -31.52 -30.07 -34.96
C THR D 142 -31.27 -29.50 -33.57
N THR D 143 -30.02 -29.55 -33.12
CA THR D 143 -29.67 -28.93 -31.83
C THR D 143 -29.97 -27.45 -31.83
N LYS D 144 -29.63 -26.75 -32.92
CA LYS D 144 -29.90 -25.32 -33.02
C LYS D 144 -31.38 -25.03 -32.85
N HIS D 145 -32.27 -25.80 -33.50
CA HIS D 145 -33.70 -25.60 -33.32
C HIS D 145 -34.10 -25.73 -31.86
N LYS D 146 -33.62 -26.77 -31.19
CA LYS D 146 -33.99 -27.00 -29.79
C LYS D 146 -33.43 -25.90 -28.89
N TRP D 147 -32.22 -25.44 -29.19
CA TRP D 147 -31.60 -24.40 -28.36
C TRP D 147 -32.23 -23.03 -28.62
N GLU D 148 -32.70 -22.79 -29.84
CA GLU D 148 -33.43 -21.54 -30.11
C GLU D 148 -34.76 -21.53 -29.38
N ALA D 149 -35.50 -22.65 -29.43
CA ALA D 149 -36.79 -22.70 -28.74
C ALA D 149 -36.62 -22.60 -27.23
N ALA D 150 -35.51 -23.10 -26.70
CA ALA D 150 -35.27 -23.08 -25.25
C ALA D 150 -34.50 -21.84 -24.81
N HIS D 151 -34.23 -20.91 -25.72
CA HIS D 151 -33.57 -19.64 -25.39
C HIS D 151 -32.25 -19.86 -24.67
N VAL D 152 -31.49 -20.85 -25.16
CA VAL D 152 -30.20 -21.19 -24.57
C VAL D 152 -29.21 -20.05 -24.71
N ALA D 153 -29.20 -19.37 -25.85
CA ALA D 153 -28.22 -18.31 -26.09
C ALA D 153 -28.41 -17.16 -25.12
N GLU D 154 -29.66 -16.85 -24.77
CA GLU D 154 -29.93 -15.74 -23.85
C GLU D 154 -29.32 -16.01 -22.47
N GLN D 155 -29.46 -17.24 -21.97
CA GLN D 155 -28.85 -17.57 -20.68
C GLN D 155 -27.34 -17.58 -20.77
N LEU D 156 -26.79 -18.11 -21.87
CA LEU D 156 -25.34 -18.11 -22.05
C LEU D 156 -24.79 -16.70 -22.12
N ARG D 157 -25.46 -15.81 -22.85
CA ARG D 157 -24.98 -14.44 -22.95
C ARG D 157 -24.94 -13.77 -21.58
N ALA D 158 -25.97 -14.01 -20.74
CA ALA D 158 -25.96 -13.43 -19.40
C ALA D 158 -24.77 -13.94 -18.59
N TYR D 159 -24.49 -15.23 -18.65
CA TYR D 159 -23.32 -15.79 -17.97
C TYR D 159 -22.03 -15.18 -18.50
N LEU D 160 -21.88 -15.16 -19.83
CA LEU D 160 -20.61 -14.74 -20.41
C LEU D 160 -20.34 -13.26 -20.18
N GLU D 161 -21.38 -12.43 -20.25
CA GLU D 161 -21.17 -10.99 -20.07
C GLU D 161 -21.16 -10.58 -18.60
N GLY D 162 -21.72 -11.40 -17.71
CA GLY D 162 -21.79 -11.02 -16.31
C GLY D 162 -20.95 -11.91 -15.41
N THR D 163 -21.51 -13.06 -15.05
CA THR D 163 -20.86 -13.97 -14.10
C THR D 163 -19.42 -14.28 -14.50
N CYS D 164 -19.21 -14.61 -15.78
CA CYS D 164 -17.88 -14.99 -16.25
C CYS D 164 -16.89 -13.86 -16.02
N VAL D 165 -17.29 -12.63 -16.35
CA VAL D 165 -16.38 -11.49 -16.23
C VAL D 165 -16.18 -11.12 -14.76
N GLU D 166 -17.22 -11.23 -13.95
CA GLU D 166 -17.07 -10.90 -12.53
C GLU D 166 -16.07 -11.83 -11.85
N TRP D 167 -16.16 -13.14 -12.12
CA TRP D 167 -15.25 -14.07 -11.46
C TRP D 167 -13.85 -14.05 -12.06
N LEU D 168 -13.75 -13.79 -13.37
CA LEU D 168 -12.43 -13.59 -13.98
C LEU D 168 -11.71 -12.42 -13.31
N ARG D 169 -12.41 -11.32 -13.06
CA ARG D 169 -11.80 -10.19 -12.38
C ARG D 169 -11.36 -10.57 -10.97
N ARG D 170 -12.19 -11.35 -10.27
CA ARG D 170 -11.85 -11.82 -8.93
C ARG D 170 -10.60 -12.69 -8.95
N TYR D 171 -10.54 -13.66 -9.87
CA TYR D 171 -9.37 -14.54 -9.96
C TYR D 171 -8.12 -13.75 -10.31
N LEU D 172 -8.24 -12.78 -11.22
CA LEU D 172 -7.08 -11.98 -11.62
C LEU D 172 -6.50 -11.21 -10.43
N GLU D 173 -7.35 -10.72 -9.53
CA GLU D 173 -6.83 -10.01 -8.37
C GLU D 173 -6.24 -10.96 -7.36
N ASN D 174 -6.94 -12.07 -7.05
CA ASN D 174 -6.43 -13.01 -6.07
C ASN D 174 -5.13 -13.66 -6.51
N GLY D 175 -4.93 -13.83 -7.82
CA GLY D 175 -3.69 -14.43 -8.28
C GLY D 175 -2.84 -13.47 -9.08
N LYS D 176 -2.94 -12.17 -8.79
CA LYS D 176 -2.28 -11.17 -9.62
C LYS D 176 -0.78 -11.37 -9.65
N GLU D 177 -0.19 -11.86 -8.55
CA GLU D 177 1.25 -12.12 -8.52
C GLU D 177 1.64 -13.12 -9.61
N THR D 178 0.77 -14.09 -9.88
CA THR D 178 0.98 -15.09 -10.93
C THR D 178 0.44 -14.64 -12.29
N LEU D 179 -0.78 -14.09 -12.30
CA LEU D 179 -1.54 -13.87 -13.52
C LEU D 179 -1.25 -12.54 -14.20
N GLN D 180 -1.03 -11.48 -13.43
CA GLN D 180 -0.79 -10.16 -14.01
C GLN D 180 0.68 -9.85 -14.18
N ARG D 181 1.47 -10.87 -14.51
CA ARG D 181 2.90 -10.73 -14.72
C ARG D 181 3.22 -11.02 -16.17
N THR D 182 4.42 -10.62 -16.58
N THR D 182 4.39 -10.55 -16.61
CA THR D 182 4.93 -10.93 -17.91
CA THR D 182 4.95 -10.92 -17.90
C THR D 182 6.41 -11.26 -17.79
C THR D 182 6.40 -11.31 -17.69
N ASP D 183 6.79 -12.47 -18.19
CA ASP D 183 8.17 -12.91 -18.18
C ASP D 183 8.69 -12.84 -19.62
N ALA D 184 9.62 -11.94 -19.88
CA ALA D 184 10.17 -11.82 -21.22
C ALA D 184 11.01 -13.05 -21.55
N PRO D 185 11.00 -13.51 -22.81
CA PRO D 185 11.80 -14.68 -23.16
C PRO D 185 13.30 -14.42 -23.04
N LYS D 186 14.01 -15.42 -22.54
CA LYS D 186 15.47 -15.47 -22.63
C LYS D 186 15.84 -16.14 -23.95
N THR D 187 16.51 -15.40 -24.83
CA THR D 187 16.69 -15.85 -26.20
C THR D 187 18.16 -16.11 -26.53
N HIS D 188 18.37 -17.08 -27.42
CA HIS D 188 19.67 -17.37 -28.00
C HIS D 188 19.46 -18.23 -29.24
N MET D 189 20.52 -18.42 -30.01
CA MET D 189 20.51 -19.31 -31.15
C MET D 189 21.62 -20.33 -31.00
N THR D 190 21.35 -21.57 -31.41
CA THR D 190 22.37 -22.61 -31.43
C THR D 190 22.70 -22.93 -32.88
N HIS D 191 23.93 -23.45 -33.07
CA HIS D 191 24.47 -23.76 -34.39
C HIS D 191 25.08 -25.16 -34.33
N HIS D 192 24.64 -26.05 -35.22
CA HIS D 192 25.21 -27.38 -35.27
C HIS D 192 25.26 -27.88 -36.70
N ALA D 193 26.45 -28.29 -37.14
CA ALA D 193 26.61 -28.86 -38.47
C ALA D 193 25.82 -30.16 -38.57
N VAL D 194 25.11 -30.33 -39.69
CA VAL D 194 24.53 -31.63 -40.01
C VAL D 194 25.34 -32.38 -41.05
N SER D 195 26.37 -31.75 -41.61
CA SER D 195 27.29 -32.31 -42.58
C SER D 195 28.38 -31.26 -42.79
N ASP D 196 29.31 -31.53 -43.70
CA ASP D 196 30.36 -30.55 -43.94
C ASP D 196 29.88 -29.37 -44.77
N HIS D 197 28.63 -29.37 -45.21
CA HIS D 197 28.10 -28.31 -46.04
C HIS D 197 26.77 -27.71 -45.59
N GLU D 198 26.16 -28.22 -44.51
CA GLU D 198 24.92 -27.65 -44.00
C GLU D 198 24.97 -27.58 -42.47
N ALA D 199 24.21 -26.64 -41.91
CA ALA D 199 24.15 -26.45 -40.47
C ALA D 199 22.72 -26.10 -40.05
N THR D 200 22.34 -26.61 -38.88
CA THR D 200 21.05 -26.27 -38.28
C THR D 200 21.20 -25.00 -37.44
N LEU D 201 20.37 -24.01 -37.74
CA LEU D 201 20.25 -22.81 -36.92
C LEU D 201 18.93 -22.93 -36.15
N ARG D 202 19.00 -22.92 -34.82
CA ARG D 202 17.81 -23.05 -33.99
C ARG D 202 17.70 -21.82 -33.10
N CYS D 203 16.59 -21.10 -33.24
CA CYS D 203 16.34 -19.90 -32.44
C CYS D 203 15.49 -20.29 -31.24
N TRP D 204 15.97 -19.94 -30.05
CA TRP D 204 15.37 -20.39 -28.79
C TRP D 204 14.73 -19.22 -28.04
N ALA D 205 13.58 -19.49 -27.45
CA ALA D 205 12.94 -18.59 -26.49
C ALA D 205 12.56 -19.42 -25.27
N LEU D 206 13.00 -18.98 -24.09
CA LEU D 206 12.86 -19.77 -22.86
C LEU D 206 12.31 -18.92 -21.73
N SER D 207 11.60 -19.59 -20.82
CA SER D 207 11.17 -19.01 -19.55
CA SER D 207 11.15 -19.02 -19.55
C SER D 207 10.28 -17.78 -19.74
N PHE D 208 9.37 -17.83 -20.71
CA PHE D 208 8.51 -16.68 -20.96
C PHE D 208 7.08 -16.96 -20.54
N TYR D 209 6.34 -15.88 -20.27
CA TYR D 209 4.92 -15.90 -19.91
C TYR D 209 4.33 -14.56 -20.31
N PRO D 210 3.14 -14.53 -20.92
CA PRO D 210 2.30 -15.69 -21.29
C PRO D 210 2.84 -16.46 -22.49
N ALA D 211 2.08 -17.47 -22.94
CA ALA D 211 2.58 -18.39 -23.95
C ALA D 211 2.64 -17.76 -25.34
N GLU D 212 1.83 -16.74 -25.61
CA GLU D 212 1.79 -16.12 -26.93
C GLU D 212 3.16 -15.55 -27.29
N ILE D 213 3.68 -15.97 -28.45
CA ILE D 213 5.01 -15.55 -28.89
C ILE D 213 5.10 -15.79 -30.39
N THR D 214 5.99 -15.05 -31.06
CA THR D 214 6.26 -15.24 -32.48
C THR D 214 7.76 -15.34 -32.69
N LEU D 215 8.21 -16.43 -33.32
CA LEU D 215 9.58 -16.61 -33.75
C LEU D 215 9.60 -16.73 -35.26
N THR D 216 10.44 -15.95 -35.91
N THR D 216 10.49 -15.97 -35.90
CA THR D 216 10.54 -16.03 -37.36
CA THR D 216 10.56 -15.89 -37.35
C THR D 216 11.99 -15.89 -37.79
C THR D 216 12.02 -15.87 -37.78
N TRP D 217 12.33 -16.60 -38.85
CA TRP D 217 13.65 -16.53 -39.47
C TRP D 217 13.56 -15.68 -40.73
N GLN D 218 14.58 -14.85 -40.95
CA GLN D 218 14.70 -14.11 -42.18
C GLN D 218 16.05 -14.41 -42.82
N ARG D 219 16.07 -14.47 -44.15
CA ARG D 219 17.29 -14.58 -44.94
C ARG D 219 17.38 -13.33 -45.78
N ASP D 220 18.40 -12.50 -45.50
CA ASP D 220 18.52 -11.18 -46.13
C ASP D 220 17.23 -10.38 -45.97
N GLY D 221 16.57 -10.53 -44.82
CA GLY D 221 15.36 -9.80 -44.57
C GLY D 221 14.09 -10.41 -45.11
N GLU D 222 14.15 -11.56 -45.77
CA GLU D 222 12.95 -12.21 -46.29
C GLU D 222 12.54 -13.36 -45.39
N ASP D 223 11.27 -13.39 -44.99
CA ASP D 223 10.77 -14.45 -44.14
C ASP D 223 10.95 -15.81 -44.81
N GLN D 224 11.37 -16.79 -44.02
CA GLN D 224 11.61 -18.15 -44.50
C GLN D 224 10.55 -19.11 -43.98
N THR D 225 9.28 -18.76 -44.17
CA THR D 225 8.19 -19.49 -43.50
C THR D 225 8.19 -20.97 -43.87
N GLN D 226 8.19 -21.28 -45.18
CA GLN D 226 8.07 -22.66 -45.60
C GLN D 226 9.30 -23.50 -45.28
N ASP D 227 10.44 -22.87 -45.01
CA ASP D 227 11.66 -23.60 -44.70
C ASP D 227 11.95 -23.64 -43.20
N THR D 228 11.05 -23.11 -42.38
CA THR D 228 11.25 -23.04 -40.94
C THR D 228 10.51 -24.19 -40.27
N GLU D 229 11.21 -24.92 -39.40
CA GLU D 229 10.56 -25.87 -38.51
C GLU D 229 10.22 -25.15 -37.22
N LEU D 230 8.93 -25.06 -36.92
CA LEU D 230 8.43 -24.31 -35.77
C LEU D 230 7.70 -25.30 -34.87
N VAL D 231 8.22 -25.53 -33.66
CA VAL D 231 7.60 -26.48 -32.75
C VAL D 231 6.49 -25.77 -31.98
N GLU D 232 5.53 -26.58 -31.50
CA GLU D 232 4.46 -26.06 -30.68
C GLU D 232 5.02 -25.49 -29.37
N THR D 233 4.51 -24.33 -28.98
CA THR D 233 4.88 -23.74 -27.70
C THR D 233 4.58 -24.72 -26.58
N ARG D 234 5.55 -24.94 -25.69
CA ARG D 234 5.48 -26.03 -24.75
C ARG D 234 5.70 -25.53 -23.33
N PRO D 235 5.05 -26.16 -22.35
CA PRO D 235 5.24 -25.74 -20.95
C PRO D 235 6.55 -26.27 -20.38
N ALA D 236 7.23 -25.41 -19.62
CA ALA D 236 8.42 -25.85 -18.92
C ALA D 236 8.10 -26.64 -17.66
N GLY D 237 6.87 -26.51 -17.15
CA GLY D 237 6.45 -27.14 -15.92
C GLY D 237 6.42 -26.22 -14.71
N ASP D 238 7.05 -25.05 -14.81
CA ASP D 238 7.13 -24.11 -13.71
C ASP D 238 6.24 -22.89 -13.92
N GLY D 239 5.30 -22.95 -14.87
CA GLY D 239 4.48 -21.81 -15.18
C GLY D 239 4.98 -20.94 -16.31
N THR D 240 6.13 -21.26 -16.89
CA THR D 240 6.65 -20.55 -18.06
C THR D 240 6.63 -21.48 -19.26
N PHE D 241 6.95 -20.92 -20.42
CA PHE D 241 6.85 -21.64 -21.69
C PHE D 241 8.15 -21.53 -22.46
N GLN D 242 8.27 -22.41 -23.46
CA GLN D 242 9.44 -22.50 -24.32
C GLN D 242 8.97 -22.67 -25.75
N LYS D 243 9.82 -22.25 -26.70
CA LYS D 243 9.55 -22.46 -28.11
C LYS D 243 10.84 -22.31 -28.88
N TRP D 244 10.96 -23.03 -29.99
CA TRP D 244 12.08 -22.82 -30.88
C TRP D 244 11.65 -22.96 -32.33
N ALA D 245 12.48 -22.39 -33.21
CA ALA D 245 12.31 -22.43 -34.65
C ALA D 245 13.65 -22.70 -35.28
N ALA D 246 13.68 -23.56 -36.30
CA ALA D 246 14.94 -24.00 -36.89
C ALA D 246 14.90 -23.88 -38.41
N VAL D 247 16.06 -23.60 -38.98
CA VAL D 247 16.27 -23.68 -40.42
C VAL D 247 17.57 -24.43 -40.65
N VAL D 248 17.65 -25.13 -41.78
CA VAL D 248 18.88 -25.80 -42.20
C VAL D 248 19.46 -24.98 -43.35
N VAL D 249 20.69 -24.51 -43.19
CA VAL D 249 21.25 -23.54 -44.13
C VAL D 249 22.58 -24.06 -44.65
N PRO D 250 23.00 -23.62 -45.83
CA PRO D 250 24.34 -23.96 -46.31
C PRO D 250 25.41 -23.32 -45.41
N SER D 251 26.41 -24.11 -45.05
CA SER D 251 27.53 -23.61 -44.25
C SER D 251 28.18 -22.43 -44.95
N GLY D 252 28.43 -21.36 -44.20
CA GLY D 252 28.98 -20.14 -44.72
C GLY D 252 27.97 -19.03 -44.91
N GLN D 253 26.68 -19.35 -44.95
CA GLN D 253 25.64 -18.36 -45.14
C GLN D 253 25.00 -17.91 -43.84
N GLU D 254 25.59 -18.28 -42.69
CA GLU D 254 24.94 -18.01 -41.40
C GLU D 254 24.63 -16.53 -41.24
N GLN D 255 25.53 -15.66 -41.69
CA GLN D 255 25.36 -14.22 -41.48
C GLN D 255 24.18 -13.64 -42.24
N ARG D 256 23.63 -14.37 -43.21
CA ARG D 256 22.42 -13.91 -43.90
C ARG D 256 21.16 -14.11 -43.07
N TYR D 257 21.20 -14.99 -42.06
CA TYR D 257 20.01 -15.41 -41.34
C TYR D 257 19.90 -14.67 -40.02
N THR D 258 18.69 -14.19 -39.73
CA THR D 258 18.41 -13.52 -38.47
C THR D 258 17.13 -14.11 -37.89
N CYS D 259 17.09 -14.20 -36.56
CA CYS D 259 15.89 -14.64 -35.88
C CYS D 259 15.22 -13.45 -35.21
N HIS D 260 13.88 -13.42 -35.29
CA HIS D 260 13.11 -12.29 -34.80
C HIS D 260 12.08 -12.80 -33.81
N VAL D 261 12.07 -12.19 -32.62
CA VAL D 261 11.26 -12.64 -31.49
C VAL D 261 10.32 -11.51 -31.08
N GLN D 262 9.03 -11.82 -31.01
CA GLN D 262 8.02 -10.88 -30.55
C GLN D 262 7.31 -11.48 -29.35
N HIS D 263 7.24 -10.71 -28.26
CA HIS D 263 6.57 -11.14 -27.04
C HIS D 263 6.17 -9.89 -26.27
N GLU D 264 5.02 -9.95 -25.62
CA GLU D 264 4.52 -8.75 -24.95
C GLU D 264 5.42 -8.32 -23.80
N GLY D 265 6.31 -9.19 -23.32
CA GLY D 265 7.24 -8.80 -22.29
C GLY D 265 8.50 -8.13 -22.77
N LEU D 266 8.72 -8.10 -24.08
CA LEU D 266 9.86 -7.39 -24.66
C LEU D 266 9.51 -5.94 -24.90
N PRO D 267 10.38 -4.99 -24.51
CA PRO D 267 10.11 -3.57 -24.85
C PRO D 267 9.87 -3.36 -26.33
N LYS D 268 10.66 -4.02 -27.18
CA LYS D 268 10.46 -4.03 -28.62
C LYS D 268 10.97 -5.35 -29.17
N PRO D 269 10.53 -5.75 -30.36
CA PRO D 269 10.96 -7.06 -30.89
C PRO D 269 12.48 -7.17 -30.97
N LEU D 270 12.97 -8.38 -30.71
CA LEU D 270 14.40 -8.66 -30.71
C LEU D 270 14.82 -9.28 -32.03
N THR D 271 16.01 -8.89 -32.50
CA THR D 271 16.64 -9.52 -33.64
C THR D 271 17.95 -10.14 -33.18
N LEU D 272 18.09 -11.44 -33.40
CA LEU D 272 19.32 -12.16 -33.07
C LEU D 272 20.08 -12.46 -34.36
N ARG D 273 21.40 -12.27 -34.31
CA ARG D 273 22.24 -12.35 -35.50
C ARG D 273 23.44 -13.24 -35.23
N TRP D 274 24.08 -13.69 -36.31
CA TRP D 274 25.28 -14.50 -36.22
C TRP D 274 26.56 -13.70 -36.41
N GLU D 275 26.50 -12.38 -36.21
CA GLU D 275 27.67 -11.53 -36.38
C GLU D 275 27.53 -10.31 -35.49
N MET E 1 -13.42 -41.68 -39.28
CA MET E 1 -13.31 -40.79 -38.13
C MET E 1 -12.01 -40.00 -38.18
N ILE E 2 -12.07 -38.74 -37.70
CA ILE E 2 -10.88 -37.90 -37.63
C ILE E 2 -9.83 -38.55 -36.74
N GLN E 3 -8.59 -38.54 -37.21
CA GLN E 3 -7.44 -38.99 -36.43
C GLN E 3 -6.31 -38.00 -36.67
N ARG E 4 -5.65 -37.59 -35.59
CA ARG E 4 -4.52 -36.66 -35.68
C ARG E 4 -3.34 -37.22 -34.89
N THR E 5 -2.17 -37.18 -35.51
CA THR E 5 -0.97 -37.79 -34.95
C THR E 5 -0.39 -36.91 -33.84
N PRO E 6 0.05 -37.50 -32.74
CA PRO E 6 0.70 -36.69 -31.69
C PRO E 6 2.03 -36.12 -32.16
N LYS E 7 2.24 -34.85 -31.81
CA LYS E 7 3.54 -34.21 -31.94
C LYS E 7 4.26 -34.30 -30.59
N ILE E 8 5.44 -34.92 -30.57
CA ILE E 8 6.12 -35.30 -29.34
C ILE E 8 7.36 -34.44 -29.18
N GLN E 9 7.52 -33.85 -28.00
CA GLN E 9 8.72 -33.10 -27.64
C GLN E 9 9.25 -33.62 -26.31
N VAL E 10 10.54 -33.93 -26.26
CA VAL E 10 11.22 -34.38 -25.05
C VAL E 10 12.30 -33.37 -24.71
N TYR E 11 12.32 -32.90 -23.46
CA TYR E 11 13.16 -31.77 -23.11
C TYR E 11 13.20 -31.63 -21.60
N SER E 12 14.20 -30.90 -21.12
CA SER E 12 14.33 -30.60 -19.70
C SER E 12 13.75 -29.22 -19.40
N ARG E 13 13.32 -29.03 -18.14
CA ARG E 13 12.77 -27.75 -17.73
C ARG E 13 13.85 -26.66 -17.79
N HIS E 14 15.04 -26.96 -17.30
CA HIS E 14 16.18 -26.06 -17.25
C HIS E 14 17.31 -26.62 -18.10
N PRO E 15 18.24 -25.79 -18.54
CA PRO E 15 19.44 -26.30 -19.22
C PRO E 15 20.10 -27.40 -18.40
N ALA E 16 20.47 -28.49 -19.06
CA ALA E 16 20.95 -29.67 -18.36
C ALA E 16 22.39 -29.49 -17.92
N GLU E 17 22.65 -29.81 -16.65
CA GLU E 17 24.00 -29.86 -16.09
C GLU E 17 24.17 -31.19 -15.37
N ASN E 18 25.24 -31.91 -15.69
CA ASN E 18 25.47 -33.21 -15.08
C ASN E 18 25.54 -33.08 -13.55
N GLY E 19 24.73 -33.86 -12.86
CA GLY E 19 24.71 -33.86 -11.41
C GLY E 19 23.80 -32.84 -10.76
N LYS E 20 23.05 -32.06 -11.53
CA LYS E 20 22.14 -31.05 -11.01
C LYS E 20 20.71 -31.48 -11.24
N SER E 21 19.90 -31.49 -10.17
CA SER E 21 18.51 -31.91 -10.27
CA SER E 21 18.51 -31.91 -10.27
C SER E 21 17.76 -31.05 -11.28
N ASN E 22 16.86 -31.67 -12.02
CA ASN E 22 16.15 -31.02 -13.11
C ASN E 22 14.78 -31.69 -13.26
N PHE E 23 14.05 -31.33 -14.31
CA PHE E 23 12.78 -31.97 -14.61
C PHE E 23 12.78 -32.38 -16.08
N LEU E 24 12.41 -33.63 -16.34
CA LEU E 24 12.31 -34.17 -17.68
C LEU E 24 10.85 -34.10 -18.14
N ASN E 25 10.62 -33.49 -19.30
CA ASN E 25 9.28 -33.28 -19.84
C ASN E 25 9.09 -34.05 -21.13
N CYS E 26 7.90 -34.61 -21.30
CA CYS E 26 7.44 -35.11 -22.60
C CYS E 26 6.11 -34.45 -22.87
N TYR E 27 6.10 -33.52 -23.82
CA TYR E 27 4.91 -32.79 -24.20
C TYR E 27 4.37 -33.39 -25.47
N VAL E 28 3.13 -33.89 -25.42
N VAL E 28 3.09 -33.77 -25.45
CA VAL E 28 2.47 -34.45 -26.59
CA VAL E 28 2.43 -34.46 -26.55
C VAL E 28 1.27 -33.55 -26.89
C VAL E 28 1.20 -33.67 -26.93
N SER E 29 1.18 -33.11 -28.14
CA SER E 29 0.11 -32.21 -28.56
C SER E 29 -0.39 -32.60 -29.94
N GLY E 30 -1.53 -32.02 -30.30
CA GLY E 30 -2.08 -32.15 -31.63
C GLY E 30 -2.72 -33.49 -31.95
N PHE E 31 -3.06 -34.30 -30.95
CA PHE E 31 -3.57 -35.63 -31.24
C PHE E 31 -5.07 -35.73 -31.03
N HIS E 32 -5.66 -36.71 -31.72
CA HIS E 32 -7.08 -37.01 -31.67
C HIS E 32 -7.26 -38.42 -32.24
N PRO E 33 -8.03 -39.29 -31.58
CA PRO E 33 -8.78 -39.08 -30.33
C PRO E 33 -7.89 -39.06 -29.09
N SER E 34 -8.49 -39.10 -27.90
CA SER E 34 -7.78 -38.77 -26.68
C SER E 34 -7.00 -39.93 -26.06
N ASP E 35 -7.31 -41.17 -26.40
CA ASP E 35 -6.58 -42.31 -25.84
C ASP E 35 -5.13 -42.29 -26.31
N ILE E 36 -4.20 -42.33 -25.36
CA ILE E 36 -2.78 -42.24 -25.68
C ILE E 36 -1.98 -42.85 -24.55
N GLU E 37 -0.86 -43.48 -24.90
CA GLU E 37 0.07 -44.04 -23.92
C GLU E 37 1.38 -43.28 -24.01
N VAL E 38 1.84 -42.75 -22.88
CA VAL E 38 3.08 -41.99 -22.82
C VAL E 38 3.92 -42.54 -21.68
N ASP E 39 5.18 -42.87 -21.96
CA ASP E 39 6.12 -43.34 -20.95
C ASP E 39 7.43 -42.58 -21.09
N LEU E 40 8.00 -42.20 -19.95
CA LEU E 40 9.36 -41.70 -19.93
C LEU E 40 10.31 -42.86 -19.68
N LEU E 41 11.39 -42.89 -20.45
CA LEU E 41 12.34 -44.00 -20.42
C LEU E 41 13.70 -43.52 -19.93
N LYS E 42 14.34 -44.33 -19.09
CA LYS E 42 15.72 -44.12 -18.68
C LYS E 42 16.50 -45.36 -19.08
N ASN E 43 17.42 -45.19 -20.02
CA ASN E 43 18.20 -46.31 -20.57
C ASN E 43 17.28 -47.42 -21.07
N GLY E 44 16.22 -47.04 -21.77
CA GLY E 44 15.28 -47.98 -22.34
C GLY E 44 14.25 -48.53 -21.37
N GLU E 45 14.34 -48.19 -20.09
CA GLU E 45 13.48 -48.72 -19.06
C GLU E 45 12.43 -47.70 -18.64
N ARG E 46 11.20 -48.17 -18.45
CA ARG E 46 10.09 -47.28 -18.09
C ARG E 46 10.32 -46.66 -16.70
N ILE E 47 10.20 -45.35 -16.63
CA ILE E 47 10.24 -44.65 -15.34
C ILE E 47 8.88 -44.78 -14.68
N GLU E 48 8.87 -45.24 -13.44
CA GLU E 48 7.61 -45.62 -12.80
C GLU E 48 6.85 -44.43 -12.26
N LYS E 49 7.54 -43.47 -11.65
CA LYS E 49 6.86 -42.34 -10.98
C LYS E 49 6.91 -41.12 -11.89
N VAL E 50 5.93 -41.06 -12.79
CA VAL E 50 5.76 -39.96 -13.74
C VAL E 50 4.36 -39.38 -13.54
N GLU E 51 4.29 -38.06 -13.39
CA GLU E 51 3.02 -37.36 -13.31
C GLU E 51 2.65 -36.79 -14.67
N HIS E 52 1.37 -36.44 -14.82
CA HIS E 52 0.91 -35.83 -16.05
C HIS E 52 -0.15 -34.79 -15.78
N SER E 53 -0.25 -33.83 -16.70
CA SER E 53 -1.24 -32.77 -16.61
C SER E 53 -2.64 -33.33 -16.87
N ASP E 54 -3.64 -32.52 -16.55
CA ASP E 54 -5.01 -32.85 -16.84
C ASP E 54 -5.30 -32.63 -18.32
N LEU E 55 -6.03 -33.57 -18.92
CA LEU E 55 -6.29 -33.51 -20.36
C LEU E 55 -7.01 -32.22 -20.74
N SER E 56 -6.47 -31.54 -21.75
CA SER E 56 -7.08 -30.33 -22.30
C SER E 56 -6.86 -30.33 -23.81
N PHE E 57 -7.30 -29.27 -24.46
CA PHE E 57 -7.22 -29.25 -25.92
C PHE E 57 -7.12 -27.82 -26.43
N SER E 58 -6.67 -27.69 -27.67
CA SER E 58 -6.41 -26.41 -28.30
C SER E 58 -7.62 -25.95 -29.11
N LYS E 59 -7.48 -24.79 -29.75
CA LYS E 59 -8.58 -24.21 -30.51
C LYS E 59 -9.10 -25.17 -31.58
N ASP E 60 -8.20 -25.93 -32.22
CA ASP E 60 -8.59 -26.85 -33.29
C ASP E 60 -9.10 -28.19 -32.76
N TRP E 61 -9.33 -28.30 -31.46
CA TRP E 61 -9.88 -29.46 -30.73
C TRP E 61 -8.83 -30.54 -30.49
N SER E 62 -7.60 -30.38 -30.96
CA SER E 62 -6.59 -31.42 -30.74
C SER E 62 -6.11 -31.38 -29.30
N PHE E 63 -5.83 -32.55 -28.74
CA PHE E 63 -5.51 -32.68 -27.33
C PHE E 63 -4.01 -32.45 -27.08
N TYR E 64 -3.70 -32.10 -25.83
CA TYR E 64 -2.31 -32.02 -25.39
C TYR E 64 -2.19 -32.48 -23.94
N LEU E 65 -1.03 -33.03 -23.61
CA LEU E 65 -0.71 -33.58 -22.30
C LEU E 65 0.77 -33.36 -22.02
N LEU E 66 1.11 -33.04 -20.78
CA LEU E 66 2.50 -32.97 -20.34
C LEU E 66 2.77 -34.11 -19.37
N TYR E 67 3.76 -34.93 -19.68
CA TYR E 67 4.27 -35.94 -18.76
C TYR E 67 5.63 -35.48 -18.25
N TYR E 68 5.85 -35.64 -16.94
CA TYR E 68 7.06 -35.04 -16.37
C TYR E 68 7.50 -35.79 -15.13
N THR E 69 8.81 -35.76 -14.89
CA THR E 69 9.38 -36.39 -13.72
C THR E 69 10.66 -35.65 -13.34
N GLU E 70 11.01 -35.73 -12.06
CA GLU E 70 12.26 -35.18 -11.60
C GLU E 70 13.40 -36.10 -12.01
N PHE E 71 14.51 -35.52 -12.44
CA PHE E 71 15.66 -36.34 -12.81
C PHE E 71 16.94 -35.51 -12.65
N THR E 72 18.04 -36.23 -12.53
CA THR E 72 19.37 -35.63 -12.43
C THR E 72 20.19 -36.16 -13.60
N PRO E 73 20.43 -35.35 -14.62
CA PRO E 73 21.17 -35.85 -15.80
C PRO E 73 22.59 -36.27 -15.43
N THR E 74 23.08 -37.26 -16.15
CA THR E 74 24.46 -37.70 -16.06
C THR E 74 25.03 -37.79 -17.47
N GLU E 75 26.32 -38.12 -17.56
CA GLU E 75 26.95 -38.30 -18.86
C GLU E 75 26.38 -39.50 -19.60
N LYS E 76 26.15 -40.61 -18.88
CA LYS E 76 25.86 -41.89 -19.50
C LYS E 76 24.38 -42.17 -19.68
N ASP E 77 23.53 -41.67 -18.78
CA ASP E 77 22.12 -42.02 -18.81
C ASP E 77 21.42 -41.42 -20.02
N GLU E 78 20.73 -42.28 -20.78
CA GLU E 78 19.97 -41.87 -21.94
C GLU E 78 18.48 -41.84 -21.58
N TYR E 79 17.82 -40.73 -21.93
CA TYR E 79 16.40 -40.57 -21.65
C TYR E 79 15.61 -40.43 -22.94
N ALA E 80 14.34 -40.85 -22.89
CA ALA E 80 13.49 -40.83 -24.07
C ALA E 80 12.04 -40.82 -23.64
N CYS E 81 11.16 -40.64 -24.61
CA CYS E 81 9.72 -40.68 -24.41
C CYS E 81 9.13 -41.63 -25.45
N ARG E 82 8.31 -42.56 -25.00
CA ARG E 82 7.68 -43.55 -25.85
C ARG E 82 6.18 -43.29 -25.88
N VAL E 83 5.63 -43.11 -27.07
CA VAL E 83 4.24 -42.72 -27.25
C VAL E 83 3.58 -43.74 -28.17
N ASN E 84 2.40 -44.22 -27.80
CA ASN E 84 1.57 -45.01 -28.68
C ASN E 84 0.19 -44.37 -28.79
N HIS E 85 -0.39 -44.47 -29.98
CA HIS E 85 -1.63 -43.81 -30.34
C HIS E 85 -2.16 -44.53 -31.58
N VAL E 86 -3.46 -44.40 -31.82
CA VAL E 86 -4.06 -45.14 -32.92
C VAL E 86 -3.42 -44.77 -34.26
N THR E 87 -2.88 -43.54 -34.38
CA THR E 87 -2.25 -43.09 -35.61
C THR E 87 -0.84 -43.65 -35.81
N LEU E 88 -0.30 -44.37 -34.83
CA LEU E 88 1.05 -44.91 -34.89
C LEU E 88 0.99 -46.43 -35.03
N SER E 89 1.65 -46.96 -36.05
CA SER E 89 1.64 -48.41 -36.24
C SER E 89 2.34 -49.14 -35.09
N GLN E 90 3.38 -48.54 -34.52
CA GLN E 90 4.07 -49.04 -33.35
C GLN E 90 4.44 -47.85 -32.49
N PRO E 91 4.80 -48.07 -31.23
CA PRO E 91 5.21 -46.95 -30.38
C PRO E 91 6.33 -46.15 -31.02
N LYS E 92 6.25 -44.83 -30.88
CA LYS E 92 7.29 -43.93 -31.36
C LYS E 92 8.14 -43.52 -30.17
N ILE E 93 9.46 -43.65 -30.31
CA ILE E 93 10.40 -43.30 -29.26
C ILE E 93 11.17 -42.08 -29.72
N VAL E 94 11.11 -41.02 -28.92
CA VAL E 94 11.84 -39.78 -29.18
C VAL E 94 12.90 -39.64 -28.10
N LYS E 95 14.17 -39.58 -28.50
CA LYS E 95 15.26 -39.50 -27.55
C LYS E 95 15.48 -38.06 -27.09
N TRP E 96 15.80 -37.91 -25.81
CA TRP E 96 16.19 -36.61 -25.29
C TRP E 96 17.54 -36.21 -25.86
N ASP E 97 17.60 -35.02 -26.45
CA ASP E 97 18.82 -34.50 -27.05
C ASP E 97 19.11 -33.16 -26.37
N ARG E 98 20.08 -33.16 -25.46
CA ARG E 98 20.35 -31.98 -24.64
C ARG E 98 21.18 -30.92 -25.36
N ASP E 99 21.63 -31.19 -26.58
CA ASP E 99 22.51 -30.27 -27.30
C ASP E 99 21.76 -29.47 -28.37
N MET E 100 20.44 -29.46 -28.32
CA MET E 100 19.66 -28.74 -29.32
C MET E 100 19.69 -27.23 -29.10
N ILE F 1 -16.00 -19.18 -12.12
CA ILE F 1 -16.90 -20.29 -11.82
C ILE F 1 -17.60 -20.77 -13.08
N LEU F 2 -18.13 -21.99 -13.01
CA LEU F 2 -18.85 -22.58 -14.12
C LEU F 2 -20.19 -21.89 -14.36
N ASN F 3 -20.72 -22.09 -15.57
CA ASN F 3 -22.10 -21.74 -15.82
C ASN F 3 -23.03 -22.73 -15.12
N ALA F 4 -24.18 -22.24 -14.66
CA ALA F 4 -25.09 -23.06 -13.88
C ALA F 4 -26.09 -23.84 -14.72
N MET F 5 -26.29 -23.45 -15.97
CA MET F 5 -27.25 -24.10 -16.86
C MET F 5 -26.50 -24.73 -18.02
N ILE F 6 -26.78 -26.02 -18.27
CA ILE F 6 -26.12 -26.76 -19.36
C ILE F 6 -27.18 -27.56 -20.11
N THR F 7 -27.75 -26.98 -21.16
CA THR F 7 -28.84 -27.61 -21.87
C THR F 7 -28.34 -28.70 -22.81
N LYS F 8 -29.05 -29.83 -22.85
CA LYS F 8 -28.66 -30.96 -23.66
C LYS F 8 -28.71 -30.62 -25.15
N ILE F 9 -27.83 -31.25 -25.93
CA ILE F 9 -27.86 -31.04 -27.38
C ILE F 9 -29.00 -31.83 -27.99
N GLY G 1 -22.95 -3.15 -9.18
CA GLY G 1 -21.85 -3.48 -10.07
C GLY G 1 -20.54 -2.84 -9.65
N SER G 2 -19.73 -2.45 -10.62
CA SER G 2 -18.46 -1.80 -10.34
C SER G 2 -18.67 -0.32 -10.04
N HIS G 3 -17.67 0.30 -9.43
CA HIS G 3 -17.73 1.70 -9.05
C HIS G 3 -16.40 2.38 -9.34
N SER G 4 -16.45 3.71 -9.41
CA SER G 4 -15.26 4.49 -9.73
C SER G 4 -15.31 5.80 -8.96
N MET G 5 -14.13 6.32 -8.64
CA MET G 5 -13.97 7.71 -8.20
C MET G 5 -13.02 8.38 -9.19
N ARG G 6 -13.42 9.53 -9.71
CA ARG G 6 -12.62 10.22 -10.71
C ARG G 6 -12.65 11.71 -10.42
N TYR G 7 -11.48 12.34 -10.56
CA TYR G 7 -11.35 13.79 -10.50
C TYR G 7 -10.98 14.29 -11.88
N PHE G 8 -11.62 15.38 -12.29
CA PHE G 8 -11.41 15.99 -13.60
C PHE G 8 -10.95 17.42 -13.40
N PHE G 9 -9.85 17.80 -14.06
CA PHE G 9 -9.26 19.11 -13.90
C PHE G 9 -9.12 19.76 -15.28
N THR G 10 -9.62 20.99 -15.40
CA THR G 10 -9.50 21.76 -16.64
C THR G 10 -8.77 23.06 -16.36
N SER G 11 -7.73 23.32 -17.15
CA SER G 11 -6.87 24.49 -16.98
C SER G 11 -6.77 25.19 -18.33
N VAL G 12 -7.11 26.47 -18.37
CA VAL G 12 -7.21 27.21 -19.62
C VAL G 12 -6.45 28.53 -19.48
N SER G 13 -5.44 28.73 -20.32
CA SER G 13 -4.76 30.02 -20.31
C SER G 13 -5.63 31.09 -20.94
N ARG G 14 -5.49 32.31 -20.44
CA ARG G 14 -6.31 33.45 -20.86
C ARG G 14 -5.39 34.61 -21.18
N PRO G 15 -4.85 34.66 -22.40
CA PRO G 15 -3.84 35.68 -22.73
C PRO G 15 -4.38 37.10 -22.55
N GLY G 16 -3.61 37.91 -21.82
CA GLY G 16 -3.99 39.27 -21.54
C GLY G 16 -5.09 39.45 -20.53
N ARG G 17 -5.59 38.35 -19.94
CA ARG G 17 -6.65 38.40 -18.95
C ARG G 17 -6.22 37.84 -17.60
N GLY G 18 -4.92 37.92 -17.29
CA GLY G 18 -4.46 37.54 -15.98
C GLY G 18 -4.36 36.05 -15.77
N GLU G 19 -4.83 35.58 -14.61
CA GLU G 19 -4.65 34.20 -14.20
C GLU G 19 -5.45 33.25 -15.09
N PRO G 20 -4.97 32.03 -15.27
CA PRO G 20 -5.73 31.05 -16.06
C PRO G 20 -6.95 30.54 -15.30
N ARG G 21 -7.91 30.02 -16.06
CA ARG G 21 -9.06 29.37 -15.47
C ARG G 21 -8.66 27.99 -14.96
N PHE G 22 -9.18 27.62 -13.78
CA PHE G 22 -8.95 26.29 -13.23
C PHE G 22 -10.24 25.77 -12.64
N ILE G 23 -10.71 24.63 -13.15
CA ILE G 23 -11.93 23.98 -12.67
C ILE G 23 -11.60 22.54 -12.30
N ALA G 24 -11.97 22.14 -11.10
CA ALA G 24 -11.83 20.76 -10.65
C ALA G 24 -13.20 20.23 -10.23
N VAL G 25 -13.52 19.01 -10.66
CA VAL G 25 -14.75 18.35 -10.24
C VAL G 25 -14.41 16.92 -9.86
N GLY G 26 -15.09 16.39 -8.87
CA GLY G 26 -14.93 15.01 -8.44
C GLY G 26 -16.23 14.24 -8.62
N TYR G 27 -16.12 13.00 -9.06
CA TYR G 27 -17.27 12.13 -9.29
C TYR G 27 -17.08 10.81 -8.58
N VAL G 28 -18.17 10.26 -8.07
CA VAL G 28 -18.30 8.85 -7.77
C VAL G 28 -19.28 8.28 -8.79
N ASP G 29 -18.81 7.37 -9.63
CA ASP G 29 -19.60 6.90 -10.77
C ASP G 29 -20.08 8.10 -11.58
N ASP G 30 -21.40 8.22 -11.78
CA ASP G 30 -21.97 9.33 -12.54
C ASP G 30 -22.54 10.42 -11.65
N THR G 31 -22.12 10.51 -10.40
CA THR G 31 -22.62 11.50 -9.45
C THR G 31 -21.49 12.42 -9.04
N GLN G 32 -21.61 13.70 -9.39
CA GLN G 32 -20.62 14.67 -8.95
C GLN G 32 -20.80 14.95 -7.46
N PHE G 33 -19.69 15.17 -6.76
CA PHE G 33 -19.78 15.45 -5.33
C PHE G 33 -18.93 16.62 -4.84
N VAL G 34 -17.93 17.09 -5.58
CA VAL G 34 -17.18 18.28 -5.19
C VAL G 34 -16.86 19.10 -6.44
N ARG G 35 -16.58 20.38 -6.20
CA ARG G 35 -16.12 21.27 -7.27
C ARG G 35 -15.20 22.33 -6.68
N PHE G 36 -14.29 22.82 -7.52
CA PHE G 36 -13.53 24.03 -7.25
C PHE G 36 -13.50 24.85 -8.53
N ASP G 37 -13.79 26.15 -8.41
CA ASP G 37 -13.83 27.04 -9.56
C ASP G 37 -12.97 28.27 -9.23
N SER G 38 -11.88 28.43 -9.98
CA SER G 38 -10.97 29.54 -9.74
C SER G 38 -11.67 30.90 -9.85
N ASP G 39 -12.71 31.00 -10.67
CA ASP G 39 -13.38 32.28 -10.87
C ASP G 39 -14.48 32.54 -9.84
N ALA G 40 -14.84 31.56 -9.01
CA ALA G 40 -15.87 31.78 -8.01
C ALA G 40 -15.32 32.58 -6.84
N ALA G 41 -16.24 33.12 -6.03
CA ALA G 41 -15.85 34.00 -4.94
C ALA G 41 -15.30 33.24 -3.73
N SER G 42 -15.80 32.02 -3.48
CA SER G 42 -15.48 31.33 -2.23
C SER G 42 -14.01 30.93 -2.15
N GLN G 43 -13.40 30.57 -3.28
CA GLN G 43 -12.05 30.01 -3.31
C GLN G 43 -11.94 28.78 -2.41
N ARG G 44 -13.00 27.97 -2.39
CA ARG G 44 -13.04 26.77 -1.57
C ARG G 44 -13.48 25.59 -2.42
N MET G 45 -13.00 24.40 -2.06
CA MET G 45 -13.65 23.18 -2.51
C MET G 45 -15.05 23.14 -1.91
N GLU G 46 -16.06 22.90 -2.74
CA GLU G 46 -17.45 22.98 -2.29
C GLU G 46 -18.19 21.66 -2.50
N PRO G 47 -19.15 21.34 -1.63
CA PRO G 47 -19.94 20.12 -1.82
C PRO G 47 -20.93 20.26 -2.97
N ARG G 48 -21.14 19.15 -3.67
CA ARG G 48 -22.11 19.09 -4.76
C ARG G 48 -22.97 17.84 -4.69
N ALA G 49 -22.93 17.11 -3.58
CA ALA G 49 -23.77 15.96 -3.33
C ALA G 49 -24.16 16.01 -1.85
N PRO G 50 -25.40 15.64 -1.50
CA PRO G 50 -25.79 15.72 -0.08
C PRO G 50 -24.95 14.83 0.83
N TRP G 51 -24.51 13.67 0.35
CA TRP G 51 -23.82 12.72 1.22
C TRP G 51 -22.38 13.11 1.51
N ILE G 52 -21.83 14.13 0.86
CA ILE G 52 -20.49 14.61 1.21
C ILE G 52 -20.56 15.78 2.17
N GLU G 53 -21.73 16.40 2.35
CA GLU G 53 -21.84 17.56 3.23
C GLU G 53 -21.53 17.21 4.68
N GLN G 54 -21.68 15.93 5.07
CA GLN G 54 -21.41 15.53 6.44
C GLN G 54 -19.93 15.49 6.78
N GLU G 55 -19.03 15.60 5.81
CA GLU G 55 -17.61 15.68 6.11
C GLU G 55 -17.32 16.94 6.92
N GLY G 56 -16.40 16.82 7.87
CA GLY G 56 -16.15 17.90 8.81
C GLY G 56 -15.24 18.96 8.24
N PRO G 57 -14.91 19.95 9.08
CA PRO G 57 -14.10 21.08 8.60
C PRO G 57 -12.70 20.68 8.14
N GLU G 58 -12.10 19.64 8.73
CA GLU G 58 -10.77 19.22 8.31
C GLU G 58 -10.79 18.74 6.86
N TYR G 59 -11.89 18.08 6.47
CA TYR G 59 -12.04 17.64 5.09
C TYR G 59 -12.03 18.84 4.15
N TRP G 60 -12.87 19.83 4.41
CA TRP G 60 -13.02 20.94 3.48
C TRP G 60 -11.79 21.84 3.47
N ASP G 61 -11.18 22.07 4.64
CA ASP G 61 -9.92 22.80 4.66
C ASP G 61 -8.83 22.04 3.92
N GLY G 62 -8.74 20.72 4.14
CA GLY G 62 -7.69 19.95 3.50
C GLY G 62 -7.88 19.84 2.01
N GLU G 63 -9.12 19.60 1.58
CA GLU G 63 -9.37 19.49 0.14
C GLU G 63 -9.21 20.83 -0.55
N THR G 64 -9.54 21.93 0.13
CA THR G 64 -9.27 23.26 -0.44
C THR G 64 -7.78 23.49 -0.60
N ARG G 65 -7.00 23.11 0.42
CA ARG G 65 -5.54 23.23 0.34
C ARG G 65 -5.00 22.41 -0.82
N LYS G 66 -5.47 21.17 -0.97
CA LYS G 66 -4.90 20.30 -1.99
C LYS G 66 -5.35 20.71 -3.39
N VAL G 67 -6.58 21.17 -3.55
CA VAL G 67 -7.02 21.57 -4.89
C VAL G 67 -6.31 22.84 -5.34
N LYS G 68 -5.99 23.73 -4.40
CA LYS G 68 -5.21 24.90 -4.75
C LYS G 68 -3.78 24.53 -5.14
N ALA G 69 -3.24 23.47 -4.53
CA ALA G 69 -1.94 22.96 -4.96
C ALA G 69 -2.02 22.39 -6.37
N HIS G 70 -3.11 21.69 -6.70
CA HIS G 70 -3.36 21.28 -8.08
C HIS G 70 -3.37 22.49 -9.01
N SER G 71 -4.08 23.55 -8.59
CA SER G 71 -4.20 24.75 -9.42
C SER G 71 -2.83 25.39 -9.65
N GLN G 72 -2.01 25.47 -8.60
CA GLN G 72 -0.69 26.09 -8.73
C GLN G 72 0.19 25.30 -9.70
N THR G 73 0.16 23.98 -9.62
CA THR G 73 0.95 23.17 -10.55
C THR G 73 0.47 23.39 -11.99
N HIS G 74 -0.84 23.38 -12.20
CA HIS G 74 -1.36 23.58 -13.54
C HIS G 74 -1.04 24.98 -14.06
N ARG G 75 -1.03 25.97 -13.18
CA ARG G 75 -0.61 27.30 -13.58
C ARG G 75 0.82 27.29 -14.13
N VAL G 76 1.72 26.58 -13.46
CA VAL G 76 3.10 26.48 -13.94
C VAL G 76 3.16 25.64 -15.21
N ASP G 77 2.38 24.56 -15.25
CA ASP G 77 2.40 23.66 -16.41
C ASP G 77 2.11 24.39 -17.71
N LEU G 78 1.15 25.33 -17.68
CA LEU G 78 0.82 26.07 -18.90
C LEU G 78 2.03 26.77 -19.47
N GLY G 79 2.85 27.38 -18.61
CA GLY G 79 4.07 28.01 -19.08
C GLY G 79 5.09 27.01 -19.58
N THR G 80 5.22 25.88 -18.86
CA THR G 80 6.18 24.85 -19.29
C THR G 80 5.81 24.31 -20.67
N LEU G 81 4.53 24.07 -20.91
CA LEU G 81 4.08 23.53 -22.19
C LEU G 81 4.30 24.53 -23.31
N ARG G 82 4.12 25.83 -23.05
CA ARG G 82 4.51 26.83 -24.05
C ARG G 82 5.96 26.65 -24.46
N GLY G 83 6.83 26.40 -23.48
CA GLY G 83 8.24 26.21 -23.80
C GLY G 83 8.51 24.91 -24.55
N TYR G 84 7.86 23.82 -24.12
CA TYR G 84 8.05 22.53 -24.77
C TYR G 84 7.68 22.59 -26.24
N TYR G 85 6.62 23.34 -26.57
CA TYR G 85 6.09 23.38 -27.93
C TYR G 85 6.43 24.66 -28.68
N ASN G 86 7.25 25.55 -28.10
CA ASN G 86 7.64 26.81 -28.74
C ASN G 86 6.42 27.60 -29.18
N GLN G 87 5.48 27.78 -28.26
CA GLN G 87 4.25 28.51 -28.54
C GLN G 87 4.30 29.90 -27.93
N SER G 88 3.65 30.84 -28.61
CA SER G 88 3.63 32.24 -28.21
C SER G 88 2.66 32.46 -27.06
N GLU G 89 2.75 33.66 -26.46
CA GLU G 89 1.80 34.08 -25.44
C GLU G 89 0.43 34.43 -26.02
N ALA G 90 0.30 34.48 -27.35
CA ALA G 90 -0.91 35.04 -27.97
C ALA G 90 -2.11 34.10 -27.88
N GLY G 91 -1.89 32.79 -27.85
CA GLY G 91 -2.98 31.83 -27.93
C GLY G 91 -3.40 31.25 -26.59
N SER G 92 -4.69 30.94 -26.49
CA SER G 92 -5.22 30.23 -25.34
C SER G 92 -4.98 28.73 -25.52
N HIS G 93 -4.58 28.07 -24.44
CA HIS G 93 -4.31 26.63 -24.50
C HIS G 93 -4.98 25.94 -23.32
N THR G 94 -5.23 24.65 -23.49
CA THR G 94 -6.03 23.84 -22.58
C THR G 94 -5.21 22.67 -22.07
N VAL G 95 -5.17 22.53 -20.74
CA VAL G 95 -4.61 21.35 -20.09
C VAL G 95 -5.75 20.64 -19.39
N GLN G 96 -5.80 19.32 -19.53
CA GLN G 96 -6.80 18.51 -18.84
C GLN G 96 -6.11 17.34 -18.14
N ARG G 97 -6.60 17.02 -16.96
CA ARG G 97 -6.07 15.93 -16.16
C ARG G 97 -7.24 15.15 -15.58
N MET G 98 -7.12 13.82 -15.61
CA MET G 98 -8.13 12.96 -15.01
C MET G 98 -7.42 11.82 -14.31
N TYR G 99 -7.77 11.57 -13.05
CA TYR G 99 -7.23 10.42 -12.36
C TYR G 99 -8.28 9.86 -11.41
N GLY G 100 -8.11 8.59 -11.07
CA GLY G 100 -9.05 7.93 -10.20
C GLY G 100 -8.83 6.43 -10.19
N CYS G 101 -9.78 5.73 -9.57
CA CYS G 101 -9.67 4.29 -9.36
C CYS G 101 -11.03 3.64 -9.56
N ASP G 102 -11.00 2.38 -9.99
CA ASP G 102 -12.18 1.54 -10.14
C ASP G 102 -12.13 0.38 -9.16
N VAL G 103 -13.29 -0.02 -8.67
CA VAL G 103 -13.46 -1.21 -7.87
C VAL G 103 -14.56 -2.05 -8.48
N GLY G 104 -14.48 -3.37 -8.26
CA GLY G 104 -15.49 -4.28 -8.75
C GLY G 104 -16.71 -4.27 -7.85
N SER G 105 -17.62 -5.23 -8.13
CA SER G 105 -18.81 -5.35 -7.30
C SER G 105 -18.47 -5.79 -5.88
N ASP G 106 -17.33 -6.45 -5.68
CA ASP G 106 -16.86 -6.80 -4.35
C ASP G 106 -16.10 -5.65 -3.69
N TRP G 107 -16.07 -4.49 -4.33
CA TRP G 107 -15.38 -3.29 -3.86
C TRP G 107 -13.87 -3.47 -3.75
N ARG G 108 -13.28 -4.44 -4.44
CA ARG G 108 -11.82 -4.54 -4.41
C ARG G 108 -11.26 -3.84 -5.64
N PHE G 109 -10.01 -3.37 -5.50
CA PHE G 109 -9.34 -2.59 -6.53
C PHE G 109 -9.33 -3.34 -7.85
N LEU G 110 -9.77 -2.66 -8.91
CA LEU G 110 -9.72 -3.17 -10.27
C LEU G 110 -8.56 -2.56 -11.05
N ARG G 111 -8.53 -1.22 -11.13
CA ARG G 111 -7.52 -0.53 -11.92
C ARG G 111 -7.45 0.92 -11.46
N GLY G 112 -6.31 1.53 -11.70
CA GLY G 112 -6.10 2.94 -11.44
C GLY G 112 -5.69 3.64 -12.72
N TYR G 113 -5.85 4.96 -12.78
CA TYR G 113 -5.50 5.68 -13.99
C TYR G 113 -5.13 7.12 -13.64
N HIS G 114 -4.30 7.71 -14.49
CA HIS G 114 -3.95 9.13 -14.40
C HIS G 114 -3.57 9.58 -15.79
N GLN G 115 -4.42 10.39 -16.42
CA GLN G 115 -4.25 10.80 -17.81
C GLN G 115 -4.17 12.31 -17.89
N TYR G 116 -3.35 12.79 -18.83
CA TYR G 116 -3.02 14.19 -18.98
C TYR G 116 -3.08 14.54 -20.45
N ALA G 117 -3.73 15.65 -20.79
CA ALA G 117 -3.90 16.06 -22.17
C ALA G 117 -3.55 17.53 -22.32
N TYR G 118 -3.07 17.88 -23.52
CA TYR G 118 -2.77 19.26 -23.87
C TYR G 118 -3.46 19.58 -25.18
N ASP G 119 -4.26 20.65 -25.18
CA ASP G 119 -5.01 21.10 -26.36
C ASP G 119 -5.79 19.96 -27.00
N GLY G 120 -6.45 19.16 -26.17
CA GLY G 120 -7.41 18.19 -26.64
C GLY G 120 -6.88 16.84 -27.06
N LYS G 121 -5.59 16.57 -26.86
CA LYS G 121 -5.06 15.26 -27.23
C LYS G 121 -4.15 14.72 -26.14
N ASP G 122 -3.99 13.40 -26.16
CA ASP G 122 -3.18 12.71 -25.15
C ASP G 122 -1.80 13.35 -25.07
N TYR G 123 -1.35 13.58 -23.84
CA TYR G 123 0.01 14.07 -23.58
C TYR G 123 0.79 12.98 -22.85
N ILE G 124 0.44 12.65 -21.61
CA ILE G 124 1.12 11.56 -20.91
C ILE G 124 0.09 10.83 -20.05
N ALA G 125 0.29 9.52 -19.89
CA ALA G 125 -0.66 8.71 -19.16
C ALA G 125 0.09 7.61 -18.40
N LEU G 126 -0.37 7.34 -17.18
CA LEU G 126 0.13 6.21 -16.43
C LEU G 126 -0.38 4.91 -17.04
N LYS G 127 0.51 3.96 -17.24
CA LYS G 127 0.10 2.68 -17.78
C LYS G 127 -0.59 1.85 -16.71
N GLU G 128 -1.24 0.76 -17.14
CA GLU G 128 -2.08 -0.01 -16.23
C GLU G 128 -1.29 -0.69 -15.12
N ASP G 129 0.00 -0.96 -15.32
CA ASP G 129 0.78 -1.52 -14.21
C ASP G 129 1.09 -0.47 -13.15
N LEU G 130 0.73 0.79 -13.37
CA LEU G 130 0.94 1.89 -12.43
C LEU G 130 2.42 2.07 -12.10
N ARG G 131 3.30 1.64 -13.01
CA ARG G 131 4.74 1.74 -12.83
C ARG G 131 5.46 2.44 -13.96
N SER G 132 4.81 2.69 -15.09
CA SER G 132 5.45 3.24 -16.26
C SER G 132 4.49 4.21 -16.93
N TRP G 133 5.00 4.92 -17.94
CA TRP G 133 4.28 6.01 -18.57
C TRP G 133 4.21 5.80 -20.08
N THR G 134 3.09 6.25 -20.66
CA THR G 134 2.92 6.35 -22.12
C THR G 134 2.98 7.83 -22.49
N ALA G 135 4.01 8.20 -23.24
CA ALA G 135 4.22 9.59 -23.66
C ALA G 135 3.85 9.70 -25.14
N ALA G 136 2.93 10.61 -25.44
CA ALA G 136 2.31 10.63 -26.76
C ALA G 136 3.18 11.28 -27.84
N ASP G 137 4.14 12.11 -27.45
CA ASP G 137 5.00 12.78 -28.43
C ASP G 137 6.35 13.08 -27.76
N MET G 138 7.19 13.83 -28.47
CA MET G 138 8.55 14.08 -27.97
C MET G 138 8.54 14.97 -26.74
N ALA G 139 7.66 15.97 -26.72
CA ALA G 139 7.55 16.84 -25.55
C ALA G 139 7.15 16.05 -24.31
N ALA G 140 6.21 15.12 -24.45
CA ALA G 140 5.81 14.31 -23.31
C ALA G 140 6.93 13.40 -22.84
N GLN G 141 7.85 13.02 -23.74
CA GLN G 141 9.01 12.24 -23.32
C GLN G 141 9.88 13.02 -22.34
N THR G 142 10.01 14.33 -22.53
CA THR G 142 10.71 15.17 -21.56
C THR G 142 10.06 15.07 -20.19
N THR G 143 8.72 15.17 -20.15
CA THR G 143 8.00 14.98 -18.90
C THR G 143 8.24 13.58 -18.33
N LYS G 144 8.22 12.57 -19.19
CA LYS G 144 8.45 11.20 -18.75
C LYS G 144 9.82 11.06 -18.08
N HIS G 145 10.86 11.64 -18.68
CA HIS G 145 12.18 11.60 -18.06
C HIS G 145 12.15 12.22 -16.67
N LYS G 146 11.54 13.39 -16.54
CA LYS G 146 11.51 14.09 -15.26
C LYS G 146 10.68 13.32 -14.23
N TRP G 147 9.57 12.73 -14.66
CA TRP G 147 8.71 12.01 -13.72
C TRP G 147 9.31 10.67 -13.32
N GLU G 148 10.09 10.04 -14.20
CA GLU G 148 10.79 8.83 -13.81
C GLU G 148 11.88 9.13 -12.77
N ALA G 149 12.65 10.19 -12.99
CA ALA G 149 13.72 10.53 -12.06
C ALA G 149 13.18 10.93 -10.69
N ALA G 150 12.00 11.56 -10.64
CA ALA G 150 11.38 11.99 -9.39
C ALA G 150 10.42 10.95 -8.82
N HIS G 151 10.35 9.76 -9.42
CA HIS G 151 9.55 8.64 -8.90
C HIS G 151 8.10 9.03 -8.70
N VAL G 152 7.54 9.76 -9.68
CA VAL G 152 6.16 10.21 -9.60
C VAL G 152 5.20 9.02 -9.58
N ALA G 153 5.48 8.00 -10.39
CA ALA G 153 4.56 6.87 -10.49
C ALA G 153 4.43 6.12 -9.17
N GLU G 154 5.53 6.02 -8.42
CA GLU G 154 5.48 5.29 -7.15
C GLU G 154 4.51 5.95 -6.18
N GLN G 155 4.53 7.28 -6.10
CA GLN G 155 3.58 7.99 -5.23
C GLN G 155 2.15 7.87 -5.75
N LEU G 156 1.96 7.99 -7.07
CA LEU G 156 0.63 7.86 -7.65
C LEU G 156 0.05 6.48 -7.42
N ARG G 157 0.87 5.45 -7.59
CA ARG G 157 0.40 4.08 -7.37
C ARG G 157 -0.07 3.90 -5.93
N ALA G 158 0.67 4.45 -4.96
CA ALA G 158 0.27 4.35 -3.57
C ALA G 158 -1.10 5.00 -3.34
N TYR G 159 -1.30 6.18 -3.93
CA TYR G 159 -2.60 6.84 -3.82
C TYR G 159 -3.70 6.02 -4.50
N LEU G 160 -3.46 5.59 -5.74
CA LEU G 160 -4.52 4.93 -6.51
C LEU G 160 -4.88 3.58 -5.90
N GLU G 161 -3.90 2.83 -5.41
CA GLU G 161 -4.17 1.52 -4.83
C GLU G 161 -4.61 1.61 -3.38
N GLY G 162 -4.34 2.71 -2.70
CA GLY G 162 -4.68 2.83 -1.30
C GLY G 162 -5.72 3.91 -1.03
N THR G 163 -5.26 5.16 -0.92
CA THR G 163 -6.13 6.27 -0.54
C THR G 163 -7.38 6.35 -1.42
N CYS G 164 -7.20 6.23 -2.75
CA CYS G 164 -8.31 6.41 -3.68
C CYS G 164 -9.42 5.39 -3.41
N VAL G 165 -9.05 4.12 -3.27
CA VAL G 165 -10.08 3.10 -3.09
C VAL G 165 -10.65 3.14 -1.67
N GLU G 166 -9.82 3.48 -0.67
CA GLU G 166 -10.34 3.58 0.69
C GLU G 166 -11.41 4.65 0.80
N TRP G 167 -11.20 5.82 0.18
CA TRP G 167 -12.18 6.88 0.26
C TRP G 167 -13.38 6.63 -0.67
N LEU G 168 -13.15 5.97 -1.81
CA LEU G 168 -14.28 5.55 -2.64
C LEU G 168 -15.23 4.65 -1.87
N ARG G 169 -14.70 3.68 -1.11
CA ARG G 169 -15.56 2.83 -0.29
C ARG G 169 -16.29 3.64 0.77
N ARG G 170 -15.60 4.61 1.37
CA ARG G 170 -16.25 5.46 2.36
C ARG G 170 -17.42 6.23 1.75
N TYR G 171 -17.19 6.84 0.58
CA TYR G 171 -18.25 7.59 -0.09
C TYR G 171 -19.41 6.68 -0.49
N LEU G 172 -19.09 5.48 -0.98
CA LEU G 172 -20.14 4.55 -1.38
C LEU G 172 -21.03 4.17 -0.20
N GLU G 173 -20.43 4.06 0.99
CA GLU G 173 -21.22 3.71 2.17
C GLU G 173 -22.03 4.91 2.65
N ASN G 174 -21.39 6.07 2.77
CA ASN G 174 -22.09 7.26 3.26
C ASN G 174 -23.20 7.69 2.31
N GLY G 175 -23.04 7.43 1.01
CA GLY G 175 -24.03 7.84 0.03
C GLY G 175 -24.73 6.65 -0.61
N LYS G 176 -24.86 5.57 0.15
CA LYS G 176 -25.38 4.31 -0.41
C LYS G 176 -26.80 4.50 -0.95
N GLU G 177 -27.60 5.37 -0.32
CA GLU G 177 -28.94 5.63 -0.82
C GLU G 177 -28.91 6.17 -2.25
N THR G 178 -27.93 7.02 -2.56
CA THR G 178 -27.77 7.61 -3.88
C THR G 178 -26.90 6.76 -4.81
N LEU G 179 -25.77 6.28 -4.29
CA LEU G 179 -24.73 5.69 -5.13
C LEU G 179 -24.93 4.20 -5.39
N GLN G 180 -25.45 3.47 -4.42
CA GLN G 180 -25.64 2.02 -4.55
C GLN G 180 -27.02 1.66 -5.06
N ARG G 181 -27.59 2.47 -5.93
CA ARG G 181 -28.90 2.22 -6.49
C ARG G 181 -28.78 1.95 -7.98
N THR G 182 -29.77 1.26 -8.52
CA THR G 182 -29.93 1.11 -9.95
C THR G 182 -31.38 1.47 -10.28
N ASP G 183 -31.57 2.43 -11.16
CA ASP G 183 -32.88 2.79 -11.70
C ASP G 183 -32.94 2.24 -13.11
N ALA G 184 -33.80 1.24 -13.32
CA ALA G 184 -33.95 0.67 -14.64
C ALA G 184 -34.63 1.67 -15.59
N PRO G 185 -34.26 1.67 -16.86
CA PRO G 185 -34.88 2.61 -17.80
C PRO G 185 -36.36 2.30 -18.00
N LYS G 186 -37.16 3.36 -18.07
CA LYS G 186 -38.53 3.26 -18.56
C LYS G 186 -38.50 3.45 -20.08
N THR G 187 -38.92 2.43 -20.81
CA THR G 187 -38.70 2.39 -22.25
C THR G 187 -40.00 2.44 -23.03
N HIS G 188 -39.92 3.03 -24.22
CA HIS G 188 -41.01 3.05 -25.19
C HIS G 188 -40.41 3.44 -26.54
N MET G 189 -41.23 3.34 -27.58
CA MET G 189 -40.85 3.78 -28.91
C MET G 189 -41.91 4.74 -29.42
N THR G 190 -41.48 5.79 -30.15
CA THR G 190 -42.39 6.71 -30.79
C THR G 190 -42.34 6.51 -32.31
N HIS G 191 -43.44 6.86 -32.97
CA HIS G 191 -43.61 6.68 -34.42
C HIS G 191 -44.14 7.98 -35.00
N HIS G 192 -43.43 8.53 -35.99
CA HIS G 192 -43.91 9.75 -36.62
C HIS G 192 -43.55 9.76 -38.10
N ALA G 193 -44.56 9.95 -38.94
CA ALA G 193 -44.33 10.04 -40.37
C ALA G 193 -43.49 11.27 -40.70
N VAL G 194 -42.51 11.10 -41.58
CA VAL G 194 -41.81 12.24 -42.16
C VAL G 194 -42.28 12.55 -43.57
N SER G 195 -43.14 11.70 -44.13
CA SER G 195 -43.71 11.85 -45.46
C SER G 195 -44.75 10.74 -45.59
N ASP G 196 -45.34 10.63 -46.77
CA ASP G 196 -46.31 9.58 -47.00
C ASP G 196 -45.67 8.23 -47.22
N HIS G 197 -44.33 8.15 -47.23
CA HIS G 197 -43.66 6.88 -47.48
C HIS G 197 -42.58 6.53 -46.45
N GLU G 198 -42.29 7.39 -45.48
CA GLU G 198 -41.29 7.08 -44.47
C GLU G 198 -41.75 7.55 -43.10
N ALA G 199 -41.21 6.89 -42.07
CA ALA G 199 -41.52 7.21 -40.68
C ALA G 199 -40.28 7.13 -39.82
N THR G 200 -40.18 8.03 -38.85
CA THR G 200 -39.11 7.98 -37.84
C THR G 200 -39.55 7.06 -36.71
N LEU G 201 -38.75 6.05 -36.42
CA LEU G 201 -38.93 5.20 -35.24
C LEU G 201 -37.87 5.62 -34.23
N ARG G 202 -38.30 6.05 -33.04
CA ARG G 202 -37.37 6.51 -32.01
C ARG G 202 -37.54 5.67 -30.76
N CYS G 203 -36.47 5.01 -30.34
CA CYS G 203 -36.48 4.17 -29.16
C CYS G 203 -35.98 4.97 -27.97
N TRP G 204 -36.77 5.00 -26.90
CA TRP G 204 -36.51 5.87 -25.75
C TRP G 204 -36.16 5.07 -24.49
N ALA G 205 -35.20 5.59 -23.73
CA ALA G 205 -34.90 5.12 -22.37
C ALA G 205 -34.84 6.32 -21.46
N LEU G 206 -35.59 6.29 -20.37
CA LEU G 206 -35.77 7.44 -19.50
C LEU G 206 -35.57 7.05 -18.04
N SER G 207 -35.10 8.02 -17.25
CA SER G 207 -35.05 7.92 -15.79
CA SER G 207 -35.03 7.92 -15.79
C SER G 207 -34.20 6.72 -15.33
N PHE G 208 -33.05 6.52 -15.97
CA PHE G 208 -32.21 5.41 -15.55
C PHE G 208 -30.93 5.91 -14.87
N TYR G 209 -30.34 5.01 -14.07
CA TYR G 209 -29.08 5.23 -13.36
C TYR G 209 -28.47 3.86 -13.10
N PRO G 210 -27.15 3.68 -13.33
CA PRO G 210 -26.22 4.70 -13.83
C PRO G 210 -26.37 4.98 -15.33
N ALA G 211 -25.48 5.82 -15.87
CA ALA G 211 -25.65 6.32 -17.23
C ALA G 211 -25.37 5.25 -18.27
N GLU G 212 -24.55 4.24 -17.95
CA GLU G 212 -24.18 3.22 -18.92
C GLU G 212 -25.43 2.50 -19.45
N ILE G 213 -25.59 2.48 -20.77
CA ILE G 213 -26.76 1.87 -21.40
C ILE G 213 -26.42 1.59 -22.86
N THR G 214 -27.11 0.62 -23.45
CA THR G 214 -26.98 0.32 -24.87
C THR G 214 -28.36 0.24 -25.51
N LEU G 215 -28.57 1.03 -26.55
CA LEU G 215 -29.78 1.00 -27.37
C LEU G 215 -29.37 0.62 -28.78
N THR G 216 -30.08 -0.36 -29.36
CA THR G 216 -29.78 -0.79 -30.71
C THR G 216 -31.07 -1.12 -31.45
N TRP G 217 -31.06 -0.89 -32.75
CA TRP G 217 -32.15 -1.26 -33.65
C TRP G 217 -31.75 -2.48 -34.47
N GLN G 218 -32.71 -3.39 -34.66
CA GLN G 218 -32.56 -4.53 -35.55
C GLN G 218 -33.66 -4.49 -36.60
N ARG G 219 -33.33 -4.92 -37.82
CA ARG G 219 -34.30 -5.14 -38.90
C ARG G 219 -34.23 -6.62 -39.26
N ASP G 220 -35.33 -7.35 -39.00
CA ASP G 220 -35.33 -8.81 -39.17
C ASP G 220 -34.17 -9.45 -38.42
N GLY G 221 -33.85 -8.91 -37.25
CA GLY G 221 -32.80 -9.46 -36.42
C GLY G 221 -31.39 -9.02 -36.76
N GLU G 222 -31.21 -8.18 -37.78
CA GLU G 222 -29.89 -7.71 -38.17
C GLU G 222 -29.66 -6.29 -37.65
N ASP G 223 -28.52 -6.07 -37.02
CA ASP G 223 -28.21 -4.75 -36.47
C ASP G 223 -28.20 -3.70 -37.57
N GLN G 224 -28.77 -2.53 -37.26
CA GLN G 224 -28.84 -1.40 -38.19
C GLN G 224 -27.92 -0.27 -37.75
N THR G 225 -26.66 -0.61 -37.47
CA THR G 225 -25.74 0.35 -36.83
C THR G 225 -25.55 1.60 -37.69
N GLN G 226 -25.24 1.42 -38.96
CA GLN G 226 -24.89 2.55 -39.81
C GLN G 226 -26.09 3.44 -40.12
N ASP G 227 -27.32 2.94 -39.93
CA ASP G 227 -28.52 3.71 -40.19
C ASP G 227 -29.19 4.25 -38.94
N THR G 228 -28.57 4.07 -37.76
CA THR G 228 -29.16 4.49 -36.50
C THR G 228 -28.57 5.83 -36.07
N GLU G 229 -29.44 6.79 -35.73
CA GLU G 229 -29.01 8.02 -35.07
C GLU G 229 -29.07 7.81 -33.57
N LEU G 230 -27.91 7.90 -32.90
CA LEU G 230 -27.78 7.63 -31.47
C LEU G 230 -27.30 8.90 -30.78
N VAL G 231 -28.13 9.48 -29.90
CA VAL G 231 -27.72 10.71 -29.23
C VAL G 231 -26.90 10.37 -27.99
N GLU G 232 -26.07 11.32 -27.58
CA GLU G 232 -25.28 11.17 -26.36
C GLU G 232 -26.21 11.06 -25.16
N THR G 233 -25.90 10.11 -24.27
CA THR G 233 -26.64 9.99 -23.01
C THR G 233 -26.62 11.30 -22.25
N ARG G 234 -27.78 11.75 -21.82
CA ARG G 234 -27.92 13.10 -21.30
C ARG G 234 -28.54 13.10 -19.92
N PRO G 235 -28.17 14.04 -19.06
CA PRO G 235 -28.74 14.10 -17.72
C PRO G 235 -30.12 14.73 -17.73
N ALA G 236 -31.03 14.14 -16.95
CA ALA G 236 -32.35 14.73 -16.77
C ALA G 236 -32.33 15.91 -15.80
N GLY G 237 -31.29 16.01 -14.98
CA GLY G 237 -31.18 17.03 -13.96
C GLY G 237 -31.51 16.57 -12.56
N ASP G 238 -32.15 15.40 -12.44
CA ASP G 238 -32.57 14.88 -11.15
C ASP G 238 -31.72 13.71 -10.68
N GLY G 239 -30.56 13.49 -11.29
CA GLY G 239 -29.74 12.35 -10.96
C GLY G 239 -29.95 11.14 -11.84
N THR G 240 -30.89 11.19 -12.79
CA THR G 240 -31.09 10.12 -13.75
C THR G 240 -30.71 10.59 -15.15
N PHE G 241 -30.74 9.65 -16.09
CA PHE G 241 -30.26 9.90 -17.43
C PHE G 241 -31.32 9.48 -18.46
N GLN G 242 -31.12 9.96 -19.69
CA GLN G 242 -32.00 9.70 -20.83
C GLN G 242 -31.15 9.41 -22.05
N LYS G 243 -31.72 8.66 -22.98
CA LYS G 243 -31.05 8.39 -24.26
C LYS G 243 -32.10 7.92 -25.26
N TRP G 244 -31.86 8.22 -26.53
CA TRP G 244 -32.72 7.67 -27.57
C TRP G 244 -31.90 7.30 -28.79
N ALA G 245 -32.49 6.43 -29.61
CA ALA G 245 -31.92 5.97 -30.87
C ALA G 245 -33.04 5.93 -31.90
N ALA G 246 -32.75 6.39 -33.11
CA ALA G 246 -33.76 6.52 -34.14
C ALA G 246 -33.30 5.94 -35.46
N VAL G 247 -34.27 5.41 -36.22
CA VAL G 247 -34.07 5.03 -37.61
C VAL G 247 -35.24 5.57 -38.41
N VAL G 248 -34.99 5.85 -39.70
CA VAL G 248 -36.01 6.27 -40.64
C VAL G 248 -36.31 5.09 -41.57
N VAL G 249 -37.56 4.65 -41.60
CA VAL G 249 -37.89 3.39 -42.27
C VAL G 249 -39.02 3.64 -43.27
N PRO G 250 -39.12 2.79 -44.29
CA PRO G 250 -40.28 2.86 -45.19
C PRO G 250 -41.57 2.52 -44.45
N SER G 251 -42.60 3.32 -44.67
CA SER G 251 -43.90 3.06 -44.07
C SER G 251 -44.39 1.67 -44.48
N GLY G 252 -44.88 0.92 -43.50
CA GLY G 252 -45.32 -0.44 -43.71
C GLY G 252 -44.34 -1.49 -43.25
N GLN G 253 -43.07 -1.13 -43.04
CA GLN G 253 -42.06 -2.08 -42.60
C GLN G 253 -41.81 -2.02 -41.11
N GLU G 254 -42.65 -1.31 -40.35
CA GLU G 254 -42.39 -1.10 -38.93
C GLU G 254 -42.21 -2.42 -38.19
N GLN G 255 -43.02 -3.43 -38.53
CA GLN G 255 -42.97 -4.70 -37.82
C GLN G 255 -41.64 -5.43 -38.00
N ARG G 256 -40.83 -5.05 -38.99
CA ARG G 256 -39.51 -5.64 -39.13
C ARG G 256 -38.51 -5.12 -38.11
N TYR G 257 -38.78 -3.97 -37.51
CA TYR G 257 -37.80 -3.27 -36.69
C TYR G 257 -38.08 -3.51 -35.21
N THR G 258 -37.01 -3.81 -34.46
CA THR G 258 -37.09 -3.98 -33.03
C THR G 258 -35.99 -3.17 -32.38
N CYS G 259 -36.29 -2.63 -31.19
CA CYS G 259 -35.31 -1.92 -30.38
C CYS G 259 -34.92 -2.78 -29.19
N HIS G 260 -33.63 -2.77 -28.87
CA HIS G 260 -33.08 -3.62 -27.83
C HIS G 260 -32.34 -2.76 -26.82
N VAL G 261 -32.69 -2.92 -25.55
CA VAL G 261 -32.21 -2.08 -24.46
C VAL G 261 -31.44 -2.95 -23.47
N GLN G 262 -30.23 -2.54 -23.15
CA GLN G 262 -29.39 -3.21 -22.16
C GLN G 262 -29.04 -2.22 -21.06
N HIS G 263 -29.30 -2.60 -19.81
CA HIS G 263 -28.98 -1.76 -18.66
C HIS G 263 -28.86 -2.67 -17.44
N GLU G 264 -27.93 -2.36 -16.54
CA GLU G 264 -27.72 -3.24 -15.41
C GLU G 264 -28.91 -3.32 -14.47
N GLY G 265 -29.84 -2.37 -14.56
CA GLY G 265 -31.04 -2.39 -13.75
C GLY G 265 -32.18 -3.23 -14.32
N LEU G 266 -32.03 -3.72 -15.55
CA LEU G 266 -33.04 -4.58 -16.16
C LEU G 266 -32.80 -6.04 -15.75
N PRO G 267 -33.82 -6.75 -15.30
CA PRO G 267 -33.64 -8.21 -15.06
C PRO G 267 -33.10 -8.94 -16.26
N LYS G 268 -33.56 -8.60 -17.46
CA LYS G 268 -33.03 -9.15 -18.70
C LYS G 268 -33.13 -8.08 -19.77
N PRO G 269 -32.32 -8.18 -20.83
CA PRO G 269 -32.41 -7.19 -21.91
C PRO G 269 -33.82 -7.14 -22.48
N LEU G 270 -34.27 -5.95 -22.82
CA LEU G 270 -35.61 -5.74 -23.33
C LEU G 270 -35.62 -5.68 -24.84
N THR G 271 -36.65 -6.25 -25.45
CA THR G 271 -36.93 -6.10 -26.88
C THR G 271 -38.29 -5.41 -27.02
N LEU G 272 -38.29 -4.26 -27.68
CA LEU G 272 -39.52 -3.52 -27.96
C LEU G 272 -39.89 -3.69 -29.41
N ARG G 273 -41.19 -3.89 -29.67
CA ARG G 273 -41.68 -4.27 -30.99
C ARG G 273 -42.86 -3.38 -31.39
N TRP G 274 -43.13 -3.37 -32.70
CA TRP G 274 -44.26 -2.64 -33.26
C TRP G 274 -45.45 -3.55 -33.56
N GLU G 275 -45.50 -4.71 -32.90
CA GLU G 275 -46.57 -5.69 -33.09
C GLU G 275 -46.71 -6.48 -31.82
N MET H 1 -4.89 23.61 -34.26
CA MET H 1 -5.37 23.15 -32.96
C MET H 1 -6.64 22.33 -33.12
N ILE H 2 -6.79 21.31 -32.26
CA ILE H 2 -7.99 20.48 -32.24
C ILE H 2 -9.20 21.32 -31.93
N GLN H 3 -10.27 21.12 -32.69
CA GLN H 3 -11.56 21.75 -32.42
C GLN H 3 -12.65 20.71 -32.65
N ARG H 4 -13.60 20.64 -31.71
CA ARG H 4 -14.72 19.71 -31.82
C ARG H 4 -16.02 20.47 -31.61
N THR H 5 -17.00 20.18 -32.47
CA THR H 5 -18.28 20.89 -32.51
C THR H 5 -19.19 20.42 -31.37
N PRO H 6 -19.89 21.34 -30.71
CA PRO H 6 -20.86 20.91 -29.69
C PRO H 6 -22.04 20.17 -30.31
N LYS H 7 -22.43 19.08 -29.65
CA LYS H 7 -23.68 18.38 -29.94
C LYS H 7 -24.73 18.89 -28.97
N ILE H 8 -25.81 19.46 -29.50
CA ILE H 8 -26.77 20.23 -28.71
C ILE H 8 -28.08 19.46 -28.61
N GLN H 9 -28.58 19.29 -27.39
CA GLN H 9 -29.89 18.67 -27.15
C GLN H 9 -30.72 19.56 -26.24
N VAL H 10 -31.96 19.82 -26.65
CA VAL H 10 -32.91 20.61 -25.88
C VAL H 10 -34.10 19.72 -25.54
N TYR H 11 -34.46 19.67 -24.25
CA TYR H 11 -35.42 18.67 -23.80
C TYR H 11 -35.88 19.03 -22.40
N SER H 12 -37.03 18.47 -22.02
CA SER H 12 -37.55 18.65 -20.67
C SER H 12 -37.16 17.45 -19.81
N ARG H 13 -37.08 17.69 -18.49
CA ARG H 13 -36.74 16.61 -17.57
C ARG H 13 -37.81 15.52 -17.57
N HIS H 14 -39.07 15.94 -17.51
CA HIS H 14 -40.22 15.05 -17.47
C HIS H 14 -41.07 15.28 -18.72
N PRO H 15 -41.91 14.32 -19.09
CA PRO H 15 -42.83 14.55 -20.21
C PRO H 15 -43.61 15.84 -20.02
N ALA H 16 -43.68 16.64 -21.08
CA ALA H 16 -44.24 17.98 -20.98
C ALA H 16 -45.76 17.92 -20.93
N GLU H 17 -46.34 18.66 -19.98
CA GLU H 17 -47.79 18.86 -19.89
C GLU H 17 -48.06 20.34 -19.73
N ASN H 18 -48.93 20.89 -20.59
CA ASN H 18 -49.23 22.31 -20.53
C ASN H 18 -49.77 22.68 -19.14
N GLY H 19 -49.14 23.68 -18.53
CA GLY H 19 -49.56 24.16 -17.22
C GLY H 19 -48.93 23.43 -16.04
N LYS H 20 -48.04 22.47 -16.29
CA LYS H 20 -47.39 21.73 -15.23
C LYS H 20 -45.93 22.11 -15.18
N SER H 21 -45.45 22.53 -14.02
CA SER H 21 -44.06 22.96 -13.89
CA SER H 21 -44.06 22.96 -13.89
C SER H 21 -43.12 21.81 -14.24
N ASN H 22 -42.02 22.15 -14.90
CA ASN H 22 -41.08 21.18 -15.44
C ASN H 22 -39.70 21.82 -15.41
N PHE H 23 -38.72 21.18 -16.04
CA PHE H 23 -37.38 21.72 -16.16
C PHE H 23 -36.94 21.63 -17.62
N LEU H 24 -36.46 22.76 -18.15
CA LEU H 24 -35.95 22.82 -19.52
C LEU H 24 -34.44 22.65 -19.49
N ASN H 25 -33.93 21.70 -20.26
CA ASN H 25 -32.51 21.38 -20.29
C ASN H 25 -31.94 21.67 -21.66
N CYS H 26 -30.72 22.21 -21.68
CA CYS H 26 -29.90 22.26 -22.90
C CYS H 26 -28.57 21.61 -22.55
N TYR H 27 -28.35 20.42 -23.08
CA TYR H 27 -27.13 19.66 -22.85
C TYR H 27 -26.23 19.81 -24.07
N VAL H 28 -25.02 20.31 -23.85
CA VAL H 28 -24.04 20.48 -24.93
C VAL H 28 -22.83 19.63 -24.58
N SER H 29 -22.46 18.74 -25.49
CA SER H 29 -21.40 17.78 -25.23
C SER H 29 -20.50 17.68 -26.45
N GLY H 30 -19.34 17.05 -26.25
CA GLY H 30 -18.45 16.75 -27.34
C GLY H 30 -17.67 17.91 -27.92
N PHE H 31 -17.58 19.03 -27.21
CA PHE H 31 -16.94 20.22 -27.78
C PHE H 31 -15.53 20.44 -27.21
N HIS H 32 -14.74 21.18 -27.98
CA HIS H 32 -13.37 21.54 -27.65
C HIS H 32 -12.95 22.69 -28.56
N PRO H 33 -12.34 23.76 -28.04
CA PRO H 33 -12.00 23.98 -26.63
C PRO H 33 -13.21 24.36 -25.77
N SER H 34 -12.97 24.80 -24.53
CA SER H 34 -14.03 24.87 -23.53
C SER H 34 -14.85 26.16 -23.60
N ASP H 35 -14.34 27.22 -24.22
CA ASP H 35 -15.12 28.45 -24.28
C ASP H 35 -16.37 28.23 -25.13
N ILE H 36 -17.54 28.54 -24.55
CA ILE H 36 -18.80 28.31 -25.23
C ILE H 36 -19.84 29.26 -24.64
N GLU H 37 -20.77 29.70 -25.47
CA GLU H 37 -21.88 30.53 -25.04
C GLU H 37 -23.15 29.73 -25.23
N VAL H 38 -23.93 29.57 -24.16
CA VAL H 38 -25.19 28.82 -24.21
C VAL H 38 -26.27 29.67 -23.58
N ASP H 39 -27.38 29.86 -24.29
CA ASP H 39 -28.53 30.60 -23.79
C ASP H 39 -29.80 29.82 -24.04
N LEU H 40 -30.68 29.80 -23.05
CA LEU H 40 -32.03 29.29 -23.24
C LEU H 40 -32.94 30.43 -23.64
N LEU H 41 -33.77 30.18 -24.65
CA LEU H 41 -34.63 31.21 -25.22
C LEU H 41 -36.09 30.86 -25.00
N LYS H 42 -36.88 31.88 -24.66
CA LYS H 42 -38.33 31.78 -24.60
C LYS H 42 -38.90 32.80 -25.58
N ASN H 43 -39.51 32.32 -26.65
CA ASN H 43 -40.03 33.17 -27.72
C ASN H 43 -38.94 34.12 -28.25
N GLY H 44 -37.74 33.57 -28.45
CA GLY H 44 -36.63 34.33 -28.98
C GLY H 44 -35.88 35.18 -27.98
N GLU H 45 -36.35 35.27 -26.74
CA GLU H 45 -35.73 36.13 -25.73
C GLU H 45 -34.91 35.29 -24.76
N ARG H 46 -33.76 35.81 -24.37
CA ARG H 46 -32.90 35.10 -23.42
C ARG H 46 -33.59 34.98 -22.07
N ILE H 47 -33.60 33.77 -21.52
CA ILE H 47 -34.11 33.53 -20.17
C ILE H 47 -33.03 33.90 -19.17
N GLU H 48 -33.38 34.72 -18.17
CA GLU H 48 -32.34 35.28 -17.32
C GLU H 48 -31.81 34.33 -16.26
N LYS H 49 -32.68 33.57 -15.59
CA LYS H 49 -32.25 32.76 -14.46
C LYS H 49 -32.03 31.33 -14.97
N VAL H 50 -30.83 31.11 -15.52
CA VAL H 50 -30.42 29.81 -16.02
C VAL H 50 -29.15 29.41 -15.29
N GLU H 51 -29.17 28.23 -14.69
CA GLU H 51 -28.00 27.66 -14.05
C GLU H 51 -27.31 26.66 -14.99
N HIS H 52 -26.07 26.32 -14.66
CA HIS H 52 -25.36 25.33 -15.45
C HIS H 52 -24.47 24.48 -14.56
N SER H 53 -24.20 23.27 -15.03
CA SER H 53 -23.33 22.34 -14.32
C SER H 53 -21.88 22.82 -14.37
N ASP H 54 -21.05 22.24 -13.52
CA ASP H 54 -19.63 22.53 -13.52
C ASP H 54 -18.96 21.83 -14.68
N LEU H 55 -18.04 22.54 -15.34
CA LEU H 55 -17.38 22.03 -16.54
C LEU H 55 -16.67 20.71 -16.26
N SER H 56 -16.93 19.72 -17.10
CA SER H 56 -16.29 18.41 -17.01
C SER H 56 -16.07 17.89 -18.42
N PHE H 57 -15.50 16.69 -18.55
CA PHE H 57 -15.17 16.19 -19.87
C PHE H 57 -15.21 14.67 -19.87
N SER H 58 -15.31 14.11 -21.08
CA SER H 58 -15.47 12.68 -21.29
C SER H 58 -14.12 12.00 -21.53
N LYS H 59 -14.17 10.69 -21.78
CA LYS H 59 -12.95 9.91 -21.98
C LYS H 59 -12.10 10.46 -23.12
N ASP H 60 -12.75 10.94 -24.20
CA ASP H 60 -12.03 11.47 -25.35
C ASP H 60 -11.58 12.92 -25.19
N TRP H 61 -11.72 13.49 -23.98
CA TRP H 61 -11.32 14.83 -23.56
C TRP H 61 -12.31 15.92 -23.98
N SER H 62 -13.39 15.59 -24.69
CA SER H 62 -14.34 16.61 -25.09
C SER H 62 -15.20 17.02 -23.90
N PHE H 63 -15.57 18.30 -23.86
CA PHE H 63 -16.28 18.87 -22.73
C PHE H 63 -17.78 18.66 -22.85
N TYR H 64 -18.47 18.74 -21.71
CA TYR H 64 -19.93 18.73 -21.68
C TYR H 64 -20.43 19.65 -20.57
N LEU H 65 -21.59 20.24 -20.81
CA LEU H 65 -22.23 21.18 -19.89
C LEU H 65 -23.73 21.01 -20.01
N LEU H 66 -24.43 21.11 -18.88
CA LEU H 66 -25.89 21.14 -18.84
C LEU H 66 -26.33 22.52 -18.37
N TYR H 67 -27.14 23.20 -19.19
CA TYR H 67 -27.81 24.43 -18.81
C TYR H 67 -29.27 24.13 -18.56
N TYR H 68 -29.85 24.71 -17.50
CA TYR H 68 -31.20 24.32 -17.12
C TYR H 68 -31.92 25.43 -16.38
N THR H 69 -33.24 25.42 -16.51
CA THR H 69 -34.11 26.37 -15.83
C THR H 69 -35.46 25.72 -15.62
N GLU H 70 -36.18 26.19 -14.59
CA GLU H 70 -37.54 25.74 -14.36
C GLU H 70 -38.48 26.44 -15.33
N PHE H 71 -39.45 25.71 -15.86
CA PHE H 71 -40.42 26.33 -16.76
C PHE H 71 -41.74 25.57 -16.74
N THR H 72 -42.78 26.24 -17.19
CA THR H 72 -44.12 25.67 -17.28
C THR H 72 -44.57 25.74 -18.73
N PRO H 73 -44.58 24.62 -19.45
CA PRO H 73 -44.92 24.67 -20.88
C PRO H 73 -46.34 25.14 -21.13
N THR H 74 -46.54 25.83 -22.25
CA THR H 74 -47.84 26.25 -22.72
C THR H 74 -47.98 25.85 -24.19
N GLU H 75 -49.17 26.14 -24.75
CA GLU H 75 -49.42 25.87 -26.16
C GLU H 75 -48.55 26.75 -27.06
N LYS H 76 -48.46 28.04 -26.74
CA LYS H 76 -47.88 29.01 -27.66
C LYS H 76 -46.40 29.30 -27.41
N ASP H 77 -45.93 29.18 -26.18
CA ASP H 77 -44.55 29.57 -25.88
C ASP H 77 -43.57 28.62 -26.56
N GLU H 78 -42.64 29.19 -27.32
CA GLU H 78 -41.61 28.41 -28.00
C GLU H 78 -40.30 28.54 -27.24
N TYR H 79 -39.65 27.42 -26.98
CA TYR H 79 -38.39 27.39 -26.26
C TYR H 79 -37.30 26.86 -27.17
N ALA H 80 -36.08 27.31 -26.92
CA ALA H 80 -34.95 26.93 -27.76
C ALA H 80 -33.67 27.11 -26.97
N CYS H 81 -32.57 26.65 -27.56
CA CYS H 81 -31.24 26.82 -27.00
C CYS H 81 -30.35 27.42 -28.07
N ARG H 82 -29.60 28.46 -27.73
CA ARG H 82 -28.72 29.15 -28.65
C ARG H 82 -27.29 28.93 -28.20
N VAL H 83 -26.46 28.40 -29.10
CA VAL H 83 -25.08 28.04 -28.78
C VAL H 83 -24.14 28.71 -29.76
N ASN H 84 -23.07 29.30 -29.25
CA ASN H 84 -21.98 29.78 -30.08
C ASN H 84 -20.69 29.15 -29.59
N HIS H 85 -19.80 28.85 -30.52
CA HIS H 85 -18.57 28.12 -30.27
C HIS H 85 -17.67 28.38 -31.46
N VAL H 86 -16.36 28.21 -31.25
CA VAL H 86 -15.42 28.52 -32.33
C VAL H 86 -15.67 27.66 -33.56
N THR H 87 -16.23 26.46 -33.38
CA THR H 87 -16.50 25.58 -34.51
C THR H 87 -17.75 25.97 -35.30
N LEU H 88 -18.51 26.94 -34.82
CA LEU H 88 -19.76 27.35 -35.46
C LEU H 88 -19.58 28.71 -36.10
N SER H 89 -19.84 28.78 -37.41
CA SER H 89 -19.68 30.04 -38.14
C SER H 89 -20.65 31.10 -37.64
N GLN H 90 -21.83 30.69 -37.21
CA GLN H 90 -22.81 31.58 -36.62
C GLN H 90 -23.48 30.85 -35.46
N PRO H 91 -24.13 31.58 -34.54
CA PRO H 91 -24.84 30.91 -33.44
C PRO H 91 -25.85 29.91 -33.98
N LYS H 92 -25.93 28.76 -33.30
CA LYS H 92 -26.86 27.71 -33.66
C LYS H 92 -28.03 27.71 -32.69
N ILE H 93 -29.24 27.70 -33.22
CA ILE H 93 -30.45 27.65 -32.41
C ILE H 93 -31.11 26.30 -32.64
N VAL H 94 -31.33 25.56 -31.57
CA VAL H 94 -32.02 24.27 -31.59
C VAL H 94 -33.34 24.46 -30.87
N LYS H 95 -34.44 24.20 -31.56
CA LYS H 95 -35.76 24.38 -30.98
C LYS H 95 -36.16 23.19 -30.12
N TRP H 96 -36.85 23.47 -29.01
CA TRP H 96 -37.43 22.39 -28.22
C TRP H 96 -38.60 21.76 -28.98
N ASP H 97 -38.55 20.44 -29.14
CA ASP H 97 -39.58 19.67 -29.85
C ASP H 97 -40.10 18.63 -28.86
N ARG H 98 -41.29 18.88 -28.31
CA ARG H 98 -41.82 18.04 -27.24
C ARG H 98 -42.47 16.75 -27.75
N ASP H 99 -42.54 16.55 -29.05
CA ASP H 99 -43.23 15.40 -29.63
C ASP H 99 -42.28 14.31 -30.12
N MET H 100 -41.02 14.33 -29.70
CA MET H 100 -40.05 13.34 -30.16
C MET H 100 -40.25 11.98 -29.48
N ILE I 1 -11.12 11.61 -1.71
CA ILE I 1 -10.25 12.78 -1.57
C ILE I 1 -9.21 12.83 -2.69
N LEU I 2 -8.65 14.03 -2.89
CA LEU I 2 -7.63 14.27 -3.88
C LEU I 2 -6.30 13.62 -3.48
N ASN I 3 -5.44 13.43 -4.49
CA ASN I 3 -4.05 13.11 -4.21
C ASN I 3 -3.33 14.34 -3.67
N ALA I 4 -2.37 14.11 -2.78
CA ALA I 4 -1.69 15.20 -2.09
C ALA I 4 -0.47 15.73 -2.82
N MET I 5 0.09 14.96 -3.76
CA MET I 5 1.29 15.35 -4.49
C MET I 5 0.95 15.51 -5.96
N ILE I 6 1.33 16.66 -6.54
CA ILE I 6 1.04 16.97 -7.94
C ILE I 6 2.32 17.54 -8.56
N THR I 7 3.13 16.67 -9.16
CA THR I 7 4.42 17.08 -9.70
C THR I 7 4.26 17.76 -11.06
N LYS I 8 5.01 18.85 -11.26
CA LYS I 8 4.94 19.62 -12.50
C LYS I 8 5.40 18.79 -13.69
N ILE I 9 4.80 19.08 -14.85
CA ILE I 9 5.20 18.41 -16.09
C ILE I 9 6.50 18.99 -16.62
N GLY J 1 -4.78 43.18 13.32
CA GLY J 1 -4.07 43.92 14.36
C GLY J 1 -2.57 43.89 14.21
N SER J 2 -1.85 43.83 15.32
CA SER J 2 -0.41 43.76 15.29
C SER J 2 0.04 42.32 15.03
N HIS J 3 1.29 42.16 14.64
CA HIS J 3 1.82 40.84 14.31
C HIS J 3 3.23 40.68 14.86
N SER J 4 3.64 39.42 14.99
CA SER J 4 4.93 39.10 15.58
C SER J 4 5.54 37.90 14.87
N MET J 5 6.87 37.87 14.85
CA MET J 5 7.64 36.67 14.53
C MET J 5 8.52 36.37 15.72
N ARG J 6 8.50 35.13 16.18
CA ARG J 6 9.27 34.75 17.36
C ARG J 6 9.89 33.39 17.16
N TYR J 7 11.14 33.25 17.57
CA TYR J 7 11.82 31.97 17.61
C TYR J 7 12.08 31.58 19.06
N PHE J 8 11.82 30.32 19.38
CA PHE J 8 11.96 29.79 20.73
C PHE J 8 12.98 28.65 20.67
N PHE J 9 13.96 28.69 21.57
CA PHE J 9 15.03 27.71 21.59
C PHE J 9 15.10 27.09 22.98
N THR J 10 15.09 25.76 23.05
CA THR J 10 15.21 25.03 24.31
C THR J 10 16.44 24.14 24.24
N SER J 11 17.32 24.26 25.23
CA SER J 11 18.57 23.52 25.29
C SER J 11 18.66 22.85 26.66
N VAL J 12 18.84 21.53 26.66
CA VAL J 12 18.79 20.74 27.89
C VAL J 12 20.01 19.82 27.93
N SER J 13 20.83 19.95 28.98
CA SER J 13 21.94 19.03 29.15
C SER J 13 21.42 17.68 29.63
N ARG J 14 22.09 16.62 29.19
CA ARG J 14 21.68 15.24 29.45
C ARG J 14 22.89 14.47 29.96
N PRO J 15 23.20 14.58 31.24
CA PRO J 15 24.43 13.96 31.77
C PRO J 15 24.47 12.47 31.55
N GLY J 16 25.56 11.99 30.97
CA GLY J 16 25.73 10.58 30.67
C GLY J 16 24.95 10.06 29.49
N ARG J 17 24.18 10.90 28.81
CA ARG J 17 23.46 10.48 27.61
C ARG J 17 23.90 11.30 26.39
N GLY J 18 25.16 11.72 26.38
CA GLY J 18 25.73 12.36 25.21
C GLY J 18 25.37 13.81 25.00
N GLU J 19 25.08 14.16 23.75
CA GLU J 19 24.89 15.55 23.36
C GLU J 19 23.61 16.10 23.98
N PRO J 20 23.56 17.41 24.25
CA PRO J 20 22.34 17.99 24.82
C PRO J 20 21.21 18.04 23.81
N ARG J 21 20.00 18.08 24.34
CA ARG J 21 18.82 18.25 23.49
C ARG J 21 18.75 19.70 23.02
N PHE J 22 18.37 19.90 21.76
CA PHE J 22 18.17 21.24 21.22
C PHE J 22 16.91 21.23 20.37
N ILE J 23 15.94 22.09 20.72
CA ILE J 23 14.69 22.23 20.00
C ILE J 23 14.52 23.70 19.63
N ALA J 24 14.26 23.97 18.36
CA ALA J 24 13.95 25.33 17.91
C ALA J 24 12.62 25.32 17.19
N VAL J 25 11.79 26.31 17.49
CA VAL J 25 10.51 26.49 16.80
C VAL J 25 10.35 27.97 16.46
N GLY J 26 9.75 28.22 15.31
CA GLY J 26 9.45 29.59 14.88
C GLY J 26 7.96 29.76 14.74
N TYR J 27 7.47 30.94 15.15
CA TYR J 27 6.07 31.28 15.08
C TYR J 27 5.91 32.61 14.36
N VAL J 28 4.80 32.73 13.63
CA VAL J 28 4.24 34.02 13.25
C VAL J 28 2.92 34.14 14.01
N ASP J 29 2.84 35.13 14.90
CA ASP J 29 1.72 35.21 15.83
C ASP J 29 1.56 33.89 16.56
N ASP J 30 0.36 33.29 16.50
CA ASP J 30 0.11 32.02 17.18
C ASP J 30 0.20 30.82 16.24
N THR J 31 0.87 30.96 15.11
CA THR J 31 0.99 29.90 14.12
C THR J 31 2.45 29.48 13.98
N GLN J 32 2.75 28.24 14.32
CA GLN J 32 4.11 27.73 14.15
C GLN J 32 4.38 27.50 12.65
N PHE J 33 5.62 27.73 12.23
CA PHE J 33 5.92 27.48 10.82
C PHE J 33 7.22 26.73 10.56
N VAL J 34 8.16 26.63 11.51
CA VAL J 34 9.36 25.82 11.33
C VAL J 34 9.70 25.12 12.65
N ARG J 35 10.49 24.05 12.53
CA ARG J 35 11.02 23.38 13.71
C ARG J 35 12.37 22.76 13.37
N PHE J 36 13.20 22.62 14.41
CA PHE J 36 14.40 21.80 14.36
C PHE J 36 14.45 20.99 15.65
N ASP J 37 14.72 19.70 15.53
CA ASP J 37 14.77 18.77 16.66
C ASP J 37 16.08 18.01 16.58
N SER J 38 16.96 18.23 17.56
CA SER J 38 18.26 17.56 17.59
C SER J 38 18.12 16.04 17.58
N ASP J 39 17.04 15.52 18.14
CA ASP J 39 16.83 14.08 18.21
C ASP J 39 16.16 13.49 16.98
N ALA J 40 15.67 14.32 16.07
CA ALA J 40 15.00 13.82 14.88
C ALA J 40 16.01 13.33 13.84
N ALA J 41 15.51 12.57 12.87
CA ALA J 41 16.39 11.92 11.91
C ALA J 41 16.91 12.88 10.84
N SER J 42 16.10 13.86 10.44
CA SER J 42 16.45 14.67 9.27
C SER J 42 17.66 15.56 9.52
N GLN J 43 17.81 16.06 10.75
CA GLN J 43 18.83 17.06 11.07
C GLN J 43 18.69 18.27 10.16
N ARG J 44 17.44 18.64 9.86
CA ARG J 44 17.12 19.77 9.00
C ARG J 44 16.10 20.65 9.68
N MET J 45 16.15 21.95 9.39
CA MET J 45 15.01 22.80 9.66
C MET J 45 13.85 22.33 8.78
N GLU J 46 12.68 22.13 9.39
CA GLU J 46 11.56 21.55 8.68
C GLU J 46 10.36 22.47 8.68
N PRO J 47 9.55 22.43 7.61
CA PRO J 47 8.31 23.22 7.60
C PRO J 47 7.24 22.67 8.52
N ARG J 48 6.47 23.57 9.11
CA ARG J 48 5.35 23.21 9.97
C ARG J 48 4.11 24.02 9.66
N ALA J 49 4.10 24.76 8.55
CA ALA J 49 2.95 25.50 8.08
C ALA J 49 2.93 25.37 6.57
N PRO J 50 1.75 25.24 5.96
CA PRO J 50 1.70 25.08 4.50
C PRO J 50 2.29 26.26 3.73
N TRP J 51 2.18 27.48 4.24
CA TRP J 51 2.63 28.64 3.48
C TRP J 51 4.15 28.85 3.50
N ILE J 52 4.89 28.09 4.31
CA ILE J 52 6.36 28.18 4.26
C ILE J 52 6.95 27.12 3.34
N GLU J 53 6.17 26.11 2.93
CA GLU J 53 6.69 25.04 2.10
C GLU J 53 7.15 25.53 0.74
N GLN J 54 6.61 26.66 0.27
CA GLN J 54 6.99 27.21 -1.04
C GLN J 54 8.39 27.82 -1.04
N GLU J 55 9.01 28.02 0.11
CA GLU J 55 10.39 28.51 0.14
C GLU J 55 11.31 27.52 -0.55
N GLY J 56 12.30 28.04 -1.28
CA GLY J 56 13.14 27.21 -2.11
C GLY J 56 14.24 26.53 -1.34
N PRO J 57 15.08 25.78 -2.06
CA PRO J 57 16.14 25.01 -1.39
C PRO J 57 17.16 25.88 -0.66
N GLU J 58 17.44 27.09 -1.17
CA GLU J 58 18.36 27.98 -0.47
C GLU J 58 17.83 28.37 0.90
N TYR J 59 16.52 28.53 1.03
CA TYR J 59 15.93 28.82 2.34
C TYR J 59 16.22 27.70 3.33
N TRP J 60 15.90 26.46 2.94
CA TRP J 60 16.00 25.35 3.88
C TRP J 60 17.45 25.00 4.19
N ASP J 61 18.33 25.05 3.18
CA ASP J 61 19.76 24.86 3.44
C ASP J 61 20.31 25.93 4.36
N GLY J 62 19.94 27.19 4.11
CA GLY J 62 20.47 28.27 4.94
C GLY J 62 19.93 28.24 6.35
N GLU J 63 18.63 27.98 6.51
CA GLU J 63 18.04 27.91 7.84
C GLU J 63 18.54 26.70 8.62
N THR J 64 18.83 25.59 7.92
CA THR J 64 19.45 24.44 8.58
C THR J 64 20.85 24.80 9.07
N ARG J 65 21.63 25.49 8.23
CA ARG J 65 22.97 25.93 8.64
C ARG J 65 22.91 26.84 9.85
N LYS J 66 22.02 27.83 9.83
CA LYS J 66 21.97 28.79 10.93
C LYS J 66 21.39 28.18 12.21
N VAL J 67 20.42 27.26 12.09
CA VAL J 67 19.88 26.66 13.31
C VAL J 67 20.91 25.73 13.94
N LYS J 68 21.77 25.10 13.12
CA LYS J 68 22.85 24.31 13.70
C LYS J 68 23.88 25.21 14.36
N ALA J 69 24.07 26.42 13.84
CA ALA J 69 24.94 27.38 14.51
C ALA J 69 24.36 27.81 15.85
N HIS J 70 23.03 28.03 15.91
CA HIS J 70 22.38 28.24 17.20
C HIS J 70 22.64 27.06 18.14
N SER J 71 22.51 25.84 17.61
CA SER J 71 22.70 24.65 18.44
C SER J 71 24.12 24.59 18.98
N GLN J 72 25.12 24.90 18.14
CA GLN J 72 26.51 24.84 18.57
C GLN J 72 26.80 25.85 19.68
N THR J 73 26.27 27.07 19.54
CA THR J 73 26.47 28.07 20.59
C THR J 73 25.82 27.61 21.89
N HIS J 74 24.59 27.09 21.82
CA HIS J 74 23.92 26.63 23.04
C HIS J 74 24.65 25.45 23.66
N ARG J 75 25.24 24.58 22.84
CA ARG J 75 26.04 23.48 23.38
C ARG J 75 27.19 24.01 24.22
N VAL J 76 27.86 25.05 23.73
CA VAL J 76 28.96 25.65 24.49
C VAL J 76 28.42 26.39 25.71
N ASP J 77 27.29 27.07 25.57
CA ASP J 77 26.72 27.85 26.66
C ASP J 77 26.48 27.00 27.90
N LEU J 78 26.00 25.77 27.72
CA LEU J 78 25.72 24.91 28.87
C LEU J 78 26.98 24.68 29.70
N GLY J 79 28.12 24.48 29.05
CA GLY J 79 29.37 24.33 29.78
C GLY J 79 29.82 25.62 30.43
N THR J 80 29.65 26.74 29.72
CA THR J 80 30.01 28.04 30.29
C THR J 80 29.21 28.34 31.55
N LEU J 81 27.90 28.07 31.51
CA LEU J 81 27.04 28.35 32.64
C LEU J 81 27.37 27.47 33.83
N ARG J 82 27.74 26.21 33.58
CA ARG J 82 28.26 25.36 34.65
C ARG J 82 29.43 26.03 35.36
N GLY J 83 30.33 26.65 34.59
CA GLY J 83 31.46 27.33 35.19
C GLY J 83 31.06 28.59 35.93
N TYR J 84 30.16 29.39 35.34
CA TYR J 84 29.71 30.62 35.97
C TYR J 84 29.11 30.36 37.35
N TYR J 85 28.36 29.27 37.48
CA TYR J 85 27.64 28.96 38.71
C TYR J 85 28.29 27.84 39.51
N ASN J 86 29.47 27.37 39.11
CA ASN J 86 30.19 26.30 39.81
C ASN J 86 29.32 25.08 40.02
N GLN J 87 28.72 24.59 38.94
CA GLN J 87 27.83 23.44 38.99
C GLN J 87 28.52 22.20 38.43
N SER J 88 28.20 21.04 39.00
CA SER J 88 28.82 19.81 38.58
C SER J 88 28.24 19.33 37.25
N GLU J 89 28.96 18.40 36.61
CA GLU J 89 28.49 17.80 35.38
C GLU J 89 27.34 16.82 35.59
N ALA J 90 27.03 16.46 36.83
CA ALA J 90 26.07 15.39 37.09
C ALA J 90 24.64 15.82 36.82
N GLY J 91 24.34 17.12 36.94
CA GLY J 91 22.98 17.60 36.87
C GLY J 91 22.58 18.09 35.49
N SER J 92 21.31 17.90 35.17
CA SER J 92 20.72 18.43 33.95
C SER J 92 20.27 19.87 34.17
N HIS J 93 20.55 20.72 33.20
CA HIS J 93 20.20 22.13 33.26
C HIS J 93 19.54 22.57 31.97
N THR J 94 18.79 23.67 32.04
CA THR J 94 17.93 24.12 30.96
C THR J 94 18.32 25.54 30.57
N VAL J 95 18.56 25.75 29.27
CA VAL J 95 18.75 27.07 28.71
C VAL J 95 17.59 27.33 27.75
N GLN J 96 17.02 28.53 27.82
CA GLN J 96 15.97 28.94 26.91
C GLN J 96 16.28 30.30 26.32
N ARG J 97 15.97 30.47 25.04
CA ARG J 97 16.18 31.72 24.34
C ARG J 97 14.96 32.02 23.49
N MET J 98 14.56 33.29 23.50
CA MET J 98 13.47 33.74 22.65
C MET J 98 13.83 35.09 22.08
N TYR J 99 13.69 35.25 20.76
CA TYR J 99 13.89 36.56 20.16
C TYR J 99 12.93 36.73 19.00
N GLY J 100 12.69 37.98 18.64
CA GLY J 100 11.78 38.27 17.55
C GLY J 100 11.41 39.74 17.52
N CYS J 101 10.44 40.04 16.66
CA CYS J 101 10.02 41.41 16.41
C CYS J 101 8.52 41.48 16.26
N ASP J 102 7.97 42.63 16.62
CA ASP J 102 6.56 42.93 16.43
C ASP J 102 6.40 44.06 15.41
N VAL J 103 5.32 44.00 14.64
CA VAL J 103 4.94 45.08 13.74
C VAL J 103 3.51 45.47 14.07
N GLY J 104 3.19 46.73 13.84
CA GLY J 104 1.85 47.20 14.08
C GLY J 104 0.92 46.82 12.94
N SER J 105 -0.30 47.37 13.01
CA SER J 105 -1.28 47.16 11.94
C SER J 105 -0.79 47.75 10.63
N ASP J 106 0.13 48.72 10.72
CA ASP J 106 0.81 49.42 9.65
C ASP J 106 2.01 48.66 9.09
N TRP J 107 2.24 47.43 9.54
CA TRP J 107 3.33 46.57 9.06
C TRP J 107 4.71 47.19 9.32
N ARG J 108 4.80 48.17 10.21
CA ARG J 108 6.06 48.82 10.57
C ARG J 108 6.58 48.34 11.91
N PHE J 109 7.91 48.43 12.07
CA PHE J 109 8.56 47.94 13.29
C PHE J 109 7.93 48.56 14.53
N LEU J 110 7.50 47.70 15.46
CA LEU J 110 6.94 48.11 16.74
C LEU J 110 7.93 47.95 17.89
N ARG J 111 8.47 46.73 18.06
CA ARG J 111 9.40 46.45 19.14
C ARG J 111 10.19 45.20 18.79
N GLY J 112 11.38 45.09 19.36
CA GLY J 112 12.21 43.91 19.21
C GLY J 112 12.57 43.35 20.57
N TYR J 113 12.95 42.08 20.64
CA TYR J 113 13.28 41.48 21.91
C TYR J 113 14.24 40.31 21.72
N HIS J 114 15.02 40.04 22.78
CA HIS J 114 15.88 38.87 22.83
C HIS J 114 16.09 38.53 24.29
N GLN J 115 15.49 37.43 24.75
CA GLN J 115 15.49 37.04 26.15
C GLN J 115 16.14 35.68 26.31
N TYR J 116 16.86 35.50 27.42
CA TYR J 116 17.66 34.32 27.68
C TYR J 116 17.44 33.92 29.13
N ALA J 117 17.23 32.63 29.37
CA ALA J 117 16.94 32.13 30.71
C ALA J 117 17.79 30.91 31.00
N TYR J 118 18.11 30.72 32.27
CA TYR J 118 18.85 29.55 32.74
C TYR J 118 18.09 28.91 33.89
N ASP J 119 17.81 27.62 33.75
CA ASP J 119 17.06 26.84 34.74
C ASP J 119 15.77 27.55 35.16
N GLY J 120 15.06 28.11 34.18
CA GLY J 120 13.72 28.60 34.38
C GLY J 120 13.57 30.02 34.89
N LYS J 121 14.65 30.79 34.98
CA LYS J 121 14.51 32.18 35.40
C LYS J 121 15.34 33.09 34.51
N ASP J 122 14.97 34.37 34.51
CA ASP J 122 15.64 35.37 33.69
C ASP J 122 17.14 35.32 33.90
N TYR J 123 17.89 35.35 32.80
CA TYR J 123 19.35 35.45 32.83
C TYR J 123 19.79 36.77 32.24
N ILE J 124 19.60 36.99 30.94
CA ILE J 124 19.92 38.29 30.33
C ILE J 124 18.89 38.57 29.24
N ALA J 125 18.58 39.85 29.07
CA ALA J 125 17.54 40.25 28.12
C ALA J 125 17.90 41.60 27.52
N LEU J 126 17.66 41.75 26.24
CA LEU J 126 17.82 43.04 25.58
C LEU J 126 16.70 43.98 25.99
N LYS J 127 17.06 45.20 26.39
CA LYS J 127 16.06 46.18 26.78
C LYS J 127 15.38 46.76 25.53
N GLU J 128 14.27 47.47 25.76
CA GLU J 128 13.44 47.91 24.64
C GLU J 128 14.16 48.90 23.74
N ASP J 129 15.13 49.65 24.27
CA ASP J 129 15.89 50.56 23.42
C ASP J 129 16.85 49.84 22.48
N LEU J 130 16.98 48.52 22.61
CA LEU J 130 17.80 47.67 21.76
C LEU J 130 19.28 48.05 21.78
N ARG J 131 19.73 48.72 22.84
CA ARG J 131 21.15 49.06 22.99
C ARG J 131 21.73 48.70 24.35
N SER J 132 20.92 48.22 25.29
CA SER J 132 21.40 47.93 26.63
C SER J 132 20.78 46.62 27.10
N TRP J 133 21.31 46.09 28.21
CA TRP J 133 20.96 44.77 28.69
C TRP J 133 20.49 44.81 30.14
N THR J 134 19.55 43.92 30.45
CA THR J 134 19.14 43.65 31.82
C THR J 134 19.75 42.32 32.23
N ALA J 135 20.68 42.34 33.17
CA ALA J 135 21.37 41.14 33.65
C ALA J 135 20.83 40.80 35.03
N ALA J 136 20.29 39.59 35.18
CA ALA J 136 19.50 39.25 36.36
C ALA J 136 20.35 38.94 37.59
N ASP J 137 21.61 38.54 37.43
CA ASP J 137 22.46 38.21 38.57
C ASP J 137 23.92 38.47 38.19
N MET J 138 24.84 38.08 39.06
CA MET J 138 26.25 38.41 38.83
C MET J 138 26.81 37.65 37.64
N ALA J 139 26.43 36.38 37.47
CA ALA J 139 26.90 35.62 36.33
C ALA J 139 26.49 36.28 35.02
N ALA J 140 25.24 36.74 34.94
CA ALA J 140 24.77 37.40 33.73
C ALA J 140 25.49 38.73 33.49
N GLN J 141 25.96 39.39 34.55
CA GLN J 141 26.78 40.58 34.37
C GLN J 141 28.07 40.26 33.64
N THR J 142 28.66 39.09 33.92
CA THR J 142 29.83 38.65 33.15
C THR J 142 29.49 38.57 31.67
N THR J 143 28.35 37.94 31.35
CA THR J 143 27.91 37.87 29.97
C THR J 143 27.69 39.27 29.39
N LYS J 144 27.06 40.16 30.16
CA LYS J 144 26.83 41.52 29.71
C LYS J 144 28.14 42.21 29.35
N HIS J 145 29.17 42.07 30.19
CA HIS J 145 30.47 42.65 29.87
C HIS J 145 30.99 42.13 28.53
N LYS J 146 30.92 40.82 28.33
CA LYS J 146 31.45 40.24 27.09
C LYS J 146 30.62 40.68 25.89
N TRP J 147 29.30 40.77 26.06
CA TRP J 147 28.42 41.16 24.96
C TRP J 147 28.54 42.64 24.65
N GLU J 148 28.82 43.47 25.66
CA GLU J 148 29.08 44.89 25.40
C GLU J 148 30.38 45.09 24.63
N ALA J 149 31.45 44.39 25.04
CA ALA J 149 32.72 44.52 24.33
C ALA J 149 32.63 44.00 22.90
N ALA J 150 31.79 43.01 22.65
CA ALA J 150 31.64 42.43 21.32
C ALA J 150 30.52 43.07 20.51
N HIS J 151 29.88 44.12 21.04
CA HIS J 151 28.86 44.87 20.31
C HIS J 151 27.73 43.97 19.81
N VAL J 152 27.34 43.02 20.67
CA VAL J 152 26.27 42.07 20.33
C VAL J 152 24.95 42.80 20.11
N ALA J 153 24.65 43.80 20.96
CA ALA J 153 23.36 44.48 20.85
C ALA J 153 23.21 45.19 19.52
N GLU J 154 24.31 45.76 19.01
CA GLU J 154 24.24 46.46 17.73
C GLU J 154 23.85 45.52 16.60
N GLN J 155 24.42 44.31 16.57
CA GLN J 155 24.06 43.35 15.54
C GLN J 155 22.63 42.87 15.71
N LEU J 156 22.21 42.63 16.95
CA LEU J 156 20.84 42.19 17.21
C LEU J 156 19.84 43.25 16.77
N ARG J 157 20.12 44.51 17.09
CA ARG J 157 19.19 45.58 16.69
C ARG J 157 19.03 45.64 15.18
N ALA J 158 20.13 45.47 14.44
CA ALA J 158 20.04 45.47 12.98
C ALA J 158 19.16 44.33 12.48
N TYR J 159 19.31 43.14 13.06
CA TYR J 159 18.45 42.01 12.70
C TYR J 159 17.00 42.30 13.07
N LEU J 160 16.75 42.75 14.29
CA LEU J 160 15.39 42.91 14.78
C LEU J 160 14.65 44.02 14.02
N GLU J 161 15.33 45.11 13.72
CA GLU J 161 14.68 46.21 13.02
C GLU J 161 14.64 46.02 11.51
N GLY J 162 15.50 45.17 10.96
CA GLY J 162 15.54 45.01 9.51
C GLY J 162 15.10 43.64 9.05
N THR J 163 16.03 42.68 9.11
CA THR J 163 15.79 41.32 8.61
C THR J 163 14.51 40.73 9.19
N CYS J 164 14.33 40.83 10.50
CA CYS J 164 13.18 40.23 11.16
C CYS J 164 11.89 40.80 10.60
N VAL J 165 11.82 42.12 10.43
CA VAL J 165 10.60 42.76 9.95
C VAL J 165 10.38 42.47 8.47
N GLU J 166 11.46 42.42 7.68
CA GLU J 166 11.30 42.14 6.26
C GLU J 166 10.72 40.75 6.04
N TRP J 167 11.22 39.75 6.77
CA TRP J 167 10.73 38.39 6.56
C TRP J 167 9.38 38.16 7.21
N LEU J 168 9.10 38.82 8.33
CA LEU J 168 7.76 38.76 8.91
C LEU J 168 6.71 39.27 7.92
N ARG J 169 7.01 40.38 7.24
CA ARG J 169 6.10 40.91 6.22
C ARG J 169 5.92 39.91 5.09
N ARG J 170 7.01 39.25 4.68
CA ARG J 170 6.94 38.24 3.64
C ARG J 170 6.04 37.07 4.05
N TYR J 171 6.25 36.56 5.26
CA TYR J 171 5.45 35.45 5.75
C TYR J 171 3.98 35.84 5.87
N LEU J 172 3.71 37.06 6.34
CA LEU J 172 2.33 37.51 6.49
C LEU J 172 1.62 37.54 5.15
N GLU J 173 2.32 37.92 4.08
CA GLU J 173 1.67 37.95 2.77
C GLU J 173 1.49 36.55 2.21
N ASN J 174 2.54 35.72 2.28
CA ASN J 174 2.44 34.37 1.73
C ASN J 174 1.41 33.53 2.47
N GLY J 175 1.21 33.79 3.75
CA GLY J 175 0.23 33.03 4.49
C GLY J 175 -0.96 33.85 4.95
N LYS J 176 -1.31 34.90 4.21
CA LYS J 176 -2.34 35.81 4.70
C LYS J 176 -3.68 35.12 4.91
N GLU J 177 -3.97 34.09 4.11
CA GLU J 177 -5.21 33.34 4.29
C GLU J 177 -5.31 32.76 5.69
N THR J 178 -4.19 32.33 6.26
CA THR J 178 -4.10 31.80 7.61
C THR J 178 -3.84 32.89 8.64
N LEU J 179 -2.90 33.79 8.34
CA LEU J 179 -2.33 34.70 9.32
C LEU J 179 -3.11 36.01 9.47
N GLN J 180 -3.64 36.54 8.38
CA GLN J 180 -4.36 37.82 8.43
C GLN J 180 -5.86 37.64 8.58
N ARG J 181 -6.26 36.63 9.33
CA ARG J 181 -7.66 36.33 9.57
C ARG J 181 -7.98 36.52 11.05
N THR J 182 -9.27 36.60 11.34
N THR J 182 -9.26 36.68 11.34
CA THR J 182 -9.74 36.65 12.72
CA THR J 182 -9.77 36.66 12.71
C THR J 182 -11.01 35.81 12.83
C THR J 182 -10.97 35.74 12.75
N ASP J 183 -10.97 34.80 13.69
CA ASP J 183 -12.11 33.93 13.92
C ASP J 183 -12.71 34.33 15.28
N ALA J 184 -13.91 34.90 15.24
CA ALA J 184 -14.55 35.32 16.48
C ALA J 184 -14.95 34.09 17.30
N PRO J 185 -14.89 34.17 18.63
CA PRO J 185 -15.26 33.01 19.45
C PRO J 185 -16.75 32.70 19.35
N LYS J 186 -17.05 31.40 19.29
CA LYS J 186 -18.41 30.91 19.48
C LYS J 186 -18.61 30.67 20.98
N THR J 187 -19.55 31.39 21.58
CA THR J 187 -19.66 31.44 23.03
C THR J 187 -20.95 30.83 23.53
N HIS J 188 -20.87 30.24 24.72
CA HIS J 188 -22.04 29.78 25.45
C HIS J 188 -21.63 29.56 26.90
N MET J 189 -22.62 29.32 27.75
CA MET J 189 -22.40 28.97 29.15
C MET J 189 -23.08 27.65 29.45
N THR J 190 -22.45 26.83 30.27
CA THR J 190 -23.04 25.59 30.76
C THR J 190 -23.36 25.72 32.24
N HIS J 191 -24.32 24.93 32.69
CA HIS J 191 -24.83 24.95 34.06
C HIS J 191 -24.91 23.53 34.56
N HIS J 192 -24.25 23.23 35.69
CA HIS J 192 -24.35 21.90 36.26
C HIS J 192 -24.35 21.97 37.79
N ALA J 193 -25.36 21.36 38.40
CA ALA J 193 -25.40 21.30 39.85
C ALA J 193 -24.24 20.46 40.38
N VAL J 194 -23.59 20.97 41.43
CA VAL J 194 -22.63 20.14 42.16
C VAL J 194 -23.22 19.62 43.45
N SER J 195 -24.42 20.04 43.81
CA SER J 195 -25.17 19.62 44.99
C SER J 195 -26.55 20.23 44.86
N ASP J 196 -27.39 20.03 45.88
CA ASP J 196 -28.72 20.62 45.81
C ASP J 196 -28.71 22.11 46.11
N HIS J 197 -27.55 22.67 46.43
CA HIS J 197 -27.45 24.08 46.78
C HIS J 197 -26.37 24.86 46.04
N GLU J 198 -25.56 24.22 45.19
CA GLU J 198 -24.57 24.95 44.41
C GLU J 198 -24.53 24.43 42.98
N ALA J 199 -24.10 25.30 42.06
CA ALA J 199 -24.02 24.97 40.65
C ALA J 199 -22.77 25.58 40.04
N THR J 200 -22.16 24.87 39.11
CA THR J 200 -21.03 25.38 38.34
C THR J 200 -21.55 26.12 37.11
N LEU J 201 -21.14 27.36 36.97
CA LEU J 201 -21.37 28.14 35.75
C LEU J 201 -20.04 28.20 35.00
N ARG J 202 -20.01 27.69 33.77
CA ARG J 202 -18.80 27.68 32.97
C ARG J 202 -19.03 28.47 31.69
N CYS J 203 -18.23 29.51 31.47
CA CYS J 203 -18.34 30.35 30.29
C CYS J 203 -17.34 29.86 29.26
N TRP J 204 -17.83 29.56 28.05
CA TRP J 204 -17.05 28.91 27.00
C TRP J 204 -16.80 29.85 25.83
N ALA J 205 -15.58 29.80 25.30
CA ALA J 205 -15.23 30.44 24.04
C ALA J 205 -14.52 29.40 23.18
N LEU J 206 -14.99 29.21 21.95
CA LEU J 206 -14.51 28.13 21.11
C LEU J 206 -14.21 28.63 19.69
N SER J 207 -13.24 27.95 19.06
CA SER J 207 -12.97 28.13 17.63
CA SER J 207 -12.94 28.13 17.63
C SER J 207 -12.54 29.56 17.30
N PHE J 208 -11.75 30.19 18.17
CA PHE J 208 -11.33 31.56 17.91
C PHE J 208 -9.86 31.63 17.54
N TYR J 209 -9.51 32.73 16.85
CA TYR J 209 -8.15 33.05 16.44
C TYR J 209 -8.08 34.56 16.25
N PRO J 210 -7.02 35.23 16.74
CA PRO J 210 -5.88 34.66 17.46
C PRO J 210 -6.20 34.25 18.90
N ALA J 211 -5.17 33.81 19.62
CA ALA J 211 -5.39 33.20 20.94
C ALA J 211 -5.75 34.24 22.00
N GLU J 212 -5.35 35.48 21.82
CA GLU J 212 -5.62 36.52 22.81
C GLU J 212 -7.12 36.68 23.03
N ILE J 213 -7.55 36.57 24.30
CA ILE J 213 -8.96 36.65 24.65
C ILE J 213 -9.07 36.94 26.13
N THR J 214 -10.20 37.53 26.53
CA THR J 214 -10.48 37.79 27.94
C THR J 214 -11.88 37.29 28.27
N LEU J 215 -11.98 36.41 29.28
CA LEU J 215 -13.24 35.95 29.83
C LEU J 215 -13.32 36.40 31.28
N THR J 216 -14.41 37.04 31.66
N THR J 216 -14.44 36.99 31.65
CA THR J 216 -14.56 37.47 33.04
CA THR J 216 -14.64 37.58 32.97
C THR J 216 -16.00 37.27 33.48
C THR J 216 -16.04 37.24 33.47
N TRP J 217 -16.15 36.90 34.75
CA TRP J 217 -17.44 36.74 35.38
C TRP J 217 -17.73 37.97 36.24
N GLN J 218 -18.97 38.44 36.18
CA GLN J 218 -19.43 39.50 37.06
C GLN J 218 -20.64 39.02 37.85
N ARG J 219 -20.72 39.46 39.11
CA ARG J 219 -21.89 39.24 39.96
C ARG J 219 -22.46 40.61 40.28
N ASP J 220 -23.67 40.89 39.78
CA ASP J 220 -24.27 42.22 39.88
C ASP J 220 -23.31 43.29 39.35
N GLY J 221 -22.58 42.96 38.30
CA GLY J 221 -21.66 43.89 37.69
C GLY J 221 -20.30 43.99 38.34
N GLU J 222 -20.02 43.21 39.39
CA GLU J 222 -18.73 43.24 40.06
C GLU J 222 -17.88 42.06 39.63
N ASP J 223 -16.64 42.34 39.20
CA ASP J 223 -15.75 41.27 38.77
C ASP J 223 -15.51 40.28 39.89
N GLN J 224 -15.52 39.00 39.55
CA GLN J 224 -15.32 37.90 40.50
C GLN J 224 -13.96 37.24 40.31
N THR J 225 -12.89 38.05 40.31
CA THR J 225 -11.58 37.55 39.91
C THR J 225 -11.11 36.39 40.79
N GLN J 226 -11.11 36.58 42.11
CA GLN J 226 -10.54 35.55 42.98
C GLN J 226 -11.40 34.30 43.05
N ASP J 227 -12.68 34.38 42.66
CA ASP J 227 -13.56 33.21 42.71
C ASP J 227 -13.72 32.55 41.36
N THR J 228 -13.00 33.00 40.34
CA THR J 228 -13.10 32.46 38.99
C THR J 228 -11.97 31.48 38.75
N GLU J 229 -12.32 30.29 38.25
CA GLU J 229 -11.32 29.36 37.74
C GLU J 229 -11.16 29.60 36.25
N LEU J 230 -9.96 30.02 35.85
CA LEU J 230 -9.65 30.42 34.48
C LEU J 230 -8.58 29.47 33.95
N VAL J 231 -8.91 28.66 32.95
CA VAL J 231 -7.95 27.72 32.41
C VAL J 231 -7.09 28.42 31.35
N GLU J 232 -5.89 27.89 31.15
CA GLU J 232 -5.01 28.40 30.11
C GLU J 232 -5.63 28.20 28.73
N THR J 233 -5.54 29.24 27.90
CA THR J 233 -5.99 29.14 26.51
C THR J 233 -5.30 27.97 25.83
N ARG J 234 -6.07 27.14 25.15
CA ARG J 234 -5.58 25.86 24.67
C ARG J 234 -5.86 25.70 23.18
N PRO J 235 -4.98 25.02 22.46
CA PRO J 235 -5.22 24.81 21.03
C PRO J 235 -6.23 23.70 20.79
N ALA J 236 -7.11 23.93 19.81
CA ALA J 236 -8.04 22.89 19.40
C ALA J 236 -7.38 21.86 18.49
N GLY J 237 -6.24 22.21 17.89
CA GLY J 237 -5.55 21.34 16.96
C GLY J 237 -5.74 21.72 15.50
N ASP J 238 -6.72 22.56 15.20
CA ASP J 238 -7.05 22.95 13.84
C ASP J 238 -6.64 24.38 13.53
N GLY J 239 -5.80 24.99 14.37
CA GLY J 239 -5.43 26.37 14.18
C GLY J 239 -6.28 27.37 14.94
N THR J 240 -7.28 26.90 15.67
CA THR J 240 -8.09 27.76 16.54
C THR J 240 -7.83 27.41 17.99
N PHE J 241 -8.40 28.20 18.89
CA PHE J 241 -8.14 28.09 20.31
C PHE J 241 -9.44 28.00 21.09
N GLN J 242 -9.32 27.57 22.34
CA GLN J 242 -10.46 27.43 23.24
C GLN J 242 -10.06 27.95 24.61
N LYS J 243 -11.06 28.38 25.38
CA LYS J 243 -10.83 28.83 26.75
C LYS J 243 -12.14 28.79 27.49
N TRP J 244 -12.08 28.54 28.80
CA TRP J 244 -13.27 28.66 29.62
C TRP J 244 -12.91 29.23 30.98
N ALA J 245 -13.94 29.77 31.65
CA ALA J 245 -13.86 30.33 32.98
C ALA J 245 -15.10 29.88 33.75
N ALA J 246 -14.90 29.50 35.01
CA ALA J 246 -15.98 28.92 35.80
C ALA J 246 -16.07 29.58 37.17
N VAL J 247 -17.28 29.64 37.68
CA VAL J 247 -17.55 30.01 39.07
C VAL J 247 -18.55 29.02 39.64
N VAL J 248 -18.47 28.80 40.95
CA VAL J 248 -19.44 27.96 41.66
C VAL J 248 -20.32 28.90 42.48
N VAL J 249 -21.63 28.82 42.25
CA VAL J 249 -22.54 29.83 42.81
C VAL J 249 -23.65 29.13 43.57
N PRO J 250 -24.27 29.82 44.52
CA PRO J 250 -25.46 29.25 45.16
C PRO J 250 -26.60 29.10 44.18
N SER J 251 -27.24 27.93 44.21
CA SER J 251 -28.41 27.70 43.36
C SER J 251 -29.47 28.76 43.61
N GLY J 252 -30.01 29.31 42.52
CA GLY J 252 -30.97 30.38 42.58
C GLY J 252 -30.40 31.76 42.27
N GLN J 253 -29.08 31.92 42.34
CA GLN J 253 -28.44 33.21 42.08
C GLN J 253 -27.91 33.32 40.66
N GLU J 254 -28.26 32.39 39.78
CA GLU J 254 -27.67 32.37 38.44
C GLU J 254 -27.85 33.70 37.73
N GLN J 255 -29.02 34.32 37.88
CA GLN J 255 -29.34 35.55 37.17
C GLN J 255 -28.45 36.73 37.59
N ARG J 256 -27.77 36.63 38.73
CA ARG J 256 -26.83 37.68 39.13
C ARG J 256 -25.53 37.62 38.34
N TYR J 257 -25.22 36.48 37.73
CA TYR J 257 -23.91 36.24 37.13
C TYR J 257 -23.97 36.44 35.62
N THR J 258 -22.99 37.17 35.10
CA THR J 258 -22.86 37.39 33.66
C THR J 258 -21.43 37.11 33.26
N CYS J 259 -21.26 36.55 32.07
CA CYS J 259 -19.93 36.33 31.51
C CYS J 259 -19.67 37.34 30.41
N HIS J 260 -18.45 37.87 30.38
CA HIS J 260 -18.07 38.93 29.46
C HIS J 260 -16.87 38.47 28.65
N VAL J 261 -16.98 38.56 27.33
CA VAL J 261 -16.00 38.02 26.40
C VAL J 261 -15.46 39.16 25.54
N GLN J 262 -14.15 39.28 25.49
CA GLN J 262 -13.48 40.27 24.65
C GLN J 262 -12.52 39.56 23.71
N HIS J 263 -12.65 39.85 22.41
CA HIS J 263 -11.80 39.25 21.40
C HIS J 263 -11.79 40.18 20.20
N GLU J 264 -10.64 40.28 19.52
CA GLU J 264 -10.53 41.24 18.43
C GLU J 264 -11.45 40.88 17.27
N GLY J 265 -11.96 39.65 17.21
CA GLY J 265 -12.91 39.30 16.17
C GLY J 265 -14.35 39.65 16.47
N LEU J 266 -14.64 40.10 17.67
CA LEU J 266 -15.98 40.54 18.04
C LEU J 266 -16.14 42.02 17.70
N PRO J 267 -17.25 42.42 17.05
CA PRO J 267 -17.51 43.85 16.85
C PRO J 267 -17.46 44.66 18.15
N LYS J 268 -18.03 44.11 19.21
CA LYS J 268 -17.98 44.69 20.54
C LYS J 268 -18.01 43.55 21.55
N PRO J 269 -17.54 43.78 22.78
CA PRO J 269 -17.54 42.71 23.78
C PRO J 269 -18.93 42.11 23.98
N LEU J 270 -18.96 40.80 24.20
CA LEU J 270 -20.21 40.08 24.40
C LEU J 270 -20.48 39.89 25.88
N THR J 271 -21.75 40.00 26.26
CA THR J 271 -22.21 39.66 27.59
C THR J 271 -23.19 38.51 27.48
N LEU J 272 -22.92 37.41 28.18
CA LEU J 272 -23.82 36.27 28.22
C LEU J 272 -24.51 36.22 29.58
N ARG J 273 -25.81 35.92 29.56
CA ARG J 273 -26.65 36.01 30.74
C ARG J 273 -27.47 34.73 30.90
N TRP J 274 -27.99 34.52 32.11
CA TRP J 274 -28.83 33.37 32.41
C TRP J 274 -30.32 33.72 32.36
N GLU J 275 -30.68 34.79 31.67
CA GLU J 275 -32.07 35.21 31.58
C GLU J 275 -32.30 35.97 30.29
N MET K 1 16.49 24.04 42.63
CA MET K 1 16.15 24.36 41.25
C MET K 1 14.66 24.62 41.09
N ILE K 2 14.32 25.54 40.19
CA ILE K 2 12.92 25.85 39.90
C ILE K 2 12.20 24.60 39.39
N GLN K 3 11.00 24.36 39.91
CA GLN K 3 10.13 23.31 39.41
C GLN K 3 8.71 23.87 39.34
N ARG K 4 8.04 23.61 38.23
CA ARG K 4 6.66 24.06 38.04
C ARG K 4 5.80 22.88 37.59
N THR K 5 4.63 22.74 38.21
CA THR K 5 3.76 21.59 37.99
C THR K 5 2.99 21.75 36.68
N PRO K 6 2.84 20.68 35.90
CA PRO K 6 2.03 20.77 34.68
C PRO K 6 0.56 21.01 34.99
N LYS K 7 -0.05 21.90 34.22
CA LYS K 7 -1.50 22.11 34.22
C LYS K 7 -2.05 21.29 33.06
N ILE K 8 -2.95 20.34 33.36
CA ILE K 8 -3.38 19.32 32.41
C ILE K 8 -4.83 19.58 32.01
N GLN K 9 -5.09 19.59 30.71
CA GLN K 9 -6.45 19.70 30.18
C GLN K 9 -6.67 18.60 29.16
N VAL K 10 -7.77 17.86 29.31
CA VAL K 10 -8.18 16.80 28.38
C VAL K 10 -9.51 17.19 27.76
N TYR K 11 -9.59 17.14 26.44
CA TYR K 11 -10.75 17.70 25.75
C TYR K 11 -10.74 17.25 24.30
N SER K 12 -11.89 17.36 23.66
CA SER K 12 -12.02 17.07 22.24
C SER K 12 -11.92 18.36 21.43
N ARG K 13 -11.49 18.21 20.17
CA ARG K 13 -11.40 19.37 19.29
C ARG K 13 -12.78 19.96 19.01
N HIS K 14 -13.76 19.10 18.73
CA HIS K 14 -15.13 19.48 18.43
C HIS K 14 -16.06 18.93 19.50
N PRO K 15 -17.25 19.50 19.64
CA PRO K 15 -18.25 18.90 20.54
C PRO K 15 -18.44 17.43 20.21
N ALA K 16 -18.44 16.60 21.25
CA ALA K 16 -18.44 15.16 21.06
C ALA K 16 -19.82 14.64 20.68
N GLU K 17 -19.87 13.82 19.64
CA GLU K 17 -21.08 13.10 19.25
C GLU K 17 -20.73 11.63 19.08
N ASN K 18 -21.50 10.76 19.73
CA ASN K 18 -21.23 9.33 19.66
C ASN K 18 -21.26 8.85 18.21
N GLY K 19 -20.18 8.19 17.79
CA GLY K 19 -20.08 7.68 16.45
C GLY K 19 -19.52 8.63 15.41
N LYS K 20 -19.15 9.84 15.80
CA LYS K 20 -18.61 10.83 14.87
C LYS K 20 -17.12 11.04 15.16
N SER K 21 -16.30 10.92 14.11
CA SER K 21 -14.86 11.06 14.27
CA SER K 21 -14.86 11.06 14.27
C SER K 21 -14.51 12.44 14.83
N ASN K 22 -13.51 12.47 15.71
CA ASN K 22 -13.13 13.67 16.43
C ASN K 22 -11.62 13.60 16.71
N PHE K 23 -11.13 14.53 17.51
CA PHE K 23 -9.74 14.53 17.94
C PHE K 23 -9.71 14.72 19.45
N LEU K 24 -8.97 13.85 20.12
CA LEU K 24 -8.78 13.91 21.56
C LEU K 24 -7.47 14.63 21.86
N ASN K 25 -7.53 15.66 22.70
CA ASN K 25 -6.39 16.49 23.02
C ASN K 25 -6.02 16.37 24.50
N CYS K 26 -4.73 16.35 24.78
CA CYS K 26 -4.23 16.56 26.13
C CYS K 26 -3.21 17.67 26.06
N TYR K 27 -3.57 18.83 26.60
CA TYR K 27 -2.72 20.01 26.60
C TYR K 27 -2.09 20.14 27.98
N VAL K 28 -0.76 20.09 28.03
N VAL K 28 -0.77 20.24 28.01
CA VAL K 28 -0.02 20.27 29.28
CA VAL K 28 0.01 20.25 29.24
C VAL K 28 0.77 21.57 29.15
C VAL K 28 0.88 21.50 29.22
N SER K 29 0.61 22.44 30.13
CA SER K 29 1.27 23.73 30.10
C SER K 29 1.80 24.08 31.49
N GLY K 30 2.66 25.10 31.52
CA GLY K 30 3.13 25.65 32.77
C GLY K 30 4.13 24.82 33.54
N PHE K 31 4.81 23.88 32.90
CA PHE K 31 5.70 22.98 33.63
C PHE K 31 7.16 23.32 33.39
N HIS K 32 7.99 22.92 34.36
CA HIS K 32 9.43 23.13 34.33
C HIS K 32 10.06 22.18 35.34
N PRO K 33 11.13 21.46 35.00
CA PRO K 33 11.84 21.46 33.71
C PRO K 33 11.08 20.70 32.61
N SER K 34 11.75 20.45 31.48
CA SER K 34 11.05 20.05 30.27
C SER K 34 10.74 18.56 30.17
N ASP K 35 11.43 17.70 30.93
CA ASP K 35 11.17 16.27 30.86
C ASP K 35 9.77 15.96 31.38
N ILE K 36 8.96 15.27 30.57
CA ILE K 36 7.58 14.99 30.94
C ILE K 36 7.12 13.77 30.16
N GLU K 37 6.25 12.98 30.79
CA GLU K 37 5.63 11.82 30.15
C GLU K 37 4.14 12.07 30.03
N VAL K 38 3.61 11.94 28.82
CA VAL K 38 2.18 12.16 28.57
C VAL K 38 1.65 10.98 27.77
N ASP K 39 0.56 10.38 28.24
CA ASP K 39 -0.10 9.29 27.54
C ASP K 39 -1.59 9.55 27.49
N LEU K 40 -2.19 9.26 26.34
CA LEU K 40 -3.63 9.22 26.22
C LEU K 40 -4.11 7.80 26.49
N LEU K 41 -5.18 7.69 27.27
CA LEU K 41 -5.69 6.40 27.71
C LEU K 41 -7.09 6.18 27.16
N LYS K 42 -7.36 4.96 26.73
CA LYS K 42 -8.71 4.53 26.36
C LYS K 42 -9.05 3.34 27.25
N ASN K 43 -10.02 3.52 28.14
CA ASN K 43 -10.41 2.49 29.10
C ASN K 43 -9.20 2.01 29.91
N GLY K 44 -8.39 2.96 30.36
CA GLY K 44 -7.22 2.65 31.16
C GLY K 44 -6.01 2.16 30.38
N GLU K 45 -6.13 1.98 29.08
CA GLU K 45 -5.06 1.42 28.26
C GLU K 45 -4.40 2.52 27.44
N ARG K 46 -3.07 2.47 27.36
CA ARG K 46 -2.31 3.46 26.63
C ARG K 46 -2.63 3.41 25.14
N ILE K 47 -2.94 4.58 24.58
CA ILE K 47 -3.15 4.68 23.14
C ILE K 47 -1.78 4.80 22.47
N GLU K 48 -1.56 3.94 21.48
CA GLU K 48 -0.24 3.79 20.86
C GLU K 48 0.01 4.87 19.81
N LYS K 49 -1.02 5.25 19.06
CA LYS K 49 -0.91 6.19 17.95
C LYS K 49 -1.28 7.59 18.43
N VAL K 50 -0.31 8.26 19.07
CA VAL K 50 -0.49 9.62 19.57
C VAL K 50 0.64 10.51 19.05
N GLU K 51 0.29 11.64 18.47
CA GLU K 51 1.26 12.65 18.05
C GLU K 51 1.36 13.76 19.09
N HIS K 52 2.43 14.55 19.01
CA HIS K 52 2.58 15.69 19.91
C HIS K 52 3.24 16.86 19.20
N SER K 53 2.96 18.05 19.70
CA SER K 53 3.54 19.29 19.18
C SER K 53 5.02 19.38 19.53
N ASP K 54 5.69 20.31 18.85
CA ASP K 54 7.09 20.60 19.16
C ASP K 54 7.16 21.43 20.43
N LEU K 55 8.12 21.10 21.28
CA LEU K 55 8.27 21.77 22.58
C LEU K 55 8.47 23.26 22.41
N SER K 56 7.68 24.05 23.14
CA SER K 56 7.82 25.50 23.15
C SER K 56 7.50 25.98 24.56
N PHE K 57 7.53 27.30 24.76
CA PHE K 57 7.35 27.82 26.10
C PHE K 57 6.74 29.21 26.05
N SER K 58 6.21 29.64 27.21
CA SER K 58 5.47 30.88 27.34
C SER K 58 6.40 31.99 27.83
N LYS K 59 5.82 33.17 28.02
CA LYS K 59 6.60 34.34 28.44
C LYS K 59 7.34 34.08 29.75
N ASP K 60 6.71 33.35 30.68
CA ASP K 60 7.31 33.07 31.98
C ASP K 60 8.29 31.89 31.95
N TRP K 61 8.61 31.39 30.76
CA TRP K 61 9.57 30.31 30.47
C TRP K 61 8.97 28.93 30.71
N SER K 62 7.73 28.82 31.17
CA SER K 62 7.16 27.50 31.41
C SER K 62 6.79 26.85 30.07
N PHE K 63 6.95 25.53 30.01
CA PHE K 63 6.77 24.78 28.78
C PHE K 63 5.32 24.41 28.55
N TYR K 64 4.99 24.13 27.28
CA TYR K 64 3.68 23.58 26.93
C TYR K 64 3.83 22.61 25.78
N LEU K 65 2.94 21.61 25.76
CA LEU K 65 2.93 20.55 24.76
C LEU K 65 1.48 20.12 24.53
N LEU K 66 1.15 19.83 23.28
CA LEU K 66 -0.15 19.27 22.93
C LEU K 66 0.05 17.83 22.47
N TYR K 67 -0.63 16.89 23.14
CA TYR K 67 -0.72 15.51 22.68
C TYR K 67 -2.11 15.27 22.12
N TYR K 68 -2.19 14.58 20.99
CA TYR K 68 -3.48 14.47 20.32
C TYR K 68 -3.55 13.22 19.47
N THR K 69 -4.77 12.71 19.32
CA THR K 69 -5.00 11.52 18.51
C THR K 69 -6.43 11.60 17.97
N GLU K 70 -6.65 10.94 16.83
CA GLU K 70 -7.98 10.84 16.28
C GLU K 70 -8.77 9.81 17.08
N PHE K 71 -10.05 10.11 17.34
CA PHE K 71 -10.87 9.14 18.04
C PHE K 71 -12.34 9.37 17.69
N THR K 72 -13.12 8.32 17.90
CA THR K 72 -14.57 8.36 17.69
C THR K 72 -15.23 8.03 19.01
N PRO K 73 -15.76 9.01 19.72
CA PRO K 73 -16.34 8.73 21.04
C PRO K 73 -17.54 7.81 20.94
N THR K 74 -17.73 7.02 22.00
CA THR K 74 -18.90 6.18 22.16
C THR K 74 -19.48 6.43 23.54
N GLU K 75 -20.60 5.77 23.83
CA GLU K 75 -21.21 5.89 25.15
C GLU K 75 -20.31 5.31 26.23
N LYS K 76 -19.70 4.16 25.96
CA LYS K 76 -19.03 3.38 26.99
C LYS K 76 -17.54 3.68 27.14
N ASP K 77 -16.86 4.04 26.05
CA ASP K 77 -15.41 4.21 26.11
C ASP K 77 -15.03 5.41 26.98
N GLU K 78 -14.15 5.17 27.95
CA GLU K 78 -13.65 6.21 28.83
C GLU K 78 -12.25 6.60 28.40
N TYR K 79 -12.00 7.90 28.29
CA TYR K 79 -10.70 8.43 27.88
C TYR K 79 -10.09 9.27 28.99
N ALA K 80 -8.76 9.32 29.00
CA ALA K 80 -8.05 10.07 30.03
C ALA K 80 -6.66 10.42 29.51
N CYS K 81 -5.97 11.24 30.29
CA CYS K 81 -4.60 11.63 30.02
C CYS K 81 -3.80 11.39 31.29
N ARG K 82 -2.67 10.69 31.17
CA ARG K 82 -1.81 10.35 32.29
C ARG K 82 -0.49 11.10 32.12
N VAL K 83 -0.13 11.90 33.12
CA VAL K 83 1.04 12.76 33.06
C VAL K 83 1.93 12.45 34.24
N ASN K 84 3.23 12.29 33.99
CA ASN K 84 4.22 12.21 35.05
C ASN K 84 5.29 13.26 34.82
N HIS K 85 5.80 13.80 35.93
CA HIS K 85 6.72 14.92 35.93
C HIS K 85 7.38 14.93 37.30
N VAL K 86 8.55 15.57 37.39
CA VAL K 86 9.29 15.54 38.66
C VAL K 86 8.46 16.14 39.79
N THR K 87 7.53 17.05 39.50
CA THR K 87 6.70 17.69 40.51
C THR K 87 5.55 16.80 41.00
N LEU K 88 5.36 15.64 40.38
CA LEU K 88 4.25 14.74 40.71
C LEU K 88 4.79 13.50 41.41
N SER K 89 4.25 13.18 42.59
CA SER K 89 4.71 12.01 43.33
C SER K 89 4.41 10.72 42.57
N GLN K 90 3.28 10.67 41.88
CA GLN K 90 2.89 9.57 41.03
C GLN K 90 2.20 10.17 39.81
N PRO K 91 2.03 9.38 38.75
CA PRO K 91 1.32 9.92 37.57
C PRO K 91 -0.04 10.47 37.94
N LYS K 92 -0.40 11.59 37.32
CA LYS K 92 -1.70 12.21 37.50
C LYS K 92 -2.56 11.82 36.31
N ILE K 93 -3.76 11.32 36.58
CA ILE K 93 -4.69 10.90 35.54
C ILE K 93 -5.86 11.88 35.57
N VAL K 94 -6.11 12.52 34.44
CA VAL K 94 -7.22 13.45 34.27
C VAL K 94 -8.20 12.81 33.30
N LYS K 95 -9.43 12.58 33.75
CA LYS K 95 -10.42 11.93 32.89
C LYS K 95 -11.07 12.93 31.94
N TRP K 96 -11.32 12.49 30.72
CA TRP K 96 -12.09 13.29 29.79
C TRP K 96 -13.54 13.39 30.27
N ASP K 97 -14.05 14.60 30.39
CA ASP K 97 -15.40 14.88 30.84
C ASP K 97 -16.08 15.67 29.72
N ARG K 98 -16.92 15.00 28.95
CA ARG K 98 -17.52 15.62 27.77
C ARG K 98 -18.70 16.52 28.09
N ASP K 99 -19.12 16.59 29.35
CA ASP K 99 -20.29 17.37 29.75
C ASP K 99 -19.92 18.70 30.38
N MET K 100 -18.70 19.15 30.23
CA MET K 100 -18.26 20.41 30.83
C MET K 100 -18.79 21.62 30.07
N ILE L 1 13.11 34.46 9.00
CA ILE L 1 14.35 33.71 9.08
C ILE L 1 15.10 34.01 10.38
N LEU L 2 15.99 33.09 10.73
CA LEU L 2 16.80 33.22 11.94
C LEU L 2 17.81 34.36 11.80
N ASN L 3 18.31 34.80 12.96
CA ASN L 3 19.47 35.68 12.98
C ASN L 3 20.71 34.87 12.62
N ALA L 4 21.67 35.52 11.94
CA ALA L 4 22.84 34.82 11.45
C ALA L 4 23.99 34.79 12.45
N MET L 5 23.96 35.65 13.47
CA MET L 5 25.02 35.73 14.46
C MET L 5 24.47 35.36 15.82
N ILE L 6 25.15 34.43 16.51
CA ILE L 6 24.72 33.96 17.82
C ILE L 6 25.93 33.89 18.74
N THR L 7 26.18 34.97 19.47
CA THR L 7 27.38 35.05 20.30
C THR L 7 27.19 34.30 21.61
N LYS L 8 28.24 33.58 22.02
CA LYS L 8 28.21 32.76 23.22
C LYS L 8 28.05 33.62 24.48
N ILE L 9 27.37 33.06 25.48
CA ILE L 9 27.22 33.78 26.75
C ILE L 9 28.52 33.71 27.54
#